data_2DAR
#
_entry.id   2DAR
#
loop_
_entity.id
_entity.type
_entity.pdbx_description
1 polymer 'PDZ and LIM domain protein 5'
2 non-polymer 'ZINC ION'
#
_entity_poly.entity_id   1
_entity_poly.type   'polypeptide(L)'
_entity_poly.pdbx_seq_one_letter_code
;GSSGSSGDQDTLVQRAEHIPAGKRTPMCAHCNQVIRGPFLVALGKSWHPEEFNCAHCKNTMAYIGFVEEKGALYCELCYE
KFFASGPSSG
;
_entity_poly.pdbx_strand_id   A
#
# COMPACT_ATOMS: atom_id res chain seq x y z
N GLY A 1 -17.86 4.15 -28.64
CA GLY A 1 -17.38 4.47 -27.31
C GLY A 1 -18.51 4.64 -26.31
N SER A 2 -18.16 5.09 -25.10
CA SER A 2 -19.15 5.29 -24.05
C SER A 2 -18.69 6.36 -23.07
N SER A 3 -19.61 6.81 -22.21
CA SER A 3 -19.29 7.83 -21.22
C SER A 3 -19.26 7.23 -19.82
N GLY A 4 -18.47 7.83 -18.94
CA GLY A 4 -18.36 7.35 -17.58
C GLY A 4 -18.28 8.48 -16.56
N SER A 5 -17.06 8.82 -16.17
CA SER A 5 -16.84 9.89 -15.21
C SER A 5 -17.81 9.76 -14.04
N SER A 6 -18.03 8.53 -13.57
CA SER A 6 -18.94 8.29 -12.46
C SER A 6 -18.45 7.12 -11.61
N GLY A 7 -18.64 7.24 -10.30
CA GLY A 7 -18.21 6.19 -9.39
C GLY A 7 -18.99 6.19 -8.08
N ASP A 8 -18.70 5.22 -7.23
CA ASP A 8 -19.38 5.11 -5.94
C ASP A 8 -18.45 5.47 -4.80
N GLN A 9 -19.01 5.60 -3.60
CA GLN A 9 -18.22 5.95 -2.42
C GLN A 9 -17.54 4.71 -1.84
N ASP A 10 -16.24 4.82 -1.60
CA ASP A 10 -15.47 3.71 -1.05
C ASP A 10 -14.50 4.21 0.02
N THR A 11 -13.87 3.27 0.73
CA THR A 11 -12.91 3.61 1.77
C THR A 11 -11.59 4.07 1.19
N LEU A 12 -10.89 4.93 1.93
CA LEU A 12 -9.61 5.45 1.48
C LEU A 12 -8.60 4.32 1.27
N VAL A 13 -8.64 3.33 2.17
CA VAL A 13 -7.74 2.19 2.08
C VAL A 13 -7.42 1.85 0.63
N GLN A 14 -6.20 2.15 0.20
CA GLN A 14 -5.77 1.88 -1.15
C GLN A 14 -5.00 0.56 -1.23
N ARG A 15 -4.65 0.16 -2.44
CA ARG A 15 -3.92 -1.09 -2.65
C ARG A 15 -2.77 -0.89 -3.64
N ALA A 16 -1.88 -1.86 -3.71
CA ALA A 16 -0.74 -1.80 -4.62
C ALA A 16 -0.87 -2.82 -5.74
N GLU A 17 -0.52 -2.41 -6.95
CA GLU A 17 -0.61 -3.28 -8.12
C GLU A 17 0.61 -4.21 -8.19
N HIS A 18 0.38 -5.49 -7.95
CA HIS A 18 1.45 -6.48 -8.00
C HIS A 18 1.97 -6.66 -9.41
N ILE A 19 3.19 -6.18 -9.66
CA ILE A 19 3.80 -6.29 -10.98
C ILE A 19 4.70 -7.52 -11.07
N PRO A 20 4.48 -8.34 -12.11
CA PRO A 20 5.27 -9.55 -12.34
C PRO A 20 6.71 -9.25 -12.75
N ALA A 21 7.56 -10.28 -12.72
CA ALA A 21 8.96 -10.11 -13.09
C ALA A 21 9.11 -9.94 -14.59
N GLY A 22 10.14 -9.19 -14.99
CA GLY A 22 10.37 -8.96 -16.40
C GLY A 22 9.59 -7.78 -16.95
N LYS A 23 8.32 -7.70 -16.56
CA LYS A 23 7.47 -6.60 -17.00
C LYS A 23 8.21 -5.27 -16.99
N ARG A 24 8.64 -4.86 -15.80
CA ARG A 24 9.36 -3.61 -15.64
C ARG A 24 10.36 -3.70 -14.49
N THR A 25 11.44 -2.93 -14.58
CA THR A 25 12.46 -2.92 -13.54
C THR A 25 12.73 -1.50 -13.05
N PRO A 26 11.72 -0.91 -12.37
CA PRO A 26 11.82 0.44 -11.83
C PRO A 26 12.79 0.53 -10.66
N MET A 27 12.86 1.71 -10.04
CA MET A 27 13.74 1.91 -8.90
C MET A 27 12.94 1.99 -7.59
N CYS A 28 13.25 1.10 -6.66
CA CYS A 28 12.56 1.07 -5.38
C CYS A 28 12.46 2.47 -4.78
N ALA A 29 11.68 2.60 -3.71
CA ALA A 29 11.51 3.88 -3.03
C ALA A 29 12.28 3.92 -1.72
N HIS A 30 12.26 2.81 -1.01
CA HIS A 30 12.96 2.71 0.28
C HIS A 30 14.47 2.55 0.07
N CYS A 31 14.85 1.41 -0.52
CA CYS A 31 16.25 1.12 -0.78
C CYS A 31 16.74 1.86 -2.02
N ASN A 32 15.81 2.15 -2.93
CA ASN A 32 16.13 2.85 -4.16
C ASN A 32 17.11 2.03 -5.01
N GLN A 33 16.76 0.77 -5.22
CA GLN A 33 17.60 -0.13 -6.02
C GLN A 33 16.80 -0.80 -7.12
N VAL A 34 17.40 -0.93 -8.29
CA VAL A 34 16.73 -1.56 -9.43
C VAL A 34 16.10 -2.89 -9.03
N ILE A 35 14.82 -3.06 -9.41
CA ILE A 35 14.10 -4.29 -9.09
C ILE A 35 14.11 -5.26 -10.27
N ARG A 36 14.62 -6.46 -10.04
CA ARG A 36 14.67 -7.47 -11.09
C ARG A 36 13.39 -8.29 -11.13
N GLY A 37 12.94 -8.73 -9.95
CA GLY A 37 11.73 -9.53 -9.87
C GLY A 37 10.48 -8.67 -9.79
N PRO A 38 9.40 -9.26 -9.27
CA PRO A 38 8.11 -8.55 -9.13
C PRO A 38 8.15 -7.47 -8.06
N PHE A 39 7.58 -6.31 -8.38
CA PHE A 39 7.56 -5.19 -7.44
C PHE A 39 6.14 -4.67 -7.24
N LEU A 40 5.97 -3.76 -6.29
CA LEU A 40 4.66 -3.19 -6.01
C LEU A 40 4.64 -1.69 -6.31
N VAL A 41 3.71 -1.28 -7.15
CA VAL A 41 3.58 0.13 -7.51
C VAL A 41 2.43 0.79 -6.78
N ALA A 42 2.75 1.75 -5.93
CA ALA A 42 1.75 2.47 -5.15
C ALA A 42 2.23 3.86 -4.76
N LEU A 43 1.29 4.75 -4.49
CA LEU A 43 1.63 6.12 -4.10
C LEU A 43 2.50 6.78 -5.16
N GLY A 44 2.36 6.35 -6.40
CA GLY A 44 3.13 6.91 -7.49
C GLY A 44 4.59 6.54 -7.41
N LYS A 45 4.87 5.33 -6.94
CA LYS A 45 6.25 4.85 -6.81
C LYS A 45 6.29 3.34 -6.66
N SER A 46 7.48 2.77 -6.77
CA SER A 46 7.65 1.32 -6.65
C SER A 46 8.30 0.96 -5.32
N TRP A 47 8.10 -0.28 -4.89
CA TRP A 47 8.67 -0.75 -3.64
C TRP A 47 8.92 -2.25 -3.68
N HIS A 48 9.73 -2.74 -2.74
CA HIS A 48 10.06 -4.16 -2.68
C HIS A 48 9.03 -4.92 -1.84
N PRO A 49 8.59 -6.08 -2.35
CA PRO A 49 7.61 -6.93 -1.66
C PRO A 49 8.19 -7.58 -0.41
N GLU A 50 9.45 -7.28 -0.12
CA GLU A 50 10.12 -7.85 1.06
C GLU A 50 10.28 -6.78 2.14
N GLU A 51 10.38 -5.53 1.73
CA GLU A 51 10.54 -4.42 2.67
C GLU A 51 9.20 -3.74 2.95
N PHE A 52 8.40 -3.58 1.90
CA PHE A 52 7.09 -2.94 2.03
C PHE A 52 6.36 -3.45 3.27
N ASN A 53 6.50 -2.70 4.37
CA ASN A 53 5.85 -3.07 5.63
C ASN A 53 5.21 -1.86 6.29
N CYS A 54 4.28 -2.12 7.20
CA CYS A 54 3.58 -1.04 7.90
C CYS A 54 4.56 -0.16 8.67
N ALA A 55 4.07 0.95 9.21
CA ALA A 55 4.91 1.86 9.97
C ALA A 55 4.78 1.61 11.46
N HIS A 56 3.67 1.00 11.87
CA HIS A 56 3.43 0.70 13.28
C HIS A 56 3.56 -0.79 13.54
N CYS A 57 2.74 -1.59 12.85
CA CYS A 57 2.76 -3.04 13.01
C CYS A 57 3.85 -3.66 12.14
N LYS A 58 4.55 -2.83 11.38
CA LYS A 58 5.63 -3.29 10.51
C LYS A 58 5.29 -4.66 9.94
N ASN A 59 4.11 -4.80 9.37
CA ASN A 59 3.68 -6.06 8.79
C ASN A 59 3.62 -5.97 7.27
N THR A 60 3.55 -7.14 6.61
CA THR A 60 3.50 -7.19 5.15
C THR A 60 2.25 -6.49 4.63
N MET A 61 2.45 -5.42 3.86
CA MET A 61 1.33 -4.67 3.31
C MET A 61 1.19 -4.95 1.81
N ALA A 62 1.40 -6.20 1.42
CA ALA A 62 1.29 -6.60 0.02
C ALA A 62 -0.15 -6.92 -0.34
N TYR A 63 -0.74 -7.85 0.38
CA TYR A 63 -2.13 -8.25 0.13
C TYR A 63 -3.11 -7.24 0.71
N ILE A 64 -3.01 -7.00 2.02
CA ILE A 64 -3.88 -6.05 2.69
C ILE A 64 -3.70 -4.64 2.13
N GLY A 65 -4.56 -3.73 2.57
CA GLY A 65 -4.48 -2.35 2.10
C GLY A 65 -3.61 -1.48 2.99
N PHE A 66 -3.67 -0.18 2.78
CA PHE A 66 -2.88 0.77 3.57
C PHE A 66 -3.35 2.19 3.34
N VAL A 67 -3.11 3.05 4.33
CA VAL A 67 -3.52 4.44 4.24
C VAL A 67 -2.35 5.38 4.55
N GLU A 68 -2.13 6.35 3.68
CA GLU A 68 -1.04 7.30 3.86
C GLU A 68 -1.48 8.46 4.75
N GLU A 69 -0.58 8.93 5.60
CA GLU A 69 -0.87 10.04 6.51
C GLU A 69 0.41 10.72 6.97
N LYS A 70 0.66 11.91 6.42
CA LYS A 70 1.86 12.67 6.77
C LYS A 70 3.12 11.83 6.59
N GLY A 71 3.17 11.08 5.49
CA GLY A 71 4.32 10.24 5.22
C GLY A 71 4.35 8.99 6.08
N ALA A 72 3.23 8.28 6.11
CA ALA A 72 3.13 7.05 6.90
C ALA A 72 2.02 6.16 6.38
N LEU A 73 2.37 4.92 6.06
CA LEU A 73 1.40 3.94 5.54
C LEU A 73 0.85 3.08 6.67
N TYR A 74 -0.47 3.11 6.84
CA TYR A 74 -1.11 2.31 7.88
C TYR A 74 -2.09 1.32 7.28
N CYS A 75 -1.89 0.04 7.56
CA CYS A 75 -2.75 -1.02 7.05
C CYS A 75 -4.19 -0.84 7.57
N GLU A 76 -5.15 -1.26 6.76
CA GLU A 76 -6.56 -1.16 7.13
C GLU A 76 -6.75 -1.44 8.62
N LEU A 77 -6.04 -2.46 9.11
CA LEU A 77 -6.14 -2.84 10.52
C LEU A 77 -5.80 -1.66 11.43
N CYS A 78 -4.58 -1.15 11.29
CA CYS A 78 -4.14 -0.02 12.10
C CYS A 78 -5.10 1.16 11.97
N TYR A 79 -5.44 1.51 10.74
CA TYR A 79 -6.35 2.62 10.48
C TYR A 79 -7.67 2.42 11.22
N GLU A 80 -8.40 1.37 10.84
CA GLU A 80 -9.69 1.08 11.47
C GLU A 80 -9.55 1.05 12.99
N LYS A 81 -8.33 0.80 13.47
CA LYS A 81 -8.07 0.74 14.90
C LYS A 81 -7.96 2.14 15.50
N PHE A 82 -7.18 2.99 14.85
CA PHE A 82 -6.99 4.37 15.30
C PHE A 82 -8.06 5.29 14.71
N PHE A 83 -8.14 5.32 13.39
CA PHE A 83 -9.13 6.15 12.70
C PHE A 83 -10.54 5.81 13.15
N ALA A 84 -10.99 4.62 12.80
CA ALA A 84 -12.34 4.17 13.17
C ALA A 84 -12.37 3.69 14.62
N SER A 85 -12.35 4.64 15.55
CA SER A 85 -12.37 4.31 16.97
C SER A 85 -13.78 3.88 17.40
N GLY A 86 -14.03 2.57 17.30
CA GLY A 86 -15.33 2.06 17.68
C GLY A 86 -15.51 1.98 19.19
N PRO A 87 -16.63 1.39 19.63
CA PRO A 87 -16.95 1.24 21.05
C PRO A 87 -16.03 0.25 21.75
N SER A 88 -15.55 0.63 22.93
CA SER A 88 -14.65 -0.22 23.71
C SER A 88 -15.37 -0.81 24.92
N SER A 89 -15.44 -2.13 24.98
CA SER A 89 -16.10 -2.82 26.08
C SER A 89 -15.58 -2.31 27.43
N GLY A 90 -14.26 -2.15 27.52
CA GLY A 90 -13.66 -1.68 28.74
C GLY A 90 -12.89 -0.38 28.55
N GLY A 1 -15.61 2.94 -25.29
CA GLY A 1 -14.32 3.60 -25.25
C GLY A 1 -13.47 3.14 -24.08
N SER A 2 -12.66 4.03 -23.56
CA SER A 2 -11.79 3.71 -22.43
C SER A 2 -12.35 4.28 -21.14
N SER A 3 -13.23 3.51 -20.49
CA SER A 3 -13.85 3.94 -19.24
C SER A 3 -13.64 2.89 -18.15
N GLY A 4 -13.43 3.36 -16.92
CA GLY A 4 -13.21 2.45 -15.80
C GLY A 4 -12.78 3.17 -14.55
N SER A 5 -13.76 3.58 -13.74
CA SER A 5 -13.47 4.29 -12.49
C SER A 5 -12.52 3.49 -11.63
N SER A 6 -11.88 4.17 -10.68
CA SER A 6 -10.91 3.53 -9.79
C SER A 6 -11.16 3.96 -8.33
N GLY A 7 -11.22 2.98 -7.44
CA GLY A 7 -11.45 3.28 -6.04
C GLY A 7 -12.83 3.86 -5.78
N ASP A 8 -13.86 3.14 -6.18
CA ASP A 8 -15.23 3.59 -5.99
C ASP A 8 -15.58 3.65 -4.51
N GLN A 9 -14.89 2.87 -3.71
CA GLN A 9 -15.13 2.84 -2.26
C GLN A 9 -14.98 4.23 -1.67
N ASP A 10 -15.30 4.35 -0.38
CA ASP A 10 -15.21 5.63 0.31
C ASP A 10 -14.14 5.58 1.39
N THR A 11 -13.20 4.65 1.25
CA THR A 11 -12.11 4.50 2.21
C THR A 11 -10.77 4.78 1.56
N LEU A 12 -9.83 5.32 2.34
CA LEU A 12 -8.50 5.62 1.84
C LEU A 12 -7.73 4.35 1.51
N VAL A 13 -7.93 3.32 2.31
CA VAL A 13 -7.27 2.04 2.11
C VAL A 13 -7.08 1.75 0.62
N GLN A 14 -5.82 1.73 0.18
CA GLN A 14 -5.51 1.47 -1.22
C GLN A 14 -4.89 0.08 -1.39
N ARG A 15 -4.55 -0.26 -2.63
CA ARG A 15 -3.95 -1.55 -2.92
C ARG A 15 -2.83 -1.41 -3.96
N ALA A 16 -1.62 -1.76 -3.55
CA ALA A 16 -0.46 -1.68 -4.44
C ALA A 16 -0.60 -2.65 -5.61
N GLU A 17 -0.54 -2.12 -6.83
CA GLU A 17 -0.66 -2.94 -8.03
C GLU A 17 0.47 -3.95 -8.10
N HIS A 18 0.14 -5.23 -7.88
CA HIS A 18 1.13 -6.29 -7.92
C HIS A 18 1.65 -6.50 -9.35
N ILE A 19 2.88 -6.05 -9.59
CA ILE A 19 3.50 -6.19 -10.90
C ILE A 19 4.40 -7.41 -10.96
N PRO A 20 4.15 -8.29 -11.94
CA PRO A 20 4.93 -9.52 -12.13
C PRO A 20 6.34 -9.23 -12.63
N ALA A 21 7.16 -10.27 -12.69
CA ALA A 21 8.54 -10.13 -13.15
C ALA A 21 8.61 -10.02 -14.67
N GLY A 22 9.78 -9.69 -15.19
CA GLY A 22 9.95 -9.55 -16.62
C GLY A 22 9.04 -8.50 -17.23
N LYS A 23 8.77 -7.45 -16.46
CA LYS A 23 7.90 -6.37 -16.92
C LYS A 23 8.59 -5.02 -16.80
N ARG A 24 8.85 -4.60 -15.57
CA ARG A 24 9.52 -3.32 -15.31
C ARG A 24 10.57 -3.46 -14.22
N THR A 25 11.69 -2.77 -14.39
CA THR A 25 12.78 -2.82 -13.43
C THR A 25 13.01 -1.46 -12.80
N PRO A 26 11.99 -0.94 -12.10
CA PRO A 26 12.07 0.36 -11.43
C PRO A 26 13.00 0.35 -10.23
N MET A 27 13.31 1.53 -9.72
CA MET A 27 14.20 1.66 -8.56
C MET A 27 13.40 1.80 -7.28
N CYS A 28 13.57 0.85 -6.36
CA CYS A 28 12.86 0.87 -5.09
C CYS A 28 12.88 2.26 -4.48
N ALA A 29 12.05 2.47 -3.47
CA ALA A 29 11.98 3.77 -2.79
C ALA A 29 12.70 3.72 -1.45
N HIS A 30 12.70 2.56 -0.81
CA HIS A 30 13.35 2.38 0.48
C HIS A 30 14.84 2.09 0.29
N CYS A 31 15.15 0.92 -0.23
CA CYS A 31 16.54 0.52 -0.46
C CYS A 31 17.11 1.21 -1.70
N ASN A 32 16.22 1.56 -2.63
CA ASN A 32 16.63 2.22 -3.85
C ASN A 32 17.54 1.31 -4.69
N GLN A 33 17.09 0.09 -4.90
CA GLN A 33 17.86 -0.89 -5.68
C GLN A 33 17.03 -1.44 -6.83
N VAL A 34 17.63 -1.52 -8.01
CA VAL A 34 16.94 -2.04 -9.20
C VAL A 34 16.18 -3.32 -8.87
N ILE A 35 14.92 -3.37 -9.29
CA ILE A 35 14.09 -4.54 -9.04
C ILE A 35 13.98 -5.40 -10.30
N ARG A 36 14.24 -6.70 -10.16
CA ARG A 36 14.16 -7.62 -11.27
C ARG A 36 12.85 -8.39 -11.25
N GLY A 37 12.56 -9.03 -10.12
CA GLY A 37 11.32 -9.79 -9.99
C GLY A 37 10.11 -8.91 -9.83
N PRO A 38 9.03 -9.46 -9.25
CA PRO A 38 7.78 -8.74 -9.04
C PRO A 38 7.92 -7.65 -7.99
N PHE A 39 7.30 -6.49 -8.24
CA PHE A 39 7.36 -5.37 -7.32
C PHE A 39 5.96 -4.80 -7.08
N LEU A 40 5.88 -3.83 -6.17
CA LEU A 40 4.61 -3.19 -5.86
C LEU A 40 4.66 -1.69 -6.12
N VAL A 41 3.76 -1.21 -6.98
CA VAL A 41 3.70 0.20 -7.31
C VAL A 41 2.59 0.90 -6.55
N ALA A 42 2.97 1.80 -5.64
CA ALA A 42 2.00 2.55 -4.85
C ALA A 42 2.53 3.94 -4.51
N LEU A 43 1.63 4.80 -4.03
CA LEU A 43 2.01 6.16 -3.66
C LEU A 43 2.87 6.80 -4.75
N GLY A 44 2.64 6.41 -6.00
CA GLY A 44 3.40 6.96 -7.10
C GLY A 44 4.86 6.56 -7.06
N LYS A 45 5.12 5.34 -6.60
CA LYS A 45 6.48 4.83 -6.51
C LYS A 45 6.49 3.30 -6.44
N SER A 46 7.69 2.73 -6.54
CA SER A 46 7.84 1.27 -6.49
C SER A 46 8.52 0.84 -5.19
N TRP A 47 8.12 -0.32 -4.69
CA TRP A 47 8.70 -0.85 -3.45
C TRP A 47 8.89 -2.35 -3.54
N HIS A 48 9.70 -2.90 -2.64
CA HIS A 48 9.98 -4.32 -2.62
C HIS A 48 8.91 -5.07 -1.82
N PRO A 49 8.49 -6.23 -2.33
CA PRO A 49 7.47 -7.05 -1.67
C PRO A 49 7.98 -7.71 -0.40
N GLU A 50 9.28 -7.55 -0.15
CA GLU A 50 9.90 -8.13 1.04
C GLU A 50 10.16 -7.05 2.09
N GLU A 51 10.37 -5.83 1.63
CA GLU A 51 10.63 -4.70 2.53
C GLU A 51 9.34 -3.98 2.90
N PHE A 52 8.47 -3.80 1.90
CA PHE A 52 7.21 -3.11 2.11
C PHE A 52 6.52 -3.62 3.38
N ASN A 53 6.52 -2.81 4.42
CA ASN A 53 5.90 -3.17 5.69
C ASN A 53 5.33 -1.95 6.40
N CYS A 54 4.27 -2.16 7.17
CA CYS A 54 3.62 -1.08 7.90
C CYS A 54 4.65 -0.27 8.69
N ALA A 55 4.19 0.81 9.31
CA ALA A 55 5.08 1.66 10.10
C ALA A 55 4.81 1.48 11.59
N HIS A 56 3.66 0.91 11.92
CA HIS A 56 3.29 0.68 13.32
C HIS A 56 3.44 -0.79 13.69
N CYS A 57 2.64 -1.64 13.04
CA CYS A 57 2.68 -3.07 13.30
C CYS A 57 3.86 -3.72 12.58
N LYS A 58 4.43 -3.00 11.61
CA LYS A 58 5.56 -3.50 10.84
C LYS A 58 5.25 -4.88 10.25
N ASN A 59 4.07 -5.01 9.64
CA ASN A 59 3.67 -6.26 9.04
C ASN A 59 3.61 -6.14 7.52
N THR A 60 3.61 -7.28 6.84
CA THR A 60 3.55 -7.30 5.38
C THR A 60 2.36 -6.51 4.86
N MET A 61 2.62 -5.49 4.07
CA MET A 61 1.57 -4.66 3.50
C MET A 61 1.40 -4.93 2.00
N ALA A 62 1.47 -6.19 1.62
CA ALA A 62 1.33 -6.58 0.22
C ALA A 62 -0.09 -7.05 -0.08
N TYR A 63 -0.48 -8.16 0.55
CA TYR A 63 -1.82 -8.72 0.35
C TYR A 63 -2.84 -8.02 1.25
N ILE A 64 -2.66 -6.73 1.44
CA ILE A 64 -3.57 -5.95 2.26
C ILE A 64 -3.64 -4.50 1.79
N GLY A 65 -4.49 -3.70 2.46
CA GLY A 65 -4.63 -2.31 2.09
C GLY A 65 -3.99 -1.37 3.10
N PHE A 66 -3.43 -0.27 2.62
CA PHE A 66 -2.79 0.71 3.49
C PHE A 66 -3.33 2.11 3.23
N VAL A 67 -3.05 3.03 4.15
CA VAL A 67 -3.51 4.41 4.01
C VAL A 67 -2.37 5.39 4.26
N GLU A 68 -2.28 6.41 3.41
CA GLU A 68 -1.23 7.42 3.54
C GLU A 68 -1.69 8.56 4.45
N GLU A 69 -0.89 8.83 5.49
CA GLU A 69 -1.21 9.89 6.43
C GLU A 69 0.06 10.41 7.10
N LYS A 70 0.33 11.70 6.91
CA LYS A 70 1.51 12.34 7.50
C LYS A 70 2.78 11.58 7.11
N GLY A 71 2.92 11.31 5.81
CA GLY A 71 4.09 10.60 5.32
C GLY A 71 4.27 9.26 6.00
N ALA A 72 3.16 8.57 6.25
CA ALA A 72 3.21 7.26 6.90
C ALA A 72 2.09 6.36 6.38
N LEU A 73 2.45 5.12 6.02
CA LEU A 73 1.47 4.17 5.51
C LEU A 73 0.99 3.25 6.62
N TYR A 74 -0.32 3.20 6.80
CA TYR A 74 -0.93 2.36 7.83
C TYR A 74 -1.89 1.35 7.22
N CYS A 75 -1.74 0.08 7.59
CA CYS A 75 -2.60 -0.98 7.09
C CYS A 75 -4.03 -0.81 7.59
N GLU A 76 -4.99 -1.31 6.82
CA GLU A 76 -6.39 -1.22 7.18
C GLU A 76 -6.59 -1.56 8.66
N LEU A 77 -5.84 -2.55 9.14
CA LEU A 77 -5.94 -2.98 10.53
C LEU A 77 -5.64 -1.81 11.47
N CYS A 78 -4.49 -1.18 11.28
CA CYS A 78 -4.09 -0.06 12.12
C CYS A 78 -5.09 1.10 11.99
N TYR A 79 -5.28 1.57 10.76
CA TYR A 79 -6.20 2.66 10.50
C TYR A 79 -7.58 2.38 11.11
N GLU A 80 -8.17 1.27 10.71
CA GLU A 80 -9.48 0.88 11.21
C GLU A 80 -9.49 0.84 12.73
N LYS A 81 -8.31 0.73 13.32
CA LYS A 81 -8.18 0.68 14.78
C LYS A 81 -8.07 2.09 15.35
N PHE A 82 -7.23 2.91 14.75
CA PHE A 82 -7.04 4.28 15.21
C PHE A 82 -8.11 5.21 14.63
N PHE A 83 -8.13 5.31 13.30
CA PHE A 83 -9.10 6.16 12.62
C PHE A 83 -10.52 5.80 13.02
N ALA A 84 -10.98 4.63 12.60
CA ALA A 84 -12.32 4.17 12.92
C ALA A 84 -12.46 3.86 14.41
N SER A 85 -12.69 4.90 15.19
CA SER A 85 -12.84 4.74 16.65
C SER A 85 -14.19 4.10 16.99
N GLY A 86 -14.21 2.78 17.04
CA GLY A 86 -15.43 2.06 17.35
C GLY A 86 -15.41 0.63 16.87
N PRO A 87 -14.57 -0.21 17.50
CA PRO A 87 -14.45 -1.62 17.14
C PRO A 87 -15.68 -2.42 17.51
N SER A 88 -16.69 -1.75 18.05
CA SER A 88 -17.94 -2.40 18.44
C SER A 88 -17.71 -3.32 19.63
N SER A 89 -17.08 -2.79 20.68
CA SER A 89 -16.80 -3.57 21.88
C SER A 89 -17.92 -3.42 22.90
N GLY A 90 -18.40 -2.19 23.06
CA GLY A 90 -19.47 -1.93 24.02
C GLY A 90 -20.84 -2.03 23.38
N GLY A 1 -7.29 2.51 -25.23
CA GLY A 1 -8.22 2.61 -24.13
C GLY A 1 -9.09 3.84 -24.20
N SER A 2 -10.29 3.69 -24.76
CA SER A 2 -11.22 4.80 -24.90
C SER A 2 -11.53 5.42 -23.54
N SER A 3 -11.88 4.57 -22.58
CA SER A 3 -12.21 5.04 -21.23
C SER A 3 -11.89 3.96 -20.20
N GLY A 4 -11.63 4.40 -18.97
CA GLY A 4 -11.32 3.47 -17.90
C GLY A 4 -12.32 3.53 -16.76
N SER A 5 -12.05 2.78 -15.69
CA SER A 5 -12.94 2.75 -14.54
C SER A 5 -12.35 3.57 -13.39
N SER A 6 -13.16 3.76 -12.33
CA SER A 6 -12.73 4.52 -11.17
C SER A 6 -13.36 3.97 -9.89
N GLY A 7 -12.72 4.24 -8.76
CA GLY A 7 -13.24 3.76 -7.49
C GLY A 7 -14.55 4.41 -7.13
N ASP A 8 -15.50 3.60 -6.67
CA ASP A 8 -16.82 4.10 -6.27
C ASP A 8 -17.18 3.65 -4.87
N GLN A 9 -17.39 4.60 -3.97
CA GLN A 9 -17.74 4.30 -2.58
C GLN A 9 -16.77 3.29 -1.99
N ASP A 10 -15.47 3.57 -2.12
CA ASP A 10 -14.44 2.69 -1.59
C ASP A 10 -13.60 3.40 -0.54
N THR A 11 -13.36 2.71 0.58
CA THR A 11 -12.58 3.28 1.67
C THR A 11 -11.25 3.82 1.17
N LEU A 12 -10.87 5.00 1.64
CA LEU A 12 -9.61 5.63 1.25
C LEU A 12 -8.52 4.58 1.07
N VAL A 13 -8.60 3.50 1.85
CA VAL A 13 -7.62 2.42 1.77
C VAL A 13 -7.15 2.21 0.34
N GLN A 14 -5.84 2.36 0.12
CA GLN A 14 -5.26 2.18 -1.19
C GLN A 14 -4.77 0.75 -1.39
N ARG A 15 -4.28 0.45 -2.59
CA ARG A 15 -3.78 -0.88 -2.90
C ARG A 15 -2.65 -0.80 -3.93
N ALA A 16 -1.61 -1.60 -3.73
CA ALA A 16 -0.47 -1.63 -4.64
C ALA A 16 -0.66 -2.68 -5.73
N GLU A 17 -0.43 -2.28 -6.98
CA GLU A 17 -0.58 -3.19 -8.11
C GLU A 17 0.59 -4.16 -8.19
N HIS A 18 0.29 -5.45 -8.08
CA HIS A 18 1.33 -6.48 -8.15
C HIS A 18 1.89 -6.60 -9.56
N ILE A 19 3.10 -6.09 -9.75
CA ILE A 19 3.76 -6.14 -11.04
C ILE A 19 4.63 -7.38 -11.17
N PRO A 20 4.40 -8.16 -12.24
CA PRO A 20 5.16 -9.39 -12.50
C PRO A 20 6.61 -9.10 -12.90
N ALA A 21 7.45 -10.13 -12.84
CA ALA A 21 8.85 -9.98 -13.20
C ALA A 21 9.01 -9.71 -14.70
N GLY A 22 10.12 -9.06 -15.06
CA GLY A 22 10.37 -8.75 -16.46
C GLY A 22 9.63 -7.52 -16.92
N LYS A 23 8.35 -7.44 -16.60
CA LYS A 23 7.52 -6.30 -16.98
C LYS A 23 8.32 -5.00 -16.90
N ARG A 24 8.88 -4.72 -15.73
CA ARG A 24 9.68 -3.52 -15.51
C ARG A 24 10.71 -3.74 -14.42
N THR A 25 11.82 -2.99 -14.51
CA THR A 25 12.89 -3.11 -13.53
C THR A 25 13.23 -1.75 -12.93
N PRO A 26 12.27 -1.18 -12.19
CA PRO A 26 12.43 0.11 -11.53
C PRO A 26 13.44 0.06 -10.37
N MET A 27 13.54 1.17 -9.64
CA MET A 27 14.47 1.24 -8.51
C MET A 27 13.69 1.34 -7.19
N CYS A 28 13.98 0.40 -6.28
CA CYS A 28 13.31 0.38 -4.99
C CYS A 28 13.37 1.76 -4.32
N ALA A 29 12.23 2.22 -3.82
CA ALA A 29 12.15 3.52 -3.18
C ALA A 29 12.54 3.41 -1.70
N HIS A 30 13.25 2.35 -1.36
CA HIS A 30 13.70 2.12 0.02
C HIS A 30 15.19 1.82 0.06
N CYS A 31 15.64 0.95 -0.83
CA CYS A 31 17.05 0.57 -0.89
C CYS A 31 17.70 1.09 -2.16
N ASN A 32 16.89 1.67 -3.05
CA ASN A 32 17.38 2.22 -4.30
C ASN A 32 18.12 1.15 -5.11
N GLN A 33 17.66 -0.09 -4.99
CA GLN A 33 18.27 -1.20 -5.71
C GLN A 33 17.41 -1.63 -6.89
N VAL A 34 18.04 -1.89 -8.03
CA VAL A 34 17.34 -2.31 -9.23
C VAL A 34 16.49 -3.55 -8.96
N ILE A 35 15.18 -3.42 -9.16
CA ILE A 35 14.27 -4.54 -8.94
C ILE A 35 14.13 -5.39 -10.20
N ARG A 36 14.44 -6.67 -10.09
CA ARG A 36 14.35 -7.59 -11.22
C ARG A 36 13.04 -8.37 -11.17
N GLY A 37 12.80 -9.04 -10.04
CA GLY A 37 11.58 -9.82 -9.90
C GLY A 37 10.34 -8.95 -9.79
N PRO A 38 9.26 -9.53 -9.27
CA PRO A 38 7.98 -8.82 -9.11
C PRO A 38 8.06 -7.75 -8.02
N PHE A 39 7.55 -6.56 -8.33
CA PHE A 39 7.56 -5.45 -7.38
C PHE A 39 6.16 -4.88 -7.20
N LEU A 40 6.01 -3.97 -6.25
CA LEU A 40 4.73 -3.35 -5.98
C LEU A 40 4.78 -1.84 -6.27
N VAL A 41 3.76 -1.35 -6.98
CA VAL A 41 3.69 0.06 -7.33
C VAL A 41 2.59 0.77 -6.54
N ALA A 42 3.00 1.71 -5.69
CA ALA A 42 2.05 2.45 -4.87
C ALA A 42 2.52 3.88 -4.66
N LEU A 43 1.62 4.74 -4.20
CA LEU A 43 1.94 6.14 -3.95
C LEU A 43 2.79 6.70 -5.08
N GLY A 44 2.50 6.28 -6.30
CA GLY A 44 3.25 6.76 -7.45
C GLY A 44 4.72 6.40 -7.38
N LYS A 45 5.01 5.17 -6.93
CA LYS A 45 6.38 4.70 -6.83
C LYS A 45 6.43 3.18 -6.71
N SER A 46 7.63 2.63 -6.70
CA SER A 46 7.82 1.19 -6.60
C SER A 46 8.41 0.81 -5.25
N TRP A 47 8.26 -0.46 -4.88
CA TRP A 47 8.78 -0.95 -3.61
C TRP A 47 8.96 -2.46 -3.64
N HIS A 48 9.83 -2.98 -2.78
CA HIS A 48 10.08 -4.41 -2.71
C HIS A 48 8.97 -5.12 -1.94
N PRO A 49 8.51 -6.26 -2.48
CA PRO A 49 7.45 -7.06 -1.87
C PRO A 49 7.91 -7.73 -0.58
N GLU A 50 9.19 -7.65 -0.29
CA GLU A 50 9.76 -8.25 0.91
C GLU A 50 10.05 -7.19 1.96
N GLU A 51 10.12 -5.93 1.53
CA GLU A 51 10.40 -4.83 2.44
C GLU A 51 9.13 -4.05 2.76
N PHE A 52 8.31 -3.82 1.74
CA PHE A 52 7.06 -3.08 1.91
C PHE A 52 6.30 -3.58 3.14
N ASN A 53 6.37 -2.80 4.21
CA ASN A 53 5.68 -3.16 5.45
C ASN A 53 5.08 -1.93 6.12
N CYS A 54 4.16 -2.15 7.04
CA CYS A 54 3.50 -1.06 7.75
C CYS A 54 4.53 -0.19 8.47
N ALA A 55 4.07 0.93 9.02
CA ALA A 55 4.94 1.85 9.74
C ALA A 55 4.86 1.62 11.24
N HIS A 56 3.73 1.08 11.69
CA HIS A 56 3.54 0.81 13.11
C HIS A 56 3.70 -0.67 13.41
N CYS A 57 2.83 -1.49 12.83
CA CYS A 57 2.88 -2.94 13.04
C CYS A 57 3.96 -3.57 12.17
N LYS A 58 4.56 -2.77 11.29
CA LYS A 58 5.61 -3.25 10.41
C LYS A 58 5.22 -4.58 9.78
N ASN A 59 3.98 -4.68 9.32
CA ASN A 59 3.48 -5.90 8.69
C ASN A 59 3.50 -5.78 7.17
N THR A 60 3.67 -6.91 6.50
CA THR A 60 3.71 -6.93 5.03
C THR A 60 2.47 -6.27 4.44
N MET A 61 2.68 -5.18 3.71
CA MET A 61 1.59 -4.46 3.08
C MET A 61 1.51 -4.77 1.59
N ALA A 62 1.61 -6.05 1.24
CA ALA A 62 1.56 -6.47 -0.15
C ALA A 62 0.14 -6.85 -0.55
N TYR A 63 -0.47 -7.74 0.22
CA TYR A 63 -1.82 -8.19 -0.05
C TYR A 63 -2.86 -7.27 0.60
N ILE A 64 -2.58 -6.86 1.84
CA ILE A 64 -3.47 -5.97 2.56
C ILE A 64 -3.42 -4.56 2.00
N GLY A 65 -4.30 -3.69 2.50
CA GLY A 65 -4.34 -2.32 2.04
C GLY A 65 -3.45 -1.40 2.85
N PHE A 66 -3.59 -0.10 2.65
CA PHE A 66 -2.79 0.88 3.37
C PHE A 66 -3.34 2.29 3.17
N VAL A 67 -3.06 3.17 4.12
CA VAL A 67 -3.53 4.55 4.05
C VAL A 67 -2.38 5.53 4.30
N GLU A 68 -2.25 6.51 3.41
CA GLU A 68 -1.20 7.51 3.54
C GLU A 68 -1.65 8.66 4.42
N GLU A 69 -0.91 8.88 5.52
CA GLU A 69 -1.23 9.95 6.45
C GLU A 69 0.03 10.50 7.10
N LYS A 70 0.11 11.83 7.20
CA LYS A 70 1.26 12.49 7.79
C LYS A 70 2.56 11.78 7.40
N GLY A 71 2.68 11.47 6.11
CA GLY A 71 3.88 10.79 5.63
C GLY A 71 4.07 9.43 6.26
N ALA A 72 2.99 8.68 6.39
CA ALA A 72 3.04 7.34 6.98
C ALA A 72 1.96 6.45 6.39
N LEU A 73 2.32 5.21 6.10
CA LEU A 73 1.37 4.24 5.54
C LEU A 73 0.87 3.29 6.60
N TYR A 74 -0.44 3.34 6.88
CA TYR A 74 -1.04 2.49 7.89
C TYR A 74 -2.02 1.50 7.25
N CYS A 75 -1.87 0.23 7.58
CA CYS A 75 -2.73 -0.81 7.04
C CYS A 75 -4.17 -0.64 7.52
N GLU A 76 -5.12 -1.08 6.70
CA GLU A 76 -6.53 -0.97 7.05
C GLU A 76 -6.78 -1.46 8.49
N LEU A 77 -5.96 -2.41 8.92
CA LEU A 77 -6.10 -2.97 10.26
C LEU A 77 -5.75 -1.92 11.32
N CYS A 78 -4.68 -1.19 11.09
CA CYS A 78 -4.25 -0.14 12.02
C CYS A 78 -5.20 1.04 11.99
N TYR A 79 -5.44 1.57 10.80
CA TYR A 79 -6.34 2.72 10.64
C TYR A 79 -7.67 2.47 11.35
N GLU A 80 -8.34 1.40 10.96
CA GLU A 80 -9.63 1.04 11.56
C GLU A 80 -9.52 0.97 13.08
N LYS A 81 -8.33 0.67 13.57
CA LYS A 81 -8.09 0.56 15.00
C LYS A 81 -7.94 1.95 15.63
N PHE A 82 -7.11 2.79 15.01
CA PHE A 82 -6.89 4.14 15.51
C PHE A 82 -7.96 5.09 14.99
N PHE A 83 -8.04 5.24 13.67
CA PHE A 83 -9.02 6.12 13.06
C PHE A 83 -10.44 5.70 13.44
N ALA A 84 -10.84 4.52 13.00
CA ALA A 84 -12.17 3.99 13.29
C ALA A 84 -12.20 3.29 14.64
N SER A 85 -11.77 3.99 15.68
CA SER A 85 -11.74 3.42 17.03
C SER A 85 -13.11 3.57 17.69
N GLY A 86 -14.16 3.25 16.95
CA GLY A 86 -15.50 3.34 17.50
C GLY A 86 -16.46 4.05 16.56
N PRO A 87 -17.54 4.62 17.12
CA PRO A 87 -18.55 5.34 16.34
C PRO A 87 -18.03 6.66 15.80
N SER A 88 -18.55 7.07 14.64
CA SER A 88 -18.13 8.32 14.01
C SER A 88 -18.78 9.52 14.69
N SER A 89 -18.05 10.16 15.59
CA SER A 89 -18.56 11.32 16.32
C SER A 89 -19.85 10.98 17.04
N GLY A 90 -19.89 9.79 17.65
CA GLY A 90 -21.08 9.37 18.37
C GLY A 90 -20.87 9.35 19.87
N GLY A 1 -4.35 -2.32 -25.06
CA GLY A 1 -5.59 -2.87 -24.55
C GLY A 1 -5.70 -2.75 -23.03
N SER A 2 -6.88 -2.37 -22.56
CA SER A 2 -7.11 -2.22 -21.12
C SER A 2 -8.22 -3.14 -20.64
N SER A 3 -8.13 -3.55 -19.38
CA SER A 3 -9.13 -4.45 -18.80
C SER A 3 -9.79 -3.80 -17.58
N GLY A 4 -10.94 -4.33 -17.20
CA GLY A 4 -11.65 -3.81 -16.04
C GLY A 4 -11.17 -4.41 -14.73
N SER A 5 -12.10 -4.98 -13.97
CA SER A 5 -11.77 -5.59 -12.69
C SER A 5 -10.91 -4.67 -11.85
N SER A 6 -11.26 -3.39 -11.84
CA SER A 6 -10.51 -2.39 -11.08
C SER A 6 -10.93 -2.40 -9.62
N GLY A 7 -12.22 -2.18 -9.38
CA GLY A 7 -12.74 -2.16 -8.02
C GLY A 7 -13.07 -0.76 -7.54
N ASP A 8 -14.31 -0.58 -7.09
CA ASP A 8 -14.75 0.72 -6.59
C ASP A 8 -14.95 0.69 -5.08
N GLN A 9 -13.87 0.99 -4.35
CA GLN A 9 -13.92 1.00 -2.89
C GLN A 9 -14.39 2.36 -2.38
N ASP A 10 -15.23 2.33 -1.35
CA ASP A 10 -15.76 3.55 -0.76
C ASP A 10 -14.94 3.95 0.47
N THR A 11 -13.71 3.47 0.54
CA THR A 11 -12.84 3.78 1.66
C THR A 11 -11.47 4.29 1.18
N LEU A 12 -10.93 5.26 1.90
CA LEU A 12 -9.64 5.84 1.55
C LEU A 12 -8.59 4.74 1.35
N VAL A 13 -8.68 3.69 2.16
CA VAL A 13 -7.75 2.57 2.06
C VAL A 13 -7.39 2.27 0.62
N GLN A 14 -6.10 2.24 0.32
CA GLN A 14 -5.62 1.97 -1.03
C GLN A 14 -5.08 0.55 -1.14
N ARG A 15 -4.55 0.21 -2.30
CA ARG A 15 -4.00 -1.11 -2.54
C ARG A 15 -2.91 -1.07 -3.62
N ALA A 16 -1.75 -1.64 -3.32
CA ALA A 16 -0.64 -1.67 -4.25
C ALA A 16 -0.88 -2.71 -5.34
N GLU A 17 -0.59 -2.34 -6.58
CA GLU A 17 -0.77 -3.23 -7.72
C GLU A 17 0.41 -4.19 -7.85
N HIS A 18 0.12 -5.48 -7.71
CA HIS A 18 1.15 -6.51 -7.81
C HIS A 18 1.71 -6.59 -9.23
N ILE A 19 3.03 -6.54 -9.35
CA ILE A 19 3.68 -6.61 -10.64
C ILE A 19 4.62 -7.82 -10.73
N PRO A 20 4.39 -8.66 -11.74
CA PRO A 20 5.20 -9.87 -11.96
C PRO A 20 6.61 -9.54 -12.43
N ALA A 21 7.50 -10.53 -12.35
CA ALA A 21 8.88 -10.34 -12.77
C ALA A 21 8.98 -10.17 -14.29
N GLY A 22 9.97 -9.40 -14.73
CA GLY A 22 10.15 -9.16 -16.15
C GLY A 22 9.29 -8.02 -16.66
N LYS A 23 8.05 -7.97 -16.21
CA LYS A 23 7.13 -6.92 -16.63
C LYS A 23 7.83 -5.55 -16.66
N ARG A 24 8.64 -5.29 -15.63
CA ARG A 24 9.36 -4.03 -15.54
C ARG A 24 10.34 -4.05 -14.37
N THR A 25 11.37 -3.22 -14.46
CA THR A 25 12.39 -3.14 -13.42
C THR A 25 12.59 -1.70 -12.95
N PRO A 26 11.59 -1.17 -12.24
CA PRO A 26 11.64 0.20 -11.72
C PRO A 26 12.66 0.36 -10.60
N MET A 27 12.77 1.58 -10.08
CA MET A 27 13.71 1.86 -8.99
C MET A 27 12.98 1.99 -7.66
N CYS A 28 13.36 1.16 -6.70
CA CYS A 28 12.74 1.18 -5.38
C CYS A 28 12.74 2.58 -4.79
N ALA A 29 11.97 2.78 -3.73
CA ALA A 29 11.88 4.08 -3.07
C ALA A 29 12.69 4.11 -1.79
N HIS A 30 12.80 2.95 -1.14
CA HIS A 30 13.55 2.84 0.11
C HIS A 30 15.03 2.56 -0.17
N CYS A 31 15.31 1.38 -0.71
CA CYS A 31 16.68 0.98 -1.02
C CYS A 31 17.18 1.70 -2.27
N ASN A 32 16.24 2.23 -3.06
CA ASN A 32 16.59 2.94 -4.28
C ASN A 32 17.50 2.10 -5.16
N GLN A 33 17.10 0.85 -5.40
CA GLN A 33 17.89 -0.06 -6.22
C GLN A 33 17.02 -0.73 -7.28
N VAL A 34 17.59 -0.92 -8.47
CA VAL A 34 16.86 -1.55 -9.57
C VAL A 34 16.23 -2.86 -9.13
N ILE A 35 14.97 -3.06 -9.48
CA ILE A 35 14.24 -4.28 -9.13
C ILE A 35 14.22 -5.26 -10.29
N ARG A 36 14.76 -6.45 -10.06
CA ARG A 36 14.79 -7.49 -11.09
C ARG A 36 13.54 -8.35 -11.03
N GLY A 37 13.14 -8.73 -9.82
CA GLY A 37 11.96 -9.56 -9.66
C GLY A 37 10.68 -8.74 -9.60
N PRO A 38 9.61 -9.33 -9.04
CA PRO A 38 8.32 -8.68 -8.91
C PRO A 38 8.34 -7.55 -7.90
N PHE A 39 7.78 -6.40 -8.29
CA PHE A 39 7.73 -5.23 -7.40
C PHE A 39 6.30 -4.76 -7.20
N LEU A 40 6.13 -3.73 -6.38
CA LEU A 40 4.80 -3.19 -6.09
C LEU A 40 4.74 -1.71 -6.46
N VAL A 41 3.56 -1.26 -6.87
CA VAL A 41 3.35 0.13 -7.25
C VAL A 41 2.07 0.69 -6.64
N ALA A 42 2.22 1.65 -5.74
CA ALA A 42 1.07 2.27 -5.08
C ALA A 42 1.15 3.79 -5.17
N LEU A 43 2.02 4.38 -4.37
CA LEU A 43 2.20 5.83 -4.36
C LEU A 43 3.10 6.29 -5.49
N GLY A 44 2.57 6.27 -6.71
CA GLY A 44 3.35 6.67 -7.86
C GLY A 44 4.81 6.33 -7.74
N LYS A 45 5.10 5.16 -7.16
CA LYS A 45 6.46 4.72 -6.97
C LYS A 45 6.53 3.19 -6.89
N SER A 46 7.75 2.65 -6.92
CA SER A 46 7.95 1.21 -6.84
C SER A 46 8.59 0.81 -5.52
N TRP A 47 8.02 -0.21 -4.88
CA TRP A 47 8.54 -0.69 -3.60
C TRP A 47 8.73 -2.20 -3.63
N HIS A 48 9.75 -2.68 -2.93
CA HIS A 48 10.03 -4.12 -2.87
C HIS A 48 8.97 -4.84 -2.06
N PRO A 49 8.57 -6.03 -2.54
CA PRO A 49 7.55 -6.85 -1.88
C PRO A 49 8.04 -7.43 -0.56
N GLU A 50 9.31 -7.21 -0.26
CA GLU A 50 9.91 -7.71 0.98
C GLU A 50 10.16 -6.57 1.97
N GLU A 51 10.42 -5.38 1.43
CA GLU A 51 10.67 -4.22 2.27
C GLU A 51 9.38 -3.48 2.59
N PHE A 52 8.54 -3.30 1.58
CA PHE A 52 7.26 -2.61 1.75
C PHE A 52 6.50 -3.17 2.96
N ASN A 53 6.59 -2.48 4.09
CA ASN A 53 5.91 -2.90 5.31
C ASN A 53 5.29 -1.72 6.02
N CYS A 54 4.36 -2.00 6.93
CA CYS A 54 3.68 -0.95 7.70
C CYS A 54 4.69 -0.13 8.49
N ALA A 55 4.21 0.97 9.08
CA ALA A 55 5.07 1.84 9.87
C ALA A 55 4.95 1.53 11.36
N HIS A 56 3.95 0.72 11.71
CA HIS A 56 3.73 0.34 13.10
C HIS A 56 3.82 -1.17 13.28
N CYS A 57 2.94 -1.89 12.59
CA CYS A 57 2.92 -3.35 12.67
C CYS A 57 4.02 -3.96 11.80
N LYS A 58 4.67 -3.12 11.01
CA LYS A 58 5.75 -3.57 10.14
C LYS A 58 5.41 -4.92 9.52
N ASN A 59 4.24 -5.01 8.91
CA ASN A 59 3.79 -6.25 8.27
C ASN A 59 3.73 -6.10 6.75
N THR A 60 3.53 -7.21 6.06
CA THR A 60 3.44 -7.21 4.60
C THR A 60 2.17 -6.52 4.13
N MET A 61 2.32 -5.39 3.45
CA MET A 61 1.18 -4.63 2.94
C MET A 61 1.07 -4.78 1.43
N ALA A 62 1.40 -5.96 0.92
CA ALA A 62 1.34 -6.22 -0.52
C ALA A 62 -0.09 -6.54 -0.95
N TYR A 63 -0.79 -7.32 -0.13
CA TYR A 63 -2.17 -7.70 -0.43
C TYR A 63 -3.16 -6.73 0.22
N ILE A 64 -3.15 -6.69 1.55
CA ILE A 64 -4.04 -5.81 2.29
C ILE A 64 -3.94 -4.38 1.80
N GLY A 65 -4.75 -3.50 2.39
CA GLY A 65 -4.72 -2.10 1.99
C GLY A 65 -3.84 -1.26 2.90
N PHE A 66 -3.90 0.05 2.72
CA PHE A 66 -3.09 0.97 3.52
C PHE A 66 -3.54 2.42 3.31
N VAL A 67 -3.14 3.29 4.23
CA VAL A 67 -3.50 4.70 4.14
C VAL A 67 -2.29 5.60 4.39
N GLU A 68 -2.14 6.63 3.58
CA GLU A 68 -1.02 7.55 3.72
C GLU A 68 -1.38 8.71 4.65
N GLU A 69 -0.61 8.87 5.73
CA GLU A 69 -0.86 9.92 6.70
C GLU A 69 0.45 10.43 7.29
N LYS A 70 0.69 11.73 7.16
CA LYS A 70 1.90 12.35 7.69
C LYS A 70 3.14 11.55 7.27
N GLY A 71 3.23 11.24 5.99
CA GLY A 71 4.37 10.48 5.49
C GLY A 71 4.48 9.12 6.14
N ALA A 72 3.35 8.45 6.32
CA ALA A 72 3.33 7.12 6.94
C ALA A 72 2.20 6.27 6.38
N LEU A 73 2.52 5.02 6.04
CA LEU A 73 1.52 4.11 5.49
C LEU A 73 1.01 3.16 6.57
N TYR A 74 -0.30 3.21 6.82
CA TYR A 74 -0.91 2.35 7.83
C TYR A 74 -1.94 1.41 7.19
N CYS A 75 -1.76 0.11 7.42
CA CYS A 75 -2.67 -0.89 6.87
C CYS A 75 -4.09 -0.67 7.37
N GLU A 76 -5.07 -1.15 6.61
CA GLU A 76 -6.48 -1.00 6.98
C GLU A 76 -6.69 -1.37 8.44
N LEU A 77 -5.95 -2.37 8.92
CA LEU A 77 -6.06 -2.82 10.30
C LEU A 77 -5.70 -1.70 11.27
N CYS A 78 -4.50 -1.16 11.12
CA CYS A 78 -4.03 -0.08 11.98
C CYS A 78 -4.98 1.12 11.91
N TYR A 79 -5.32 1.52 10.69
CA TYR A 79 -6.23 2.65 10.49
C TYR A 79 -7.55 2.44 11.22
N GLU A 80 -8.30 1.44 10.77
CA GLU A 80 -9.59 1.11 11.37
C GLU A 80 -9.48 1.02 12.88
N LYS A 81 -8.32 0.56 13.36
CA LYS A 81 -8.07 0.42 14.79
C LYS A 81 -8.10 1.78 15.47
N PHE A 82 -7.39 2.75 14.89
CA PHE A 82 -7.34 4.10 15.45
C PHE A 82 -8.42 4.98 14.84
N PHE A 83 -8.36 5.15 13.52
CA PHE A 83 -9.33 5.98 12.82
C PHE A 83 -10.77 5.53 13.13
N ALA A 84 -11.08 4.31 12.72
CA ALA A 84 -12.41 3.75 12.96
C ALA A 84 -12.58 3.32 14.41
N SER A 85 -12.96 4.26 15.26
CA SER A 85 -13.16 3.97 16.68
C SER A 85 -14.47 3.24 16.91
N GLY A 86 -14.51 2.41 17.95
CA GLY A 86 -15.71 1.65 18.26
C GLY A 86 -16.67 2.44 19.12
N PRO A 87 -17.54 1.72 19.85
CA PRO A 87 -18.54 2.34 20.73
C PRO A 87 -17.91 3.01 21.94
N SER A 88 -16.68 2.62 22.26
CA SER A 88 -15.96 3.19 23.40
C SER A 88 -15.99 4.71 23.36
N SER A 89 -16.13 5.32 24.53
CA SER A 89 -16.18 6.78 24.63
C SER A 89 -15.46 7.26 25.89
N GLY A 90 -14.52 8.18 25.73
CA GLY A 90 -13.78 8.71 26.85
C GLY A 90 -12.64 9.61 26.43
N GLY A 1 -11.88 11.56 -24.81
CA GLY A 1 -11.98 12.73 -23.97
C GLY A 1 -13.31 12.82 -23.26
N SER A 2 -13.37 12.30 -22.02
CA SER A 2 -14.60 12.33 -21.25
C SER A 2 -14.42 13.15 -19.98
N SER A 3 -15.45 13.91 -19.62
CA SER A 3 -15.40 14.74 -18.42
C SER A 3 -16.56 14.42 -17.49
N GLY A 4 -16.31 14.52 -16.19
CA GLY A 4 -17.34 14.22 -15.21
C GLY A 4 -16.83 13.38 -14.06
N SER A 5 -17.36 13.62 -12.87
CA SER A 5 -16.96 12.87 -11.68
C SER A 5 -18.12 12.11 -11.09
N SER A 6 -17.83 11.02 -10.40
CA SER A 6 -18.86 10.19 -9.79
C SER A 6 -18.78 10.26 -8.26
N GLY A 7 -19.90 9.99 -7.59
CA GLY A 7 -19.93 10.02 -6.15
C GLY A 7 -20.01 8.64 -5.53
N ASP A 8 -18.86 8.11 -5.13
CA ASP A 8 -18.81 6.78 -4.53
C ASP A 8 -17.96 6.80 -3.26
N GLN A 9 -18.61 6.64 -2.11
CA GLN A 9 -17.92 6.64 -0.83
C GLN A 9 -16.97 5.45 -0.72
N ASP A 10 -15.71 5.73 -0.40
CA ASP A 10 -14.72 4.68 -0.27
C ASP A 10 -13.64 5.09 0.74
N THR A 11 -13.31 4.17 1.64
CA THR A 11 -12.31 4.42 2.66
C THR A 11 -10.93 4.65 2.04
N LEU A 12 -10.15 5.55 2.63
CA LEU A 12 -8.81 5.85 2.13
C LEU A 12 -8.07 4.57 1.76
N VAL A 13 -8.33 3.50 2.50
CA VAL A 13 -7.67 2.22 2.24
C VAL A 13 -7.47 2.00 0.74
N GLN A 14 -6.21 1.86 0.34
CA GLN A 14 -5.88 1.64 -1.06
C GLN A 14 -5.29 0.25 -1.27
N ARG A 15 -4.97 -0.07 -2.52
CA ARG A 15 -4.41 -1.37 -2.86
C ARG A 15 -3.27 -1.22 -3.86
N ALA A 16 -2.08 -1.68 -3.49
CA ALA A 16 -0.92 -1.59 -4.36
C ALA A 16 -0.99 -2.64 -5.48
N GLU A 17 -0.68 -2.21 -6.70
CA GLU A 17 -0.72 -3.11 -7.85
C GLU A 17 0.50 -4.03 -7.85
N HIS A 18 0.25 -5.34 -7.86
CA HIS A 18 1.32 -6.32 -7.87
C HIS A 18 1.90 -6.48 -9.28
N ILE A 19 3.15 -6.04 -9.45
CA ILE A 19 3.81 -6.13 -10.75
C ILE A 19 4.71 -7.37 -10.81
N PRO A 20 4.44 -8.24 -11.80
CA PRO A 20 5.20 -9.47 -12.00
C PRO A 20 6.62 -9.20 -12.49
N ALA A 21 7.44 -10.24 -12.51
CA ALA A 21 8.82 -10.11 -12.95
C ALA A 21 8.90 -10.01 -14.48
N GLY A 22 9.96 -9.38 -14.97
CA GLY A 22 10.13 -9.21 -16.40
C GLY A 22 9.17 -8.20 -17.00
N LYS A 23 9.00 -7.08 -16.31
CA LYS A 23 8.10 -6.03 -16.77
C LYS A 23 8.80 -4.67 -16.73
N ARG A 24 9.29 -4.30 -15.55
CA ARG A 24 9.97 -3.02 -15.38
C ARG A 24 10.95 -3.09 -14.21
N THR A 25 12.06 -2.36 -14.33
CA THR A 25 13.08 -2.33 -13.29
C THR A 25 13.13 -0.97 -12.60
N PRO A 26 12.05 -0.62 -11.90
CA PRO A 26 11.95 0.66 -11.19
C PRO A 26 12.87 0.72 -9.98
N MET A 27 13.12 1.93 -9.49
CA MET A 27 13.99 2.12 -8.33
C MET A 27 13.18 2.12 -7.04
N CYS A 28 13.51 1.21 -6.14
CA CYS A 28 12.80 1.10 -4.87
C CYS A 28 12.82 2.44 -4.14
N ALA A 29 11.65 2.85 -3.64
CA ALA A 29 11.52 4.11 -2.91
C ALA A 29 11.92 3.94 -1.45
N HIS A 30 12.61 2.84 -1.15
CA HIS A 30 13.04 2.57 0.22
C HIS A 30 14.55 2.38 0.28
N CYS A 31 15.09 1.56 -0.61
CA CYS A 31 16.52 1.31 -0.66
C CYS A 31 17.16 2.01 -1.86
N ASN A 32 16.33 2.44 -2.81
CA ASN A 32 16.81 3.12 -3.99
C ASN A 32 17.69 2.19 -4.84
N GLN A 33 17.27 0.93 -4.93
CA GLN A 33 18.01 -0.05 -5.71
C GLN A 33 17.14 -0.65 -6.81
N VAL A 34 17.71 -0.79 -7.99
CA VAL A 34 16.99 -1.35 -9.13
C VAL A 34 16.35 -2.69 -8.78
N ILE A 35 15.06 -2.82 -9.04
CA ILE A 35 14.33 -4.04 -8.75
C ILE A 35 14.26 -4.94 -9.98
N ARG A 36 14.79 -6.16 -9.85
CA ARG A 36 14.79 -7.12 -10.95
C ARG A 36 13.51 -7.96 -10.94
N GLY A 37 13.23 -8.57 -9.79
CA GLY A 37 12.04 -9.40 -9.67
C GLY A 37 10.75 -8.58 -9.61
N PRO A 38 9.68 -9.19 -9.08
CA PRO A 38 8.39 -8.52 -8.95
C PRO A 38 8.40 -7.42 -7.90
N PHE A 39 7.86 -6.26 -8.25
CA PHE A 39 7.80 -5.13 -7.34
C PHE A 39 6.37 -4.64 -7.15
N LEU A 40 6.18 -3.72 -6.21
CA LEU A 40 4.85 -3.17 -5.93
C LEU A 40 4.80 -1.69 -6.28
N VAL A 41 3.64 -1.24 -6.75
CA VAL A 41 3.46 0.17 -7.11
C VAL A 41 2.15 0.71 -6.57
N ALA A 42 2.24 1.66 -5.64
CA ALA A 42 1.07 2.26 -5.04
C ALA A 42 1.15 3.79 -5.08
N LEU A 43 2.10 4.35 -4.34
CA LEU A 43 2.28 5.79 -4.29
C LEU A 43 3.06 6.28 -5.51
N GLY A 44 2.76 5.71 -6.67
CA GLY A 44 3.43 6.11 -7.90
C GLY A 44 4.81 5.48 -8.03
N LYS A 45 5.52 5.36 -6.90
CA LYS A 45 6.85 4.77 -6.89
C LYS A 45 6.77 3.26 -6.70
N SER A 46 7.91 2.59 -6.84
CA SER A 46 7.98 1.15 -6.69
C SER A 46 8.56 0.77 -5.32
N TRP A 47 8.05 -0.31 -4.76
CA TRP A 47 8.50 -0.78 -3.45
C TRP A 47 8.66 -2.30 -3.44
N HIS A 48 9.68 -2.79 -2.75
CA HIS A 48 9.93 -4.22 -2.66
C HIS A 48 8.78 -4.93 -1.95
N PRO A 49 8.38 -6.09 -2.48
CA PRO A 49 7.29 -6.89 -1.92
C PRO A 49 7.66 -7.52 -0.59
N GLU A 50 8.94 -7.44 -0.23
CA GLU A 50 9.43 -8.00 1.02
C GLU A 50 9.63 -6.91 2.07
N GLU A 51 10.14 -5.77 1.64
CA GLU A 51 10.38 -4.65 2.54
C GLU A 51 9.08 -3.89 2.82
N PHE A 52 8.33 -3.60 1.77
CA PHE A 52 7.07 -2.88 1.89
C PHE A 52 6.27 -3.39 3.08
N ASN A 53 6.39 -2.70 4.21
CA ASN A 53 5.68 -3.09 5.43
C ASN A 53 5.00 -1.89 6.07
N CYS A 54 4.24 -2.13 7.14
CA CYS A 54 3.55 -1.06 7.84
C CYS A 54 4.52 -0.23 8.67
N ALA A 55 3.99 0.76 9.38
CA ALA A 55 4.82 1.63 10.21
C ALA A 55 4.69 1.25 11.69
N HIS A 56 3.53 0.73 12.07
CA HIS A 56 3.29 0.33 13.45
C HIS A 56 3.41 -1.19 13.60
N CYS A 57 2.56 -1.91 12.90
CA CYS A 57 2.57 -3.37 12.95
C CYS A 57 3.72 -3.94 12.12
N LYS A 58 4.31 -3.10 11.29
CA LYS A 58 5.42 -3.52 10.45
C LYS A 58 5.14 -4.86 9.80
N ASN A 59 3.96 -4.99 9.18
CA ASN A 59 3.57 -6.22 8.53
C ASN A 59 3.49 -6.04 7.01
N THR A 60 3.66 -7.13 6.27
CA THR A 60 3.60 -7.08 4.82
C THR A 60 2.34 -6.38 4.33
N MET A 61 2.51 -5.31 3.59
CA MET A 61 1.39 -4.55 3.06
C MET A 61 1.22 -4.77 1.56
N ALA A 62 1.36 -6.04 1.15
CA ALA A 62 1.23 -6.39 -0.27
C ALA A 62 -0.22 -6.65 -0.64
N TYR A 63 -0.84 -7.61 0.05
CA TYR A 63 -2.22 -7.96 -0.22
C TYR A 63 -3.17 -6.99 0.49
N ILE A 64 -3.07 -6.92 1.81
CA ILE A 64 -3.91 -6.03 2.60
C ILE A 64 -3.88 -4.61 2.04
N GLY A 65 -4.76 -3.75 2.56
CA GLY A 65 -4.81 -2.38 2.11
C GLY A 65 -3.80 -1.49 2.82
N PHE A 66 -3.96 -0.18 2.67
CA PHE A 66 -3.05 0.77 3.31
C PHE A 66 -3.58 2.19 3.17
N VAL A 67 -3.11 3.07 4.05
CA VAL A 67 -3.55 4.47 4.04
C VAL A 67 -2.37 5.41 4.29
N GLU A 68 -2.15 6.35 3.38
CA GLU A 68 -1.07 7.31 3.51
C GLU A 68 -1.50 8.51 4.33
N GLU A 69 -0.79 8.75 5.43
CA GLU A 69 -1.09 9.88 6.31
C GLU A 69 0.18 10.46 6.91
N LYS A 70 0.23 11.78 7.00
CA LYS A 70 1.39 12.47 7.56
C LYS A 70 2.68 11.72 7.22
N GLY A 71 2.78 11.24 5.99
CA GLY A 71 3.97 10.52 5.57
C GLY A 71 4.10 9.18 6.25
N ALA A 72 3.04 8.38 6.20
CA ALA A 72 3.04 7.05 6.82
C ALA A 72 1.92 6.19 6.26
N LEU A 73 2.24 4.94 5.94
CA LEU A 73 1.26 4.01 5.39
C LEU A 73 0.78 3.04 6.47
N TYR A 74 -0.51 3.12 6.79
CA TYR A 74 -1.10 2.24 7.79
C TYR A 74 -2.14 1.31 7.17
N CYS A 75 -1.95 0.01 7.39
CA CYS A 75 -2.86 -0.99 6.86
C CYS A 75 -4.28 -0.78 7.40
N GLU A 76 -5.27 -1.20 6.61
CA GLU A 76 -6.66 -1.05 7.02
C GLU A 76 -6.84 -1.39 8.48
N LEU A 77 -6.14 -2.42 8.94
CA LEU A 77 -6.22 -2.85 10.33
C LEU A 77 -5.83 -1.72 11.28
N CYS A 78 -4.58 -1.30 11.20
CA CYS A 78 -4.08 -0.22 12.04
C CYS A 78 -5.00 1.00 11.99
N TYR A 79 -5.28 1.46 10.77
CA TYR A 79 -6.15 2.61 10.57
C TYR A 79 -7.49 2.41 11.25
N GLU A 80 -8.21 1.36 10.82
CA GLU A 80 -9.51 1.05 11.39
C GLU A 80 -9.46 1.06 12.92
N LYS A 81 -8.28 0.78 13.47
CA LYS A 81 -8.10 0.75 14.91
C LYS A 81 -7.97 2.17 15.47
N PHE A 82 -6.95 2.88 15.03
CA PHE A 82 -6.71 4.25 15.49
C PHE A 82 -7.78 5.19 14.94
N PHE A 83 -7.84 5.31 13.62
CA PHE A 83 -8.81 6.18 12.97
C PHE A 83 -10.23 5.84 13.43
N ALA A 84 -10.72 4.68 13.02
CA ALA A 84 -12.05 4.24 13.39
C ALA A 84 -12.08 3.64 14.79
N SER A 85 -12.06 4.52 15.79
CA SER A 85 -12.07 4.07 17.19
C SER A 85 -13.49 3.83 17.67
N GLY A 86 -13.72 2.66 18.26
CA GLY A 86 -15.05 2.33 18.76
C GLY A 86 -15.30 0.83 18.80
N PRO A 87 -15.30 0.20 17.61
CA PRO A 87 -15.53 -1.24 17.49
C PRO A 87 -14.35 -2.06 18.04
N SER A 88 -13.16 -1.47 18.02
CA SER A 88 -11.97 -2.14 18.51
C SER A 88 -11.89 -2.07 20.02
N SER A 89 -11.08 -2.95 20.61
CA SER A 89 -10.91 -3.00 22.05
C SER A 89 -10.12 -1.78 22.56
N GLY A 90 -10.63 -1.15 23.60
CA GLY A 90 -9.97 0.02 24.16
C GLY A 90 -9.40 0.92 23.08
N GLY A 1 -4.27 5.72 -25.47
CA GLY A 1 -5.68 6.00 -25.31
C GLY A 1 -6.33 5.12 -24.27
N SER A 2 -7.53 4.63 -24.56
CA SER A 2 -8.26 3.77 -23.64
C SER A 2 -8.22 4.34 -22.23
N SER A 3 -8.40 5.65 -22.11
CA SER A 3 -8.39 6.32 -20.82
C SER A 3 -9.79 6.70 -20.39
N GLY A 4 -10.03 6.69 -19.07
CA GLY A 4 -11.34 7.04 -18.56
C GLY A 4 -11.95 5.93 -17.73
N SER A 5 -12.01 6.14 -16.42
CA SER A 5 -12.57 5.15 -15.52
C SER A 5 -13.10 5.81 -14.24
N SER A 6 -13.91 5.06 -13.49
CA SER A 6 -14.50 5.58 -12.25
C SER A 6 -14.53 4.50 -11.18
N GLY A 7 -13.95 4.81 -10.02
CA GLY A 7 -13.94 3.85 -8.93
C GLY A 7 -14.39 4.46 -7.61
N ASP A 8 -15.70 4.53 -7.43
CA ASP A 8 -16.26 5.09 -6.20
C ASP A 8 -15.66 4.43 -4.97
N GLN A 9 -14.93 5.23 -4.19
CA GLN A 9 -14.29 4.72 -2.97
C GLN A 9 -14.56 5.65 -1.79
N ASP A 10 -14.85 5.05 -0.64
CA ASP A 10 -15.13 5.82 0.57
C ASP A 10 -14.10 5.51 1.65
N THR A 11 -12.96 4.96 1.25
CA THR A 11 -11.91 4.62 2.19
C THR A 11 -10.53 4.96 1.62
N LEU A 12 -9.67 5.52 2.47
CA LEU A 12 -8.33 5.89 2.05
C LEU A 12 -7.50 4.65 1.68
N VAL A 13 -7.71 3.57 2.42
CA VAL A 13 -6.99 2.33 2.17
C VAL A 13 -6.74 2.13 0.69
N GLN A 14 -5.47 2.07 0.31
CA GLN A 14 -5.08 1.88 -1.08
C GLN A 14 -4.65 0.44 -1.34
N ARG A 15 -4.21 0.17 -2.56
CA ARG A 15 -3.77 -1.17 -2.95
C ARG A 15 -2.68 -1.09 -4.00
N ALA A 16 -1.52 -1.67 -3.70
CA ALA A 16 -0.40 -1.67 -4.63
C ALA A 16 -0.57 -2.75 -5.68
N GLU A 17 -0.53 -2.35 -6.95
CA GLU A 17 -0.69 -3.29 -8.06
C GLU A 17 0.49 -4.25 -8.13
N HIS A 18 0.25 -5.49 -7.71
CA HIS A 18 1.30 -6.51 -7.71
C HIS A 18 1.84 -6.73 -9.13
N ILE A 19 3.04 -6.22 -9.38
CA ILE A 19 3.67 -6.36 -10.69
C ILE A 19 4.59 -7.58 -10.74
N PRO A 20 4.30 -8.48 -11.70
CA PRO A 20 5.09 -9.71 -11.87
C PRO A 20 6.49 -9.42 -12.40
N ALA A 21 7.33 -10.46 -12.41
CA ALA A 21 8.70 -10.32 -12.90
C ALA A 21 8.75 -10.27 -14.42
N GLY A 22 9.78 -9.63 -14.96
CA GLY A 22 9.92 -9.52 -16.40
C GLY A 22 8.90 -8.58 -17.01
N LYS A 23 8.70 -7.43 -16.37
CA LYS A 23 7.75 -6.44 -16.86
C LYS A 23 8.37 -5.04 -16.84
N ARG A 24 8.87 -4.62 -15.69
CA ARG A 24 9.48 -3.31 -15.55
C ARG A 24 10.55 -3.32 -14.45
N THR A 25 11.60 -2.54 -14.66
CA THR A 25 12.69 -2.46 -13.68
C THR A 25 12.82 -1.06 -13.11
N PRO A 26 11.80 -0.63 -12.35
CA PRO A 26 11.77 0.69 -11.74
C PRO A 26 12.79 0.82 -10.60
N MET A 27 12.64 1.86 -9.79
CA MET A 27 13.54 2.10 -8.67
C MET A 27 12.78 2.08 -7.35
N CYS A 28 13.23 1.23 -6.42
CA CYS A 28 12.60 1.11 -5.12
C CYS A 28 12.49 2.47 -4.44
N ALA A 29 11.37 2.70 -3.76
CA ALA A 29 11.15 3.96 -3.06
C ALA A 29 11.69 3.90 -1.64
N HIS A 30 12.60 2.96 -1.38
CA HIS A 30 13.20 2.80 -0.07
C HIS A 30 14.71 2.68 -0.17
N CYS A 31 15.17 1.74 -0.99
CA CYS A 31 16.60 1.52 -1.17
C CYS A 31 17.10 2.22 -2.43
N ASN A 32 16.17 2.67 -3.26
CA ASN A 32 16.52 3.36 -4.50
C ASN A 32 17.33 2.45 -5.42
N GLN A 33 17.07 1.14 -5.33
CA GLN A 33 17.78 0.17 -6.16
C GLN A 33 16.84 -0.43 -7.21
N VAL A 34 17.35 -0.59 -8.42
CA VAL A 34 16.55 -1.15 -9.51
C VAL A 34 15.95 -2.49 -9.11
N ILE A 35 14.70 -2.71 -9.51
CA ILE A 35 14.00 -3.95 -9.19
C ILE A 35 13.96 -4.88 -10.41
N ARG A 36 14.36 -6.13 -10.20
CA ARG A 36 14.36 -7.12 -11.27
C ARG A 36 13.12 -7.99 -11.22
N GLY A 37 12.86 -8.56 -10.05
CA GLY A 37 11.68 -9.41 -9.89
C GLY A 37 10.40 -8.61 -9.75
N PRO A 38 9.37 -9.24 -9.17
CA PRO A 38 8.07 -8.59 -8.97
C PRO A 38 8.11 -7.50 -7.91
N PHE A 39 7.49 -6.37 -8.21
CA PHE A 39 7.46 -5.25 -7.29
C PHE A 39 6.04 -4.73 -7.09
N LEU A 40 5.88 -3.74 -6.21
CA LEU A 40 4.58 -3.16 -5.94
C LEU A 40 4.56 -1.68 -6.28
N VAL A 41 3.58 -1.28 -7.08
CA VAL A 41 3.44 0.12 -7.49
C VAL A 41 2.30 0.80 -6.75
N ALA A 42 2.63 1.84 -5.99
CA ALA A 42 1.63 2.57 -5.23
C ALA A 42 2.10 3.99 -4.95
N LEU A 43 1.14 4.88 -4.66
CA LEU A 43 1.46 6.27 -4.37
C LEU A 43 2.33 6.88 -5.47
N GLY A 44 2.23 6.33 -6.67
CA GLY A 44 3.01 6.83 -7.79
C GLY A 44 4.48 6.47 -7.67
N LYS A 45 4.76 5.31 -7.12
CA LYS A 45 6.13 4.86 -6.94
C LYS A 45 6.19 3.34 -6.80
N SER A 46 7.41 2.80 -6.82
CA SER A 46 7.60 1.35 -6.68
C SER A 46 8.32 1.02 -5.38
N TRP A 47 7.95 -0.12 -4.79
CA TRP A 47 8.55 -0.56 -3.53
C TRP A 47 8.90 -2.04 -3.59
N HIS A 48 9.71 -2.48 -2.64
CA HIS A 48 10.12 -3.88 -2.58
C HIS A 48 9.15 -4.70 -1.72
N PRO A 49 8.75 -5.87 -2.25
CA PRO A 49 7.81 -6.77 -1.55
C PRO A 49 8.44 -7.41 -0.32
N GLU A 50 9.68 -7.04 -0.02
CA GLU A 50 10.39 -7.57 1.13
C GLU A 50 10.51 -6.53 2.23
N GLU A 51 10.54 -5.26 1.84
CA GLU A 51 10.65 -4.16 2.79
C GLU A 51 9.29 -3.51 3.04
N PHE A 52 8.50 -3.38 1.98
CA PHE A 52 7.18 -2.77 2.08
C PHE A 52 6.44 -3.29 3.31
N ASN A 53 6.53 -2.53 4.40
CA ASN A 53 5.87 -2.92 5.65
C ASN A 53 5.19 -1.71 6.28
N CYS A 54 4.32 -1.98 7.26
CA CYS A 54 3.60 -0.91 7.96
C CYS A 54 4.57 -0.04 8.74
N ALA A 55 4.04 1.03 9.34
CA ALA A 55 4.86 1.94 10.13
C ALA A 55 4.70 1.67 11.63
N HIS A 56 3.53 1.17 12.01
CA HIS A 56 3.26 0.85 13.41
C HIS A 56 3.44 -0.64 13.69
N CYS A 57 2.67 -1.46 12.97
CA CYS A 57 2.74 -2.91 13.14
C CYS A 57 3.93 -3.49 12.37
N LYS A 58 4.54 -2.66 11.54
CA LYS A 58 5.69 -3.08 10.74
C LYS A 58 5.45 -4.47 10.15
N ASN A 59 4.29 -4.66 9.54
CA ASN A 59 3.94 -5.94 8.93
C ASN A 59 3.79 -5.80 7.42
N THR A 60 4.05 -6.88 6.70
CA THR A 60 3.95 -6.89 5.25
C THR A 60 2.67 -6.19 4.79
N MET A 61 2.81 -5.23 3.88
CA MET A 61 1.67 -4.48 3.36
C MET A 61 1.50 -4.72 1.86
N ALA A 62 1.72 -5.96 1.44
CA ALA A 62 1.60 -6.32 0.03
C ALA A 62 0.17 -6.75 -0.31
N TYR A 63 -0.30 -7.79 0.38
CA TYR A 63 -1.64 -8.30 0.16
C TYR A 63 -2.69 -7.36 0.74
N ILE A 64 -2.45 -6.87 1.95
CA ILE A 64 -3.38 -5.96 2.61
C ILE A 64 -3.23 -4.54 2.06
N GLY A 65 -4.10 -3.65 2.52
CA GLY A 65 -4.05 -2.27 2.06
C GLY A 65 -3.20 -1.39 2.94
N PHE A 66 -3.31 -0.08 2.75
CA PHE A 66 -2.53 0.88 3.54
C PHE A 66 -3.02 2.31 3.29
N VAL A 67 -2.88 3.15 4.30
CA VAL A 67 -3.31 4.55 4.19
C VAL A 67 -2.12 5.49 4.36
N GLU A 68 -1.97 6.41 3.42
CA GLU A 68 -0.88 7.38 3.46
C GLU A 68 -1.29 8.62 4.25
N GLU A 69 -0.70 8.78 5.44
CA GLU A 69 -1.01 9.92 6.29
C GLU A 69 0.25 10.43 6.99
N LYS A 70 0.58 11.70 6.76
CA LYS A 70 1.75 12.31 7.37
C LYS A 70 3.00 11.49 7.08
N GLY A 71 3.15 11.08 5.82
CA GLY A 71 4.31 10.30 5.43
C GLY A 71 4.39 8.98 6.16
N ALA A 72 3.26 8.27 6.22
CA ALA A 72 3.20 6.99 6.90
C ALA A 72 2.09 6.11 6.33
N LEU A 73 2.41 4.85 6.07
CA LEU A 73 1.45 3.91 5.52
C LEU A 73 0.87 3.00 6.61
N TYR A 74 -0.42 3.15 6.88
CA TYR A 74 -1.08 2.35 7.90
C TYR A 74 -2.08 1.38 7.26
N CYS A 75 -1.89 0.09 7.53
CA CYS A 75 -2.77 -0.94 6.99
C CYS A 75 -4.19 -0.74 7.48
N GLU A 76 -5.16 -1.19 6.69
CA GLU A 76 -6.57 -1.07 7.05
C GLU A 76 -6.80 -1.45 8.51
N LEU A 77 -6.07 -2.46 8.97
CA LEU A 77 -6.19 -2.91 10.35
C LEU A 77 -5.87 -1.79 11.33
N CYS A 78 -4.67 -1.22 11.18
CA CYS A 78 -4.23 -0.14 12.05
C CYS A 78 -5.20 1.05 11.97
N TYR A 79 -5.38 1.57 10.77
CA TYR A 79 -6.28 2.70 10.56
C TYR A 79 -7.66 2.42 11.13
N GLU A 80 -8.29 1.36 10.63
CA GLU A 80 -9.62 0.98 11.08
C GLU A 80 -9.67 0.87 12.60
N LYS A 81 -8.49 0.77 13.22
CA LYS A 81 -8.40 0.67 14.67
C LYS A 81 -8.25 2.05 15.30
N PHE A 82 -7.16 2.73 14.99
CA PHE A 82 -6.90 4.05 15.53
C PHE A 82 -7.90 5.07 14.98
N PHE A 83 -7.90 5.23 13.67
CA PHE A 83 -8.82 6.17 13.02
C PHE A 83 -10.27 5.83 13.34
N ALA A 84 -10.77 4.76 12.74
CA ALA A 84 -12.14 4.33 12.96
C ALA A 84 -12.30 3.72 14.35
N SER A 85 -12.41 4.58 15.36
CA SER A 85 -12.56 4.14 16.73
C SER A 85 -13.99 3.67 16.99
N GLY A 86 -14.13 2.42 17.43
CA GLY A 86 -15.45 1.87 17.70
C GLY A 86 -16.03 2.41 19.00
N PRO A 87 -16.17 1.53 20.00
CA PRO A 87 -16.72 1.89 21.31
C PRO A 87 -15.78 2.81 22.10
N SER A 88 -14.67 3.19 21.47
CA SER A 88 -13.70 4.07 22.11
C SER A 88 -14.33 5.40 22.49
N SER A 89 -14.29 5.72 23.78
CA SER A 89 -14.87 6.97 24.28
C SER A 89 -13.79 7.83 24.96
N GLY A 90 -13.19 8.73 24.19
CA GLY A 90 -12.15 9.59 24.73
C GLY A 90 -10.75 9.14 24.34
N GLY A 1 -21.09 -9.07 -25.36
CA GLY A 1 -21.21 -9.53 -23.98
C GLY A 1 -21.99 -8.57 -23.11
N SER A 2 -22.14 -8.92 -21.84
CA SER A 2 -22.88 -8.09 -20.90
C SER A 2 -21.95 -7.56 -19.81
N SER A 3 -22.52 -6.75 -18.91
CA SER A 3 -21.74 -6.17 -17.82
C SER A 3 -22.51 -6.24 -16.51
N GLY A 4 -21.79 -6.38 -15.40
CA GLY A 4 -22.43 -6.46 -14.10
C GLY A 4 -22.45 -5.13 -13.38
N SER A 5 -22.50 -5.17 -12.05
CA SER A 5 -22.53 -3.96 -11.25
C SER A 5 -21.12 -3.49 -10.92
N SER A 6 -20.66 -2.44 -11.60
CA SER A 6 -19.33 -1.90 -11.38
C SER A 6 -19.23 -1.25 -10.01
N GLY A 7 -18.61 -1.95 -9.07
CA GLY A 7 -18.46 -1.42 -7.72
C GLY A 7 -17.24 -0.52 -7.58
N ASP A 8 -17.14 0.16 -6.45
CA ASP A 8 -16.02 1.06 -6.20
C ASP A 8 -15.66 1.08 -4.72
N GLN A 9 -14.37 1.23 -4.43
CA GLN A 9 -13.89 1.26 -3.05
C GLN A 9 -14.52 2.42 -2.28
N ASP A 10 -15.28 2.09 -1.24
CA ASP A 10 -15.93 3.10 -0.42
C ASP A 10 -15.10 3.44 0.81
N THR A 11 -13.79 3.23 0.70
CA THR A 11 -12.87 3.50 1.80
C THR A 11 -11.59 4.15 1.30
N LEU A 12 -11.07 5.10 2.08
CA LEU A 12 -9.84 5.79 1.71
C LEU A 12 -8.68 4.80 1.54
N VAL A 13 -8.84 3.61 2.10
CA VAL A 13 -7.82 2.58 2.01
C VAL A 13 -7.54 2.21 0.56
N GLN A 14 -6.27 2.09 0.21
CA GLN A 14 -5.87 1.74 -1.14
C GLN A 14 -5.20 0.37 -1.19
N ARG A 15 -4.82 -0.07 -2.38
CA ARG A 15 -4.17 -1.36 -2.55
C ARG A 15 -3.13 -1.30 -3.68
N ALA A 16 -1.90 -1.65 -3.37
CA ALA A 16 -0.82 -1.64 -4.35
C ALA A 16 -1.09 -2.65 -5.46
N GLU A 17 -0.56 -2.37 -6.64
CA GLU A 17 -0.73 -3.26 -7.79
C GLU A 17 0.48 -4.16 -7.97
N HIS A 18 0.27 -5.46 -7.75
CA HIS A 18 1.36 -6.43 -7.90
C HIS A 18 1.87 -6.47 -9.32
N ILE A 19 3.16 -6.23 -9.50
CA ILE A 19 3.77 -6.26 -10.83
C ILE A 19 4.78 -7.39 -10.95
N PRO A 20 4.57 -8.25 -11.98
CA PRO A 20 5.44 -9.39 -12.24
C PRO A 20 6.82 -8.97 -12.74
N ALA A 21 7.77 -9.90 -12.70
CA ALA A 21 9.12 -9.62 -13.15
C ALA A 21 9.18 -9.48 -14.67
N GLY A 22 10.25 -8.86 -15.16
CA GLY A 22 10.39 -8.66 -16.59
C GLY A 22 9.56 -7.51 -17.12
N LYS A 23 8.28 -7.49 -16.73
CA LYS A 23 7.37 -6.43 -17.16
C LYS A 23 7.97 -5.05 -16.88
N ARG A 24 8.60 -4.92 -15.72
CA ARG A 24 9.22 -3.64 -15.33
C ARG A 24 10.23 -3.86 -14.22
N THR A 25 11.36 -3.16 -14.31
CA THR A 25 12.42 -3.27 -13.32
C THR A 25 12.91 -1.89 -12.88
N PRO A 26 11.99 -1.09 -12.30
CA PRO A 26 12.32 0.25 -11.82
C PRO A 26 13.23 0.24 -10.60
N MET A 27 13.69 1.42 -10.20
CA MET A 27 14.57 1.54 -9.05
C MET A 27 13.77 1.80 -7.78
N CYS A 28 13.97 0.97 -6.77
CA CYS A 28 13.26 1.10 -5.50
C CYS A 28 13.33 2.55 -5.00
N ALA A 29 12.57 2.84 -3.95
CA ALA A 29 12.56 4.17 -3.37
C ALA A 29 13.33 4.21 -2.06
N HIS A 30 13.09 3.22 -1.20
CA HIS A 30 13.77 3.14 0.09
C HIS A 30 15.22 2.74 -0.08
N CYS A 31 15.44 1.54 -0.60
CA CYS A 31 16.79 1.03 -0.82
C CYS A 31 17.41 1.65 -2.07
N ASN A 32 16.56 2.19 -2.93
CA ASN A 32 17.01 2.81 -4.17
C ASN A 32 17.82 1.82 -5.01
N GLN A 33 17.32 0.60 -5.12
CA GLN A 33 17.99 -0.44 -5.90
C GLN A 33 17.09 -0.97 -7.00
N VAL A 34 17.67 -1.18 -8.18
CA VAL A 34 16.91 -1.69 -9.31
C VAL A 34 16.19 -2.99 -8.96
N ILE A 35 14.90 -3.06 -9.30
CA ILE A 35 14.10 -4.24 -9.01
C ILE A 35 14.09 -5.19 -10.21
N ARG A 36 14.65 -6.38 -10.01
CA ARG A 36 14.71 -7.38 -11.06
C ARG A 36 13.43 -8.22 -11.10
N GLY A 37 12.99 -8.66 -9.92
CA GLY A 37 11.78 -9.47 -9.84
C GLY A 37 10.53 -8.62 -9.76
N PRO A 38 9.44 -9.22 -9.25
CA PRO A 38 8.15 -8.52 -9.10
C PRO A 38 8.20 -7.45 -8.01
N PHE A 39 7.63 -6.29 -8.32
CA PHE A 39 7.60 -5.19 -7.36
C PHE A 39 6.17 -4.68 -7.15
N LEU A 40 6.02 -3.73 -6.25
CA LEU A 40 4.71 -3.16 -5.95
C LEU A 40 4.66 -1.68 -6.30
N VAL A 41 3.55 -1.26 -6.89
CA VAL A 41 3.37 0.14 -7.28
C VAL A 41 2.09 0.72 -6.67
N ALA A 42 2.26 1.66 -5.75
CA ALA A 42 1.12 2.29 -5.10
C ALA A 42 1.24 3.81 -5.14
N LEU A 43 2.12 4.36 -4.30
CA LEU A 43 2.33 5.79 -4.23
C LEU A 43 3.25 6.26 -5.37
N GLY A 44 2.71 6.26 -6.58
CA GLY A 44 3.49 6.69 -7.73
C GLY A 44 4.95 6.31 -7.61
N LYS A 45 5.20 5.08 -7.15
CA LYS A 45 6.57 4.59 -7.00
C LYS A 45 6.60 3.07 -6.86
N SER A 46 7.79 2.50 -6.89
CA SER A 46 7.94 1.05 -6.78
C SER A 46 8.58 0.68 -5.45
N TRP A 47 8.01 -0.33 -4.79
CA TRP A 47 8.52 -0.79 -3.51
C TRP A 47 8.72 -2.30 -3.50
N HIS A 48 9.79 -2.76 -2.87
CA HIS A 48 10.09 -4.19 -2.79
C HIS A 48 9.05 -4.91 -1.93
N PRO A 49 8.61 -6.08 -2.40
CA PRO A 49 7.61 -6.89 -1.69
C PRO A 49 8.18 -7.51 -0.41
N GLU A 50 9.43 -7.18 -0.10
CA GLU A 50 10.08 -7.69 1.10
C GLU A 50 10.11 -6.63 2.20
N GLU A 51 10.48 -5.41 1.83
CA GLU A 51 10.57 -4.31 2.77
C GLU A 51 9.20 -3.65 2.96
N PHE A 52 8.49 -3.46 1.86
CA PHE A 52 7.17 -2.85 1.90
C PHE A 52 6.36 -3.36 3.09
N ASN A 53 6.45 -2.66 4.22
CA ASN A 53 5.73 -3.04 5.42
C ASN A 53 5.11 -1.83 6.10
N CYS A 54 4.21 -2.09 7.05
CA CYS A 54 3.55 -1.02 7.78
C CYS A 54 4.56 -0.16 8.52
N ALA A 55 4.06 0.89 9.19
CA ALA A 55 4.92 1.79 9.95
C ALA A 55 4.80 1.53 11.44
N HIS A 56 3.66 1.01 11.86
CA HIS A 56 3.42 0.72 13.27
C HIS A 56 3.60 -0.77 13.56
N CYS A 57 2.78 -1.60 12.92
CA CYS A 57 2.85 -3.04 13.10
C CYS A 57 4.01 -3.63 12.33
N LYS A 58 4.58 -2.84 11.41
CA LYS A 58 5.71 -3.29 10.61
C LYS A 58 5.43 -4.64 9.98
N ASN A 59 4.23 -4.79 9.42
CA ASN A 59 3.83 -6.04 8.78
C ASN A 59 3.74 -5.88 7.26
N THR A 60 4.02 -6.96 6.54
CA THR A 60 3.97 -6.92 5.08
C THR A 60 2.66 -6.32 4.59
N MET A 61 2.76 -5.30 3.75
CA MET A 61 1.59 -4.63 3.21
C MET A 61 1.45 -4.91 1.71
N ALA A 62 1.71 -6.14 1.31
CA ALA A 62 1.61 -6.53 -0.10
C ALA A 62 0.16 -6.82 -0.49
N TYR A 63 -0.54 -7.56 0.35
CA TYR A 63 -1.93 -7.91 0.08
C TYR A 63 -2.87 -6.90 0.73
N ILE A 64 -2.84 -6.84 2.06
CA ILE A 64 -3.70 -5.90 2.80
C ILE A 64 -3.62 -4.51 2.20
N GLY A 65 -4.52 -3.63 2.65
CA GLY A 65 -4.55 -2.27 2.14
C GLY A 65 -3.57 -1.37 2.87
N PHE A 66 -3.74 -0.06 2.71
CA PHE A 66 -2.85 0.91 3.35
C PHE A 66 -3.39 2.32 3.19
N VAL A 67 -2.90 3.25 4.01
CA VAL A 67 -3.33 4.64 3.95
C VAL A 67 -2.16 5.58 4.20
N GLU A 68 -1.98 6.53 3.29
CA GLU A 68 -0.89 7.50 3.42
C GLU A 68 -1.32 8.69 4.28
N GLU A 69 -0.56 8.94 5.35
CA GLU A 69 -0.87 10.04 6.25
C GLU A 69 0.40 10.55 6.94
N LYS A 70 0.51 11.87 7.07
CA LYS A 70 1.68 12.48 7.69
C LYS A 70 2.95 11.73 7.33
N GLY A 71 3.06 11.33 6.07
CA GLY A 71 4.24 10.60 5.63
C GLY A 71 4.37 9.24 6.28
N ALA A 72 3.33 8.43 6.17
CA ALA A 72 3.32 7.10 6.75
C ALA A 72 2.18 6.26 6.21
N LEU A 73 2.44 4.98 5.98
CA LEU A 73 1.43 4.06 5.46
C LEU A 73 0.90 3.14 6.56
N TYR A 74 -0.40 3.19 6.81
CA TYR A 74 -1.02 2.37 7.82
C TYR A 74 -2.02 1.39 7.20
N CYS A 75 -1.88 0.11 7.54
CA CYS A 75 -2.76 -0.93 7.02
C CYS A 75 -4.17 -0.76 7.55
N GLU A 76 -5.16 -1.05 6.71
CA GLU A 76 -6.56 -0.93 7.10
C GLU A 76 -6.75 -1.31 8.57
N LEU A 77 -6.08 -2.37 8.99
CA LEU A 77 -6.16 -2.84 10.37
C LEU A 77 -5.80 -1.73 11.35
N CYS A 78 -4.60 -1.17 11.17
CA CYS A 78 -4.11 -0.10 12.04
C CYS A 78 -5.05 1.09 11.99
N TYR A 79 -5.40 1.53 10.78
CA TYR A 79 -6.29 2.67 10.60
C TYR A 79 -7.60 2.45 11.34
N GLU A 80 -8.36 1.46 10.90
CA GLU A 80 -9.65 1.15 11.53
C GLU A 80 -9.51 1.04 13.04
N LYS A 81 -8.36 0.53 13.48
CA LYS A 81 -8.10 0.37 14.90
C LYS A 81 -8.10 1.72 15.63
N PHE A 82 -7.39 2.69 15.05
CA PHE A 82 -7.32 4.02 15.63
C PHE A 82 -8.39 4.94 15.03
N PHE A 83 -8.33 5.12 13.72
CA PHE A 83 -9.30 5.97 13.03
C PHE A 83 -10.73 5.56 13.37
N ALA A 84 -11.07 4.32 13.06
CA ALA A 84 -12.41 3.80 13.33
C ALA A 84 -12.50 3.29 14.77
N SER A 85 -12.70 4.20 15.72
CA SER A 85 -12.81 3.83 17.12
C SER A 85 -14.22 3.33 17.44
N GLY A 86 -15.21 4.19 17.26
CA GLY A 86 -16.59 3.81 17.52
C GLY A 86 -16.97 2.51 16.86
N PRO A 87 -17.59 2.60 15.68
CA PRO A 87 -18.03 1.42 14.92
C PRO A 87 -16.86 0.64 14.35
N SER A 88 -16.53 -0.48 14.98
CA SER A 88 -15.42 -1.32 14.54
C SER A 88 -15.93 -2.69 14.08
N SER A 89 -15.22 -3.29 13.14
CA SER A 89 -15.59 -4.60 12.61
C SER A 89 -14.43 -5.59 12.72
N GLY A 90 -14.70 -6.74 13.31
CA GLY A 90 -13.67 -7.75 13.47
C GLY A 90 -13.12 -7.80 14.87
N GLY A 1 -10.21 -8.25 -22.44
CA GLY A 1 -9.77 -7.00 -21.89
C GLY A 1 -10.56 -6.59 -20.66
N SER A 2 -10.42 -7.37 -19.58
CA SER A 2 -11.14 -7.10 -18.35
C SER A 2 -10.26 -7.40 -17.14
N SER A 3 -9.91 -6.36 -16.38
CA SER A 3 -9.08 -6.51 -15.20
C SER A 3 -9.77 -7.38 -14.15
N GLY A 4 -11.02 -7.03 -13.84
CA GLY A 4 -11.78 -7.78 -12.86
C GLY A 4 -12.74 -6.91 -12.08
N SER A 5 -12.63 -6.95 -10.75
CA SER A 5 -13.50 -6.16 -9.90
C SER A 5 -13.13 -4.68 -9.94
N SER A 6 -14.08 -3.84 -10.32
CA SER A 6 -13.84 -2.40 -10.42
C SER A 6 -13.01 -1.91 -9.24
N GLY A 7 -13.44 -2.25 -8.03
CA GLY A 7 -12.73 -1.84 -6.84
C GLY A 7 -13.28 -0.56 -6.24
N ASP A 8 -14.61 -0.48 -6.17
CA ASP A 8 -15.26 0.70 -5.61
C ASP A 8 -15.07 0.77 -4.09
N GLN A 9 -14.03 1.48 -3.67
CA GLN A 9 -13.73 1.62 -2.25
C GLN A 9 -13.72 3.10 -1.84
N ASP A 10 -14.71 3.49 -1.05
CA ASP A 10 -14.81 4.88 -0.60
C ASP A 10 -13.98 5.08 0.67
N THR A 11 -12.85 4.39 0.76
CA THR A 11 -11.97 4.50 1.92
C THR A 11 -10.52 4.71 1.48
N LEU A 12 -9.84 5.64 2.15
CA LEU A 12 -8.45 5.93 1.85
C LEU A 12 -7.67 4.66 1.52
N VAL A 13 -7.98 3.59 2.25
CA VAL A 13 -7.32 2.31 2.05
C VAL A 13 -6.95 2.11 0.57
N GLN A 14 -5.68 1.88 0.31
CA GLN A 14 -5.20 1.67 -1.05
C GLN A 14 -4.66 0.25 -1.23
N ARG A 15 -4.25 -0.06 -2.45
CA ARG A 15 -3.73 -1.39 -2.75
C ARG A 15 -2.64 -1.31 -3.81
N ALA A 16 -1.44 -1.79 -3.45
CA ALA A 16 -0.31 -1.77 -4.38
C ALA A 16 -0.51 -2.77 -5.51
N GLU A 17 -0.47 -2.28 -6.74
CA GLU A 17 -0.64 -3.13 -7.91
C GLU A 17 0.52 -4.11 -8.05
N HIS A 18 0.23 -5.39 -7.84
CA HIS A 18 1.26 -6.42 -7.94
C HIS A 18 1.83 -6.49 -9.35
N ILE A 19 3.11 -6.17 -9.47
CA ILE A 19 3.78 -6.18 -10.77
C ILE A 19 4.73 -7.36 -10.88
N PRO A 20 4.60 -8.13 -11.98
CA PRO A 20 5.44 -9.29 -12.23
C PRO A 20 6.89 -8.92 -12.55
N ALA A 21 7.77 -9.91 -12.47
CA ALA A 21 9.19 -9.68 -12.74
C ALA A 21 9.46 -9.59 -14.24
N GLY A 22 10.69 -9.27 -14.61
CA GLY A 22 11.05 -9.15 -16.02
C GLY A 22 10.05 -8.32 -16.79
N LYS A 23 9.70 -7.15 -16.25
CA LYS A 23 8.75 -6.27 -16.91
C LYS A 23 9.26 -4.83 -16.92
N ARG A 24 9.56 -4.31 -15.74
CA ARG A 24 10.06 -2.94 -15.62
C ARG A 24 11.35 -2.90 -14.80
N THR A 25 11.43 -3.78 -13.79
CA THR A 25 12.61 -3.85 -12.94
C THR A 25 13.08 -2.45 -12.53
N PRO A 26 12.13 -1.63 -12.07
CA PRO A 26 12.42 -0.26 -11.64
C PRO A 26 13.22 -0.22 -10.34
N MET A 27 13.68 0.97 -9.97
CA MET A 27 14.45 1.14 -8.74
C MET A 27 13.54 1.42 -7.56
N CYS A 28 13.76 0.69 -6.46
CA CYS A 28 12.95 0.86 -5.26
C CYS A 28 12.97 2.31 -4.79
N ALA A 29 12.03 2.66 -3.90
CA ALA A 29 11.95 4.01 -3.38
C ALA A 29 12.57 4.10 -1.98
N HIS A 30 12.48 3.01 -1.23
CA HIS A 30 13.02 2.96 0.12
C HIS A 30 14.52 2.67 0.09
N CYS A 31 14.87 1.44 -0.30
CA CYS A 31 16.27 1.04 -0.37
C CYS A 31 16.96 1.67 -1.57
N ASN A 32 16.19 1.90 -2.63
CA ASN A 32 16.73 2.50 -3.85
C ASN A 32 17.60 1.51 -4.61
N GLN A 33 17.05 0.33 -4.87
CA GLN A 33 17.77 -0.72 -5.58
C GLN A 33 16.88 -1.41 -6.60
N VAL A 34 17.37 -1.59 -7.82
CA VAL A 34 16.62 -2.23 -8.87
C VAL A 34 15.88 -3.47 -8.35
N ILE A 35 14.65 -3.65 -8.80
CA ILE A 35 13.84 -4.80 -8.38
C ILE A 35 13.72 -5.82 -9.49
N ARG A 36 14.59 -6.83 -9.48
CA ARG A 36 14.57 -7.87 -10.48
C ARG A 36 13.23 -8.59 -10.50
N GLY A 37 12.86 -9.17 -9.37
CA GLY A 37 11.60 -9.89 -9.27
C GLY A 37 10.40 -8.95 -9.30
N PRO A 38 9.25 -9.46 -8.85
CA PRO A 38 8.00 -8.68 -8.81
C PRO A 38 8.04 -7.58 -7.77
N PHE A 39 7.52 -6.41 -8.12
CA PHE A 39 7.50 -5.27 -7.21
C PHE A 39 6.07 -4.73 -7.06
N LEU A 40 5.90 -3.76 -6.17
CA LEU A 40 4.61 -3.15 -5.93
C LEU A 40 4.64 -1.65 -6.21
N VAL A 41 3.64 -1.17 -6.95
CA VAL A 41 3.56 0.24 -7.29
C VAL A 41 2.48 0.94 -6.46
N ALA A 42 2.91 1.86 -5.59
CA ALA A 42 1.98 2.59 -4.75
C ALA A 42 2.41 4.05 -4.61
N LEU A 43 1.42 4.94 -4.51
CA LEU A 43 1.70 6.37 -4.37
C LEU A 43 2.52 6.88 -5.55
N GLY A 44 2.42 6.19 -6.68
CA GLY A 44 3.16 6.59 -7.87
C GLY A 44 4.58 6.05 -7.87
N LYS A 45 5.03 5.55 -6.73
CA LYS A 45 6.36 5.00 -6.61
C LYS A 45 6.33 3.48 -6.49
N SER A 46 7.51 2.86 -6.52
CA SER A 46 7.61 1.41 -6.42
C SER A 46 8.19 1.01 -5.07
N TRP A 47 7.98 -0.25 -4.70
CA TRP A 47 8.48 -0.77 -3.43
C TRP A 47 8.70 -2.27 -3.51
N HIS A 48 9.53 -2.80 -2.61
CA HIS A 48 9.82 -4.23 -2.57
C HIS A 48 8.74 -4.98 -1.81
N PRO A 49 8.34 -6.15 -2.34
CA PRO A 49 7.31 -6.99 -1.73
C PRO A 49 7.77 -7.63 -0.42
N GLU A 50 9.07 -7.45 -0.11
CA GLU A 50 9.63 -8.01 1.11
C GLU A 50 10.03 -6.91 2.08
N GLU A 51 10.23 -5.70 1.55
CA GLU A 51 10.61 -4.56 2.37
C GLU A 51 9.40 -3.70 2.70
N PHE A 52 8.43 -3.69 1.80
CA PHE A 52 7.21 -2.90 2.00
C PHE A 52 6.43 -3.41 3.20
N ASN A 53 6.53 -2.67 4.32
CA ASN A 53 5.84 -3.05 5.54
C ASN A 53 5.14 -1.84 6.16
N CYS A 54 4.36 -2.09 7.21
CA CYS A 54 3.65 -1.01 7.89
C CYS A 54 4.61 -0.13 8.67
N ALA A 55 4.06 0.88 9.34
CA ALA A 55 4.88 1.80 10.13
C ALA A 55 4.72 1.53 11.63
N HIS A 56 3.60 0.94 12.00
CA HIS A 56 3.33 0.62 13.40
C HIS A 56 3.50 -0.87 13.67
N CYS A 57 2.69 -1.69 12.99
CA CYS A 57 2.75 -3.13 13.15
C CYS A 57 3.95 -3.71 12.41
N LYS A 58 4.51 -2.93 11.48
CA LYS A 58 5.65 -3.36 10.71
C LYS A 58 5.42 -4.74 10.10
N ASN A 59 4.24 -4.94 9.54
CA ASN A 59 3.89 -6.22 8.92
C ASN A 59 3.93 -6.13 7.40
N THR A 60 3.67 -7.25 6.74
CA THR A 60 3.68 -7.30 5.29
C THR A 60 2.45 -6.62 4.71
N MET A 61 2.66 -5.54 3.97
CA MET A 61 1.56 -4.80 3.36
C MET A 61 1.53 -5.03 1.85
N ALA A 62 1.71 -6.29 1.44
CA ALA A 62 1.69 -6.64 0.03
C ALA A 62 0.27 -6.96 -0.43
N TYR A 63 -0.43 -7.78 0.33
CA TYR A 63 -1.80 -8.16 0.00
C TYR A 63 -2.80 -7.19 0.62
N ILE A 64 -2.67 -6.97 1.92
CA ILE A 64 -3.57 -6.06 2.63
C ILE A 64 -3.48 -4.64 2.07
N GLY A 65 -4.34 -3.77 2.57
CA GLY A 65 -4.33 -2.39 2.12
C GLY A 65 -3.46 -1.49 2.97
N PHE A 66 -3.52 -0.19 2.71
CA PHE A 66 -2.72 0.77 3.46
C PHE A 66 -3.23 2.19 3.24
N VAL A 67 -3.04 3.05 4.23
CA VAL A 67 -3.47 4.44 4.14
C VAL A 67 -2.32 5.40 4.37
N GLU A 68 -2.12 6.33 3.43
CA GLU A 68 -1.04 7.30 3.54
C GLU A 68 -1.48 8.51 4.34
N GLU A 69 -0.71 8.85 5.37
CA GLU A 69 -1.02 9.99 6.22
C GLU A 69 0.26 10.66 6.73
N LYS A 70 0.45 11.91 6.36
CA LYS A 70 1.62 12.67 6.78
C LYS A 70 2.90 11.85 6.57
N GLY A 71 3.04 11.29 5.38
CA GLY A 71 4.21 10.49 5.06
C GLY A 71 4.29 9.23 5.91
N ALA A 72 3.20 8.48 5.95
CA ALA A 72 3.16 7.25 6.73
C ALA A 72 2.02 6.34 6.25
N LEU A 73 2.35 5.08 5.98
CA LEU A 73 1.36 4.11 5.52
C LEU A 73 0.86 3.26 6.68
N TYR A 74 -0.46 3.04 6.71
CA TYR A 74 -1.07 2.24 7.78
C TYR A 74 -2.07 1.26 7.19
N CYS A 75 -1.86 -0.03 7.48
CA CYS A 75 -2.74 -1.07 6.97
C CYS A 75 -4.16 -0.89 7.51
N GLU A 76 -5.15 -1.22 6.69
CA GLU A 76 -6.55 -1.09 7.07
C GLU A 76 -6.73 -1.42 8.55
N LEU A 77 -6.04 -2.45 9.02
CA LEU A 77 -6.13 -2.86 10.41
C LEU A 77 -5.77 -1.71 11.35
N CYS A 78 -4.53 -1.24 11.24
CA CYS A 78 -4.06 -0.15 12.08
C CYS A 78 -5.00 1.05 11.97
N TYR A 79 -5.37 1.41 10.74
CA TYR A 79 -6.26 2.54 10.51
C TYR A 79 -7.61 2.33 11.20
N GLU A 80 -8.36 1.33 10.74
CA GLU A 80 -9.67 1.03 11.31
C GLU A 80 -9.57 0.89 12.84
N LYS A 81 -8.36 0.66 13.32
CA LYS A 81 -8.13 0.51 14.76
C LYS A 81 -8.10 1.87 15.46
N PHE A 82 -7.25 2.77 14.96
CA PHE A 82 -7.13 4.10 15.54
C PHE A 82 -7.97 5.10 14.76
N PHE A 83 -7.64 5.29 13.48
CA PHE A 83 -8.37 6.22 12.64
C PHE A 83 -9.87 6.10 12.84
N ALA A 84 -10.30 4.94 13.33
CA ALA A 84 -11.72 4.69 13.58
C ALA A 84 -11.97 4.45 15.06
N SER A 85 -12.14 5.53 15.82
CA SER A 85 -12.40 5.44 17.25
C SER A 85 -13.88 5.62 17.54
N GLY A 86 -14.40 4.77 18.43
CA GLY A 86 -15.80 4.85 18.79
C GLY A 86 -16.08 5.91 19.82
N PRO A 87 -15.71 5.61 21.09
CA PRO A 87 -15.91 6.54 22.21
C PRO A 87 -14.99 7.75 22.13
N SER A 88 -15.44 8.77 21.40
CA SER A 88 -14.66 10.00 21.24
C SER A 88 -14.05 10.43 22.56
N SER A 89 -14.84 10.35 23.63
CA SER A 89 -14.37 10.73 24.96
C SER A 89 -13.18 9.89 25.38
N GLY A 90 -12.08 10.56 25.69
CA GLY A 90 -10.88 9.85 26.12
C GLY A 90 -9.61 10.58 25.74
N GLY A 1 -19.24 0.39 -18.89
CA GLY A 1 -20.36 0.04 -18.04
C GLY A 1 -20.64 1.09 -16.99
N SER A 2 -20.97 0.65 -15.78
CA SER A 2 -21.26 1.56 -14.67
C SER A 2 -20.20 2.64 -14.58
N SER A 3 -20.61 3.89 -14.77
CA SER A 3 -19.70 5.03 -14.70
C SER A 3 -19.54 5.51 -13.26
N GLY A 4 -20.27 4.89 -12.35
CA GLY A 4 -20.20 5.28 -10.95
C GLY A 4 -21.56 5.61 -10.37
N SER A 5 -21.79 6.87 -10.06
CA SER A 5 -23.05 7.32 -9.48
C SER A 5 -23.54 6.34 -8.42
N SER A 6 -22.61 5.86 -7.60
CA SER A 6 -22.94 4.92 -6.54
C SER A 6 -22.22 5.27 -5.24
N GLY A 7 -22.60 4.61 -4.16
CA GLY A 7 -21.97 4.88 -2.88
C GLY A 7 -21.67 3.60 -2.11
N ASP A 8 -21.18 2.58 -2.82
CA ASP A 8 -20.85 1.31 -2.20
C ASP A 8 -19.89 1.51 -1.03
N GLN A 9 -19.68 0.45 -0.25
CA GLN A 9 -18.78 0.50 0.90
C GLN A 9 -17.33 0.62 0.45
N ASP A 10 -16.90 1.86 0.19
CA ASP A 10 -15.52 2.11 -0.25
C ASP A 10 -14.80 3.00 0.75
N THR A 11 -13.52 2.70 1.00
CA THR A 11 -12.72 3.47 1.92
C THR A 11 -11.39 3.88 1.29
N LEU A 12 -10.91 5.07 1.65
CA LEU A 12 -9.64 5.56 1.12
C LEU A 12 -8.64 4.43 0.93
N VAL A 13 -8.74 3.41 1.78
CA VAL A 13 -7.85 2.27 1.71
C VAL A 13 -7.49 1.95 0.26
N GLN A 14 -6.19 2.01 -0.05
CA GLN A 14 -5.73 1.72 -1.40
C GLN A 14 -4.97 0.39 -1.45
N ARG A 15 -4.62 -0.04 -2.65
CA ARG A 15 -3.90 -1.30 -2.83
C ARG A 15 -2.82 -1.15 -3.89
N ALA A 16 -1.65 -1.73 -3.63
CA ALA A 16 -0.53 -1.67 -4.56
C ALA A 16 -0.70 -2.69 -5.69
N GLU A 17 -0.55 -2.24 -6.92
CA GLU A 17 -0.68 -3.11 -8.08
C GLU A 17 0.50 -4.08 -8.17
N HIS A 18 0.23 -5.36 -7.91
CA HIS A 18 1.26 -6.39 -7.98
C HIS A 18 1.86 -6.48 -9.37
N ILE A 19 3.17 -6.29 -9.47
CA ILE A 19 3.86 -6.36 -10.76
C ILE A 19 4.84 -7.52 -10.80
N PRO A 20 4.64 -8.43 -11.76
CA PRO A 20 5.49 -9.60 -11.94
C PRO A 20 6.89 -9.25 -12.42
N ALA A 21 7.80 -10.22 -12.40
CA ALA A 21 9.17 -10.00 -12.84
C ALA A 21 9.23 -9.84 -14.36
N GLY A 22 10.23 -9.09 -14.83
CA GLY A 22 10.40 -8.88 -16.25
C GLY A 22 9.61 -7.68 -16.74
N LYS A 23 8.33 -7.63 -16.40
CA LYS A 23 7.46 -6.53 -16.81
C LYS A 23 8.20 -5.19 -16.72
N ARG A 24 8.82 -4.94 -15.58
CA ARG A 24 9.56 -3.70 -15.36
C ARG A 24 10.52 -3.85 -14.19
N THR A 25 11.64 -3.13 -14.26
CA THR A 25 12.65 -3.18 -13.20
C THR A 25 12.95 -1.78 -12.67
N PRO A 26 11.95 -1.17 -11.99
CA PRO A 26 12.09 0.16 -11.42
C PRO A 26 13.03 0.20 -10.23
N MET A 27 13.47 1.40 -9.86
CA MET A 27 14.38 1.56 -8.73
C MET A 27 13.61 1.76 -7.43
N CYS A 28 13.88 0.90 -6.46
CA CYS A 28 13.21 0.96 -5.16
C CYS A 28 13.20 2.40 -4.64
N ALA A 29 12.29 2.67 -3.71
CA ALA A 29 12.17 4.00 -3.13
C ALA A 29 12.74 4.04 -1.71
N HIS A 30 12.87 2.86 -1.10
CA HIS A 30 13.41 2.76 0.25
C HIS A 30 14.90 2.44 0.22
N CYS A 31 15.23 1.28 -0.32
CA CYS A 31 16.63 0.86 -0.41
C CYS A 31 17.33 1.51 -1.60
N ASN A 32 16.53 2.03 -2.53
CA ASN A 32 17.07 2.68 -3.72
C ASN A 32 17.90 1.71 -4.55
N GLN A 33 17.43 0.47 -4.63
CA GLN A 33 18.12 -0.56 -5.40
C GLN A 33 17.22 -1.14 -6.47
N VAL A 34 17.75 -1.25 -7.69
CA VAL A 34 16.99 -1.78 -8.82
C VAL A 34 16.32 -3.10 -8.44
N ILE A 35 15.06 -3.25 -8.83
CA ILE A 35 14.30 -4.46 -8.54
C ILE A 35 14.39 -5.45 -9.69
N ARG A 36 15.17 -6.51 -9.51
CA ARG A 36 15.33 -7.53 -10.54
C ARG A 36 14.25 -8.60 -10.42
N GLY A 37 13.08 -8.20 -9.93
CA GLY A 37 11.98 -9.14 -9.77
C GLY A 37 10.65 -8.45 -9.63
N PRO A 38 9.68 -9.15 -9.01
CA PRO A 38 8.33 -8.62 -8.80
C PRO A 38 8.30 -7.49 -7.77
N PHE A 39 7.70 -6.37 -8.16
CA PHE A 39 7.61 -5.21 -7.27
C PHE A 39 6.18 -4.73 -7.15
N LEU A 40 5.95 -3.77 -6.25
CA LEU A 40 4.61 -3.22 -6.05
C LEU A 40 4.61 -1.72 -6.30
N VAL A 41 3.75 -1.28 -7.23
CA VAL A 41 3.64 0.14 -7.56
C VAL A 41 2.53 0.81 -6.76
N ALA A 42 2.91 1.72 -5.87
CA ALA A 42 1.94 2.42 -5.05
C ALA A 42 2.40 3.85 -4.76
N LEU A 43 1.44 4.78 -4.67
CA LEU A 43 1.75 6.17 -4.40
C LEU A 43 2.61 6.76 -5.52
N GLY A 44 2.47 6.21 -6.72
CA GLY A 44 3.24 6.70 -7.85
C GLY A 44 4.68 6.23 -7.83
N LYS A 45 5.01 5.37 -6.86
CA LYS A 45 6.37 4.85 -6.73
C LYS A 45 6.34 3.32 -6.61
N SER A 46 7.53 2.72 -6.58
CA SER A 46 7.65 1.27 -6.46
C SER A 46 8.28 0.89 -5.12
N TRP A 47 8.13 -0.37 -4.74
CA TRP A 47 8.68 -0.87 -3.49
C TRP A 47 8.84 -2.38 -3.51
N HIS A 48 9.85 -2.88 -2.80
CA HIS A 48 10.10 -4.31 -2.75
C HIS A 48 9.03 -5.03 -1.95
N PRO A 49 8.58 -6.18 -2.46
CA PRO A 49 7.54 -6.99 -1.81
C PRO A 49 8.03 -7.64 -0.52
N GLU A 50 9.33 -7.53 -0.26
CA GLU A 50 9.93 -8.11 0.93
C GLU A 50 10.19 -7.03 1.99
N GLU A 51 10.24 -5.78 1.55
CA GLU A 51 10.47 -4.66 2.46
C GLU A 51 9.18 -3.93 2.76
N PHE A 52 8.34 -3.76 1.74
CA PHE A 52 7.07 -3.07 1.89
C PHE A 52 6.32 -3.57 3.12
N ASN A 53 6.52 -2.86 4.24
CA ASN A 53 5.87 -3.24 5.49
C ASN A 53 5.26 -2.01 6.18
N CYS A 54 4.20 -2.23 6.93
CA CYS A 54 3.53 -1.14 7.65
C CYS A 54 4.54 -0.29 8.40
N ALA A 55 4.06 0.79 9.02
CA ALA A 55 4.92 1.69 9.78
C ALA A 55 4.77 1.46 11.27
N HIS A 56 3.73 0.74 11.66
CA HIS A 56 3.47 0.45 13.06
C HIS A 56 3.55 -1.06 13.32
N CYS A 57 2.71 -1.83 12.64
CA CYS A 57 2.68 -3.27 12.79
C CYS A 57 3.77 -3.93 11.94
N LYS A 58 4.46 -3.12 11.15
CA LYS A 58 5.52 -3.63 10.28
C LYS A 58 5.13 -4.95 9.65
N ASN A 59 3.85 -5.10 9.32
CA ASN A 59 3.35 -6.32 8.71
C ASN A 59 3.34 -6.20 7.19
N THR A 60 3.20 -7.35 6.52
CA THR A 60 3.18 -7.38 5.06
C THR A 60 2.02 -6.56 4.51
N MET A 61 2.33 -5.56 3.69
CA MET A 61 1.31 -4.72 3.09
C MET A 61 1.23 -4.94 1.58
N ALA A 62 1.40 -6.18 1.16
CA ALA A 62 1.35 -6.53 -0.25
C ALA A 62 -0.08 -6.88 -0.68
N TYR A 63 -0.70 -7.79 0.06
CA TYR A 63 -2.07 -8.22 -0.24
C TYR A 63 -3.08 -7.26 0.38
N ILE A 64 -2.87 -6.91 1.65
CA ILE A 64 -3.77 -6.01 2.34
C ILE A 64 -3.64 -4.58 1.80
N GLY A 65 -4.54 -3.71 2.23
CA GLY A 65 -4.51 -2.32 1.79
C GLY A 65 -3.61 -1.46 2.65
N PHE A 66 -3.75 -0.14 2.50
CA PHE A 66 -2.94 0.79 3.27
C PHE A 66 -3.46 2.22 3.10
N VAL A 67 -3.08 3.09 4.04
CA VAL A 67 -3.51 4.48 4.00
C VAL A 67 -2.33 5.42 4.24
N GLU A 68 -2.19 6.41 3.36
CA GLU A 68 -1.10 7.38 3.48
C GLU A 68 -1.51 8.55 4.35
N GLU A 69 -0.73 8.81 5.40
CA GLU A 69 -1.02 9.90 6.32
C GLU A 69 0.27 10.48 6.89
N LYS A 70 0.43 11.80 6.77
CA LYS A 70 1.61 12.47 7.28
C LYS A 70 2.87 11.67 6.97
N GLY A 71 3.03 11.29 5.71
CA GLY A 71 4.19 10.53 5.31
C GLY A 71 4.30 9.21 6.06
N ALA A 72 3.20 8.47 6.11
CA ALA A 72 3.18 7.18 6.80
C ALA A 72 2.08 6.28 6.23
N LEU A 73 2.41 5.01 6.04
CA LEU A 73 1.45 4.04 5.50
C LEU A 73 0.92 3.14 6.62
N TYR A 74 -0.40 3.15 6.80
CA TYR A 74 -1.02 2.33 7.82
C TYR A 74 -2.06 1.39 7.22
N CYS A 75 -1.90 0.09 7.46
CA CYS A 75 -2.82 -0.90 6.94
C CYS A 75 -4.23 -0.68 7.48
N GLU A 76 -5.23 -1.11 6.70
CA GLU A 76 -6.63 -0.95 7.10
C GLU A 76 -6.81 -1.26 8.58
N LEU A 77 -6.10 -2.29 9.06
CA LEU A 77 -6.19 -2.70 10.45
C LEU A 77 -5.78 -1.55 11.38
N CYS A 78 -4.53 -1.12 11.28
CA CYS A 78 -4.03 -0.03 12.10
C CYS A 78 -4.98 1.17 12.05
N TYR A 79 -5.30 1.62 10.85
CA TYR A 79 -6.19 2.75 10.67
C TYR A 79 -7.55 2.49 11.32
N GLU A 80 -8.27 1.50 10.81
CA GLU A 80 -9.57 1.16 11.35
C GLU A 80 -9.50 0.93 12.86
N LYS A 81 -8.30 0.67 13.36
CA LYS A 81 -8.09 0.44 14.77
C LYS A 81 -8.04 1.76 15.54
N PHE A 82 -7.25 2.70 15.05
CA PHE A 82 -7.11 4.00 15.69
C PHE A 82 -8.13 4.99 15.14
N PHE A 83 -8.13 5.17 13.82
CA PHE A 83 -9.06 6.08 13.17
C PHE A 83 -10.50 5.72 13.51
N ALA A 84 -10.90 4.51 13.16
CA ALA A 84 -12.25 4.05 13.43
C ALA A 84 -12.38 3.50 14.85
N SER A 85 -12.68 4.39 15.79
CA SER A 85 -12.81 4.00 17.19
C SER A 85 -14.27 3.73 17.53
N GLY A 86 -15.17 4.58 17.03
CA GLY A 86 -16.58 4.42 17.28
C GLY A 86 -17.40 5.59 16.80
N PRO A 87 -18.53 5.30 16.15
CA PRO A 87 -19.44 6.32 15.61
C PRO A 87 -20.15 7.11 16.72
N SER A 88 -19.54 8.20 17.14
CA SER A 88 -20.11 9.03 18.20
C SER A 88 -21.56 9.39 17.88
N SER A 89 -22.39 9.46 18.91
CA SER A 89 -23.79 9.78 18.74
C SER A 89 -23.98 10.91 17.73
N GLY A 90 -23.30 12.03 17.99
CA GLY A 90 -23.40 13.17 17.10
C GLY A 90 -22.07 13.55 16.49
N GLY A 1 -8.48 7.03 -21.56
CA GLY A 1 -9.13 7.12 -20.27
C GLY A 1 -10.57 7.59 -20.37
N SER A 2 -11.26 7.63 -19.24
CA SER A 2 -12.66 8.05 -19.21
C SER A 2 -12.99 8.72 -17.88
N SER A 3 -13.85 9.73 -17.94
CA SER A 3 -14.25 10.46 -16.73
C SER A 3 -15.57 9.91 -16.18
N GLY A 4 -15.63 9.76 -14.86
CA GLY A 4 -16.82 9.25 -14.23
C GLY A 4 -17.02 9.80 -12.82
N SER A 5 -17.92 9.18 -12.07
CA SER A 5 -18.21 9.62 -10.71
C SER A 5 -19.09 8.61 -9.99
N SER A 6 -19.26 8.80 -8.69
CA SER A 6 -20.08 7.90 -7.88
C SER A 6 -20.59 8.61 -6.63
N GLY A 7 -21.79 8.24 -6.20
CA GLY A 7 -22.38 8.85 -5.02
C GLY A 7 -21.68 8.41 -3.74
N ASP A 8 -21.68 7.10 -3.48
CA ASP A 8 -21.05 6.56 -2.29
C ASP A 8 -19.54 6.70 -2.36
N GLN A 9 -18.87 6.47 -1.23
CA GLN A 9 -17.42 6.58 -1.16
C GLN A 9 -16.81 5.36 -0.49
N ASP A 10 -15.48 5.29 -0.49
CA ASP A 10 -14.77 4.18 0.12
C ASP A 10 -13.70 4.66 1.09
N THR A 11 -13.15 3.75 1.88
CA THR A 11 -12.12 4.09 2.85
C THR A 11 -10.78 4.36 2.16
N LEU A 12 -9.99 5.25 2.75
CA LEU A 12 -8.68 5.59 2.19
C LEU A 12 -7.89 4.33 1.83
N VAL A 13 -8.15 3.25 2.56
CA VAL A 13 -7.48 1.99 2.31
C VAL A 13 -7.25 1.76 0.82
N GLN A 14 -5.99 1.58 0.44
CA GLN A 14 -5.64 1.35 -0.96
C GLN A 14 -4.95 0.00 -1.14
N ARG A 15 -4.73 -0.37 -2.39
CA ARG A 15 -4.08 -1.65 -2.70
C ARG A 15 -3.03 -1.48 -3.79
N ALA A 16 -1.79 -1.84 -3.48
CA ALA A 16 -0.70 -1.73 -4.43
C ALA A 16 -0.88 -2.69 -5.59
N GLU A 17 -0.64 -2.21 -6.80
CA GLU A 17 -0.77 -3.03 -8.00
C GLU A 17 0.37 -4.05 -8.09
N HIS A 18 0.02 -5.32 -7.99
CA HIS A 18 1.01 -6.39 -8.07
C HIS A 18 1.62 -6.47 -9.46
N ILE A 19 2.85 -6.02 -9.59
CA ILE A 19 3.54 -6.04 -10.87
C ILE A 19 4.44 -7.27 -10.99
N PRO A 20 4.21 -8.06 -12.05
CA PRO A 20 5.00 -9.28 -12.31
C PRO A 20 6.43 -8.98 -12.72
N ALA A 21 7.28 -9.99 -12.67
CA ALA A 21 8.69 -9.83 -13.04
C ALA A 21 8.83 -9.51 -14.52
N GLY A 22 9.88 -8.77 -14.85
CA GLY A 22 10.11 -8.40 -16.24
C GLY A 22 9.19 -7.29 -16.71
N LYS A 23 7.89 -7.49 -16.56
CA LYS A 23 6.90 -6.50 -16.97
C LYS A 23 7.39 -5.09 -16.68
N ARG A 24 8.08 -4.94 -15.56
CA ARG A 24 8.61 -3.63 -15.16
C ARG A 24 9.77 -3.78 -14.17
N THR A 25 10.78 -2.94 -14.31
CA THR A 25 11.93 -2.99 -13.42
C THR A 25 12.34 -1.59 -12.97
N PRO A 26 11.42 -0.90 -12.28
CA PRO A 26 11.65 0.45 -11.77
C PRO A 26 12.67 0.49 -10.64
N MET A 27 12.81 1.64 -10.01
CA MET A 27 13.76 1.80 -8.90
C MET A 27 13.02 1.92 -7.58
N CYS A 28 13.32 1.02 -6.65
CA CYS A 28 12.69 1.03 -5.33
C CYS A 28 12.70 2.44 -4.73
N ALA A 29 11.91 2.63 -3.69
CA ALA A 29 11.83 3.93 -3.02
C ALA A 29 12.60 3.91 -1.71
N HIS A 30 12.55 2.78 -1.00
CA HIS A 30 13.25 2.64 0.26
C HIS A 30 14.74 2.40 0.05
N CYS A 31 15.07 1.24 -0.52
CA CYS A 31 16.46 0.88 -0.77
C CYS A 31 16.99 1.61 -2.02
N ASN A 32 16.09 1.90 -2.95
CA ASN A 32 16.46 2.59 -4.18
C ASN A 32 17.35 1.71 -5.05
N GLN A 33 16.91 0.47 -5.26
CA GLN A 33 17.67 -0.47 -6.08
C GLN A 33 16.79 -1.07 -7.18
N VAL A 34 17.36 -1.22 -8.36
CA VAL A 34 16.64 -1.79 -9.50
C VAL A 34 15.92 -3.07 -9.10
N ILE A 35 14.67 -3.20 -9.54
CA ILE A 35 13.88 -4.38 -9.23
C ILE A 35 13.76 -5.30 -10.44
N ARG A 36 14.20 -6.55 -10.29
CA ARG A 36 14.14 -7.52 -11.37
C ARG A 36 12.83 -8.30 -11.34
N GLY A 37 12.54 -8.90 -10.18
CA GLY A 37 11.31 -9.67 -10.04
C GLY A 37 10.09 -8.78 -9.86
N PRO A 38 9.03 -9.35 -9.28
CA PRO A 38 7.78 -8.63 -9.03
C PRO A 38 7.93 -7.57 -7.95
N PHE A 39 7.21 -6.46 -8.12
CA PHE A 39 7.26 -5.36 -7.16
C PHE A 39 5.87 -4.77 -6.93
N LEU A 40 5.80 -3.72 -6.12
CA LEU A 40 4.54 -3.07 -5.81
C LEU A 40 4.62 -1.56 -6.07
N VAL A 41 3.77 -1.07 -6.96
CA VAL A 41 3.75 0.35 -7.29
C VAL A 41 2.64 1.06 -6.55
N ALA A 42 3.03 1.93 -5.60
CA ALA A 42 2.07 2.68 -4.81
C ALA A 42 2.57 4.10 -4.56
N LEU A 43 1.62 5.04 -4.46
CA LEU A 43 1.96 6.44 -4.22
C LEU A 43 2.80 7.00 -5.37
N GLY A 44 2.67 6.39 -6.54
CA GLY A 44 3.41 6.84 -7.70
C GLY A 44 4.76 6.15 -7.82
N LYS A 45 5.28 5.67 -6.70
CA LYS A 45 6.57 4.99 -6.69
C LYS A 45 6.39 3.49 -6.44
N SER A 46 7.49 2.74 -6.50
CA SER A 46 7.45 1.30 -6.28
C SER A 46 8.28 0.92 -5.06
N TRP A 47 8.08 -0.31 -4.58
CA TRP A 47 8.80 -0.80 -3.41
C TRP A 47 9.02 -2.30 -3.50
N HIS A 48 9.90 -2.82 -2.66
CA HIS A 48 10.21 -4.25 -2.65
C HIS A 48 9.21 -5.01 -1.80
N PRO A 49 8.71 -6.14 -2.33
CA PRO A 49 7.74 -6.98 -1.62
C PRO A 49 8.34 -7.70 -0.42
N GLU A 50 9.63 -7.44 -0.17
CA GLU A 50 10.32 -8.05 0.95
C GLU A 50 10.54 -7.05 2.08
N GLU A 51 10.70 -5.78 1.70
CA GLU A 51 10.92 -4.73 2.68
C GLU A 51 9.61 -4.02 3.03
N PHE A 52 8.78 -3.78 2.01
CA PHE A 52 7.50 -3.12 2.21
C PHE A 52 6.81 -3.63 3.48
N ASN A 53 6.82 -2.80 4.52
CA ASN A 53 6.19 -3.17 5.78
C ASN A 53 5.50 -1.97 6.41
N CYS A 54 4.53 -2.23 7.29
CA CYS A 54 3.80 -1.17 7.95
C CYS A 54 4.73 -0.27 8.75
N ALA A 55 4.17 0.76 9.38
CA ALA A 55 4.96 1.69 10.18
C ALA A 55 4.82 1.39 11.67
N HIS A 56 3.70 0.77 12.04
CA HIS A 56 3.46 0.43 13.44
C HIS A 56 3.59 -1.08 13.66
N CYS A 57 2.77 -1.86 12.97
CA CYS A 57 2.80 -3.32 13.09
C CYS A 57 3.95 -3.90 12.27
N LYS A 58 4.65 -3.04 11.55
CA LYS A 58 5.77 -3.46 10.72
C LYS A 58 5.47 -4.81 10.07
N ASN A 59 4.29 -4.93 9.48
CA ASN A 59 3.89 -6.17 8.83
C ASN A 59 3.90 -6.01 7.31
N THR A 60 3.92 -7.13 6.60
CA THR A 60 3.94 -7.11 5.14
C THR A 60 2.69 -6.41 4.59
N MET A 61 2.91 -5.36 3.81
CA MET A 61 1.82 -4.60 3.23
C MET A 61 1.71 -4.87 1.73
N ALA A 62 1.92 -6.13 1.34
CA ALA A 62 1.86 -6.51 -0.07
C ALA A 62 0.42 -6.85 -0.48
N TYR A 63 -0.22 -7.73 0.29
CA TYR A 63 -1.58 -8.14 0.02
C TYR A 63 -2.58 -7.16 0.63
N ILE A 64 -2.60 -7.10 1.96
CA ILE A 64 -3.50 -6.22 2.67
C ILE A 64 -3.42 -4.80 2.12
N GLY A 65 -4.35 -3.94 2.56
CA GLY A 65 -4.38 -2.57 2.09
C GLY A 65 -3.48 -1.66 2.92
N PHE A 66 -3.65 -0.35 2.74
CA PHE A 66 -2.85 0.62 3.49
C PHE A 66 -3.42 2.02 3.30
N VAL A 67 -3.08 2.91 4.24
CA VAL A 67 -3.56 4.29 4.19
C VAL A 67 -2.42 5.27 4.48
N GLU A 68 -2.24 6.24 3.59
CA GLU A 68 -1.19 7.24 3.76
C GLU A 68 -1.69 8.41 4.60
N GLU A 69 -0.91 8.78 5.60
CA GLU A 69 -1.27 9.89 6.49
C GLU A 69 -0.03 10.54 7.08
N LYS A 70 0.11 11.84 6.88
CA LYS A 70 1.26 12.58 7.40
C LYS A 70 2.56 11.87 7.08
N GLY A 71 2.68 11.38 5.85
CA GLY A 71 3.88 10.67 5.44
C GLY A 71 4.08 9.39 6.20
N ALA A 72 3.06 8.54 6.23
CA ALA A 72 3.13 7.26 6.93
C ALA A 72 2.06 6.30 6.42
N LEU A 73 2.46 5.05 6.18
CA LEU A 73 1.54 4.04 5.69
C LEU A 73 1.02 3.19 6.84
N TYR A 74 -0.28 2.91 6.82
CA TYR A 74 -0.92 2.09 7.86
C TYR A 74 -1.92 1.12 7.25
N CYS A 75 -1.72 -0.16 7.51
CA CYS A 75 -2.61 -1.20 7.00
C CYS A 75 -4.04 -0.97 7.48
N GLU A 76 -5.00 -1.51 6.73
CA GLU A 76 -6.41 -1.37 7.07
C GLU A 76 -6.62 -1.61 8.57
N LEU A 77 -5.89 -2.57 9.12
CA LEU A 77 -6.00 -2.90 10.53
C LEU A 77 -5.65 -1.71 11.40
N CYS A 78 -4.42 -1.23 11.27
CA CYS A 78 -3.94 -0.08 12.04
C CYS A 78 -4.86 1.12 11.85
N TYR A 79 -5.18 1.41 10.60
CA TYR A 79 -6.05 2.55 10.28
C TYR A 79 -7.39 2.43 11.01
N GLU A 80 -8.14 1.39 10.69
CA GLU A 80 -9.43 1.16 11.32
C GLU A 80 -9.33 1.26 12.84
N LYS A 81 -8.21 0.81 13.38
CA LYS A 81 -7.97 0.86 14.81
C LYS A 81 -7.94 2.30 15.32
N PHE A 82 -7.18 3.14 14.63
CA PHE A 82 -7.07 4.54 15.02
C PHE A 82 -8.13 5.38 14.31
N PHE A 83 -8.09 5.41 12.99
CA PHE A 83 -9.05 6.17 12.21
C PHE A 83 -10.49 5.79 12.57
N ALA A 84 -10.85 4.55 12.27
CA ALA A 84 -12.20 4.06 12.57
C ALA A 84 -12.34 3.74 14.05
N SER A 85 -11.95 4.69 14.90
CA SER A 85 -12.03 4.52 16.34
C SER A 85 -13.27 5.22 16.90
N GLY A 86 -13.70 4.80 18.08
CA GLY A 86 -14.86 5.39 18.71
C GLY A 86 -14.66 6.86 19.02
N PRO A 87 -15.75 7.65 18.93
CA PRO A 87 -15.71 9.09 19.20
C PRO A 87 -15.49 9.39 20.68
N SER A 88 -14.78 10.47 20.96
CA SER A 88 -14.48 10.88 22.33
C SER A 88 -13.83 9.74 23.10
N SER A 89 -12.86 9.07 22.46
CA SER A 89 -12.16 7.96 23.09
C SER A 89 -11.06 8.46 24.02
N GLY A 90 -11.24 8.22 25.32
CA GLY A 90 -10.26 8.65 26.29
C GLY A 90 -10.15 7.71 27.47
N GLY A 1 -9.13 -13.40 -25.19
CA GLY A 1 -9.04 -12.44 -24.11
C GLY A 1 -10.23 -11.50 -24.07
N SER A 2 -10.52 -10.97 -22.89
CA SER A 2 -11.65 -10.07 -22.72
C SER A 2 -11.37 -9.06 -21.59
N SER A 3 -12.24 -8.07 -21.47
CA SER A 3 -12.09 -7.04 -20.44
C SER A 3 -13.29 -7.04 -19.49
N GLY A 4 -13.01 -6.85 -18.21
CA GLY A 4 -14.08 -6.83 -17.23
C GLY A 4 -13.60 -7.25 -15.85
N SER A 5 -13.51 -6.29 -14.93
CA SER A 5 -13.05 -6.57 -13.58
C SER A 5 -13.43 -5.43 -12.63
N SER A 6 -13.96 -5.78 -11.47
CA SER A 6 -14.37 -4.79 -10.48
C SER A 6 -14.30 -5.36 -9.07
N GLY A 7 -14.04 -4.50 -8.09
CA GLY A 7 -13.96 -4.93 -6.72
C GLY A 7 -14.85 -4.13 -5.79
N ASP A 8 -14.24 -3.38 -4.88
CA ASP A 8 -14.98 -2.57 -3.93
C ASP A 8 -14.17 -1.36 -3.49
N GLN A 9 -14.66 -0.17 -3.81
CA GLN A 9 -13.97 1.07 -3.45
C GLN A 9 -14.87 1.98 -2.62
N ASP A 10 -14.87 1.77 -1.30
CA ASP A 10 -15.69 2.56 -0.40
C ASP A 10 -14.87 3.01 0.81
N THR A 11 -13.56 3.05 0.65
CA THR A 11 -12.67 3.47 1.73
C THR A 11 -11.35 4.00 1.18
N LEU A 12 -10.75 4.94 1.91
CA LEU A 12 -9.48 5.53 1.51
C LEU A 12 -8.43 4.46 1.25
N VAL A 13 -8.50 3.38 2.02
CA VAL A 13 -7.56 2.28 1.88
C VAL A 13 -7.18 2.06 0.42
N GLN A 14 -5.89 1.82 0.18
CA GLN A 14 -5.40 1.58 -1.17
C GLN A 14 -4.69 0.23 -1.27
N ARG A 15 -4.41 -0.19 -2.50
CA ARG A 15 -3.73 -1.46 -2.73
C ARG A 15 -2.67 -1.31 -3.81
N ALA A 16 -1.47 -1.83 -3.53
CA ALA A 16 -0.37 -1.76 -4.47
C ALA A 16 -0.49 -2.85 -5.54
N GLU A 17 -0.59 -2.43 -6.80
CA GLU A 17 -0.72 -3.37 -7.91
C GLU A 17 0.49 -4.32 -7.94
N HIS A 18 0.20 -5.62 -7.84
CA HIS A 18 1.25 -6.63 -7.86
C HIS A 18 1.84 -6.77 -9.25
N ILE A 19 3.05 -6.23 -9.44
CA ILE A 19 3.73 -6.28 -10.73
C ILE A 19 4.67 -7.47 -10.80
N PRO A 20 4.49 -8.32 -11.81
CA PRO A 20 5.33 -9.52 -12.02
C PRO A 20 6.75 -9.16 -12.44
N ALA A 21 7.61 -10.18 -12.54
CA ALA A 21 8.99 -9.97 -12.93
C ALA A 21 9.10 -9.69 -14.43
N GLY A 22 10.08 -8.87 -14.80
CA GLY A 22 10.27 -8.53 -16.20
C GLY A 22 9.41 -7.38 -16.64
N LYS A 23 8.10 -7.50 -16.42
CA LYS A 23 7.16 -6.45 -16.81
C LYS A 23 7.75 -5.08 -16.60
N ARG A 24 8.48 -4.92 -15.48
CA ARG A 24 9.12 -3.64 -15.17
C ARG A 24 10.11 -3.80 -14.03
N THR A 25 11.21 -3.06 -14.09
CA THR A 25 12.24 -3.12 -13.08
C THR A 25 12.70 -1.72 -12.67
N PRO A 26 11.77 -0.93 -12.12
CA PRO A 26 12.06 0.44 -11.68
C PRO A 26 12.97 0.47 -10.44
N MET A 27 13.33 1.68 -10.02
CA MET A 27 14.19 1.85 -8.87
C MET A 27 13.37 2.00 -7.59
N CYS A 28 13.67 1.19 -6.58
CA CYS A 28 12.96 1.23 -5.31
C CYS A 28 12.79 2.68 -4.84
N ALA A 29 12.02 2.86 -3.77
CA ALA A 29 11.78 4.18 -3.21
C ALA A 29 12.58 4.39 -1.93
N HIS A 30 12.65 3.35 -1.11
CA HIS A 30 13.39 3.44 0.15
C HIS A 30 14.86 3.12 -0.07
N CYS A 31 15.15 1.88 -0.47
CA CYS A 31 16.53 1.46 -0.72
C CYS A 31 17.09 2.13 -1.96
N ASN A 32 16.20 2.59 -2.84
CA ASN A 32 16.61 3.26 -4.07
C ASN A 32 17.46 2.33 -4.93
N GLN A 33 17.04 1.07 -5.03
CA GLN A 33 17.77 0.08 -5.81
C GLN A 33 16.88 -0.50 -6.90
N VAL A 34 17.44 -0.71 -8.09
CA VAL A 34 16.69 -1.26 -9.21
C VAL A 34 16.15 -2.66 -8.87
N ILE A 35 14.83 -2.78 -8.84
CA ILE A 35 14.19 -4.04 -8.53
C ILE A 35 14.27 -5.01 -9.71
N ARG A 36 15.06 -6.07 -9.54
CA ARG A 36 15.23 -7.06 -10.59
C ARG A 36 14.18 -8.17 -10.47
N GLY A 37 12.91 -7.77 -10.40
CA GLY A 37 11.84 -8.74 -10.28
C GLY A 37 10.50 -8.08 -10.02
N PRO A 38 9.58 -8.82 -9.38
CA PRO A 38 8.24 -8.32 -9.06
C PRO A 38 8.26 -7.25 -7.98
N PHE A 39 7.55 -6.15 -8.23
CA PHE A 39 7.49 -5.05 -7.29
C PHE A 39 6.05 -4.59 -7.08
N LEU A 40 5.87 -3.61 -6.20
CA LEU A 40 4.54 -3.08 -5.90
C LEU A 40 4.48 -1.58 -6.20
N VAL A 41 3.49 -1.18 -7.00
CA VAL A 41 3.32 0.22 -7.35
C VAL A 41 2.17 0.85 -6.55
N ALA A 42 2.51 1.87 -5.77
CA ALA A 42 1.50 2.56 -4.96
C ALA A 42 1.99 3.96 -4.58
N LEU A 43 1.06 4.79 -4.13
CA LEU A 43 1.38 6.16 -3.73
C LEU A 43 2.22 6.86 -4.80
N GLY A 44 2.08 6.40 -6.04
CA GLY A 44 2.83 6.99 -7.13
C GLY A 44 4.30 6.64 -7.08
N LYS A 45 4.60 5.37 -6.83
CA LYS A 45 5.99 4.91 -6.76
C LYS A 45 6.04 3.40 -6.60
N SER A 46 7.23 2.84 -6.75
CA SER A 46 7.43 1.40 -6.63
C SER A 46 8.08 1.06 -5.28
N TRP A 47 7.84 -0.15 -4.80
CA TRP A 47 8.40 -0.61 -3.53
C TRP A 47 8.67 -2.11 -3.57
N HIS A 48 9.65 -2.55 -2.79
CA HIS A 48 10.01 -3.96 -2.72
C HIS A 48 9.00 -4.73 -1.86
N PRO A 49 8.59 -5.91 -2.36
CA PRO A 49 7.64 -6.77 -1.67
C PRO A 49 8.22 -7.40 -0.41
N GLU A 50 9.46 -7.03 -0.11
CA GLU A 50 10.14 -7.57 1.08
C GLU A 50 10.25 -6.50 2.16
N GLU A 51 10.51 -5.27 1.75
CA GLU A 51 10.64 -4.16 2.69
C GLU A 51 9.28 -3.54 2.98
N PHE A 52 8.48 -3.35 1.93
CA PHE A 52 7.15 -2.76 2.08
C PHE A 52 6.44 -3.31 3.31
N ASN A 53 6.47 -2.54 4.40
CA ASN A 53 5.82 -2.95 5.64
C ASN A 53 5.18 -1.76 6.34
N CYS A 54 4.34 -2.05 7.33
CA CYS A 54 3.66 -0.99 8.08
C CYS A 54 4.66 -0.20 8.92
N ALA A 55 4.18 0.85 9.57
CA ALA A 55 5.02 1.69 10.40
C ALA A 55 4.79 1.41 11.89
N HIS A 56 3.60 0.90 12.21
CA HIS A 56 3.25 0.58 13.59
C HIS A 56 3.33 -0.93 13.84
N CYS A 57 2.54 -1.69 13.10
CA CYS A 57 2.52 -3.14 13.24
C CYS A 57 3.67 -3.77 12.47
N LYS A 58 4.35 -2.96 11.66
CA LYS A 58 5.47 -3.45 10.86
C LYS A 58 5.18 -4.81 10.26
N ASN A 59 4.03 -4.93 9.60
CA ASN A 59 3.62 -6.18 8.97
C ASN A 59 3.62 -6.05 7.45
N THR A 60 3.82 -7.18 6.77
CA THR A 60 3.85 -7.20 5.32
C THR A 60 2.62 -6.48 4.73
N MET A 61 2.88 -5.39 4.02
CA MET A 61 1.79 -4.62 3.41
C MET A 61 1.72 -4.87 1.91
N ALA A 62 1.84 -6.13 1.52
CA ALA A 62 1.80 -6.52 0.11
C ALA A 62 0.40 -6.98 -0.29
N TYR A 63 -0.18 -7.84 0.54
CA TYR A 63 -1.52 -8.36 0.27
C TYR A 63 -2.59 -7.45 0.85
N ILE A 64 -2.37 -7.01 2.09
CA ILE A 64 -3.32 -6.13 2.76
C ILE A 64 -3.24 -4.71 2.22
N GLY A 65 -4.18 -3.87 2.62
CA GLY A 65 -4.20 -2.49 2.16
C GLY A 65 -3.30 -1.59 2.99
N PHE A 66 -3.34 -0.29 2.72
CA PHE A 66 -2.53 0.67 3.45
C PHE A 66 -3.09 2.09 3.27
N VAL A 67 -2.75 2.97 4.20
CA VAL A 67 -3.20 4.36 4.15
C VAL A 67 -2.06 5.32 4.43
N GLU A 68 -1.88 6.29 3.53
CA GLU A 68 -0.83 7.29 3.67
C GLU A 68 -1.30 8.48 4.50
N GLU A 69 -0.61 8.73 5.61
CA GLU A 69 -0.95 9.84 6.50
C GLU A 69 0.29 10.43 7.14
N LYS A 70 0.55 11.71 6.86
CA LYS A 70 1.71 12.39 7.41
C LYS A 70 2.98 11.59 7.17
N GLY A 71 3.15 11.09 5.95
CA GLY A 71 4.32 10.33 5.60
C GLY A 71 4.41 9.02 6.39
N ALA A 72 3.31 8.27 6.40
CA ALA A 72 3.27 7.00 7.11
C ALA A 72 2.18 6.09 6.55
N LEU A 73 2.58 4.91 6.11
CA LEU A 73 1.65 3.94 5.54
C LEU A 73 1.09 3.02 6.63
N TYR A 74 -0.22 3.06 6.83
CA TYR A 74 -0.87 2.23 7.84
C TYR A 74 -1.86 1.26 7.17
N CYS A 75 -1.75 -0.01 7.54
CA CYS A 75 -2.64 -1.03 7.00
C CYS A 75 -4.08 -0.80 7.43
N GLU A 76 -5.02 -1.34 6.67
CA GLU A 76 -6.44 -1.19 6.98
C GLU A 76 -6.71 -1.47 8.45
N LEU A 77 -5.96 -2.43 9.02
CA LEU A 77 -6.12 -2.79 10.43
C LEU A 77 -5.82 -1.60 11.33
N CYS A 78 -4.56 -1.14 11.28
CA CYS A 78 -4.14 0.00 12.10
C CYS A 78 -5.09 1.18 11.92
N TYR A 79 -5.35 1.55 10.67
CA TYR A 79 -6.23 2.66 10.37
C TYR A 79 -7.57 2.49 11.08
N GLU A 80 -8.32 1.47 10.69
CA GLU A 80 -9.62 1.20 11.29
C GLU A 80 -9.54 1.20 12.82
N LYS A 81 -8.41 0.72 13.33
CA LYS A 81 -8.20 0.66 14.78
C LYS A 81 -8.16 2.07 15.37
N PHE A 82 -7.35 2.93 14.79
CA PHE A 82 -7.22 4.31 15.27
C PHE A 82 -8.29 5.20 14.62
N PHE A 83 -8.24 5.32 13.30
CA PHE A 83 -9.19 6.14 12.57
C PHE A 83 -10.62 5.73 12.89
N ALA A 84 -10.99 4.51 12.50
CA ALA A 84 -12.32 3.99 12.74
C ALA A 84 -12.45 3.45 14.16
N SER A 85 -12.03 4.25 15.14
CA SER A 85 -12.09 3.85 16.53
C SER A 85 -13.44 4.23 17.15
N GLY A 86 -13.76 3.59 18.27
CA GLY A 86 -15.02 3.87 18.95
C GLY A 86 -15.07 5.28 19.52
N PRO A 87 -16.27 5.88 19.51
CA PRO A 87 -16.47 7.24 20.04
C PRO A 87 -16.34 7.30 21.56
N SER A 88 -15.37 8.08 22.02
CA SER A 88 -15.13 8.23 23.45
C SER A 88 -14.97 9.70 23.83
N SER A 89 -15.03 9.99 25.12
CA SER A 89 -14.89 11.35 25.61
C SER A 89 -13.43 11.72 25.79
N GLY A 90 -13.18 12.97 26.17
CA GLY A 90 -11.82 13.44 26.37
C GLY A 90 -11.01 12.49 27.23
N GLY A 1 -12.59 0.88 -28.61
CA GLY A 1 -13.47 1.13 -27.49
C GLY A 1 -12.75 1.75 -26.31
N SER A 2 -13.51 2.25 -25.35
CA SER A 2 -12.93 2.88 -24.16
C SER A 2 -13.77 2.59 -22.92
N SER A 3 -13.15 2.67 -21.76
CA SER A 3 -13.85 2.42 -20.50
C SER A 3 -13.25 3.25 -19.37
N GLY A 4 -14.03 3.46 -18.31
CA GLY A 4 -13.57 4.24 -17.18
C GLY A 4 -13.05 3.37 -16.06
N SER A 5 -12.47 4.00 -15.04
CA SER A 5 -11.92 3.29 -13.90
C SER A 5 -12.50 3.81 -12.60
N SER A 6 -13.33 2.99 -11.95
CA SER A 6 -13.97 3.37 -10.70
C SER A 6 -13.19 2.81 -9.51
N GLY A 7 -13.55 3.25 -8.31
CA GLY A 7 -12.89 2.77 -7.11
C GLY A 7 -13.40 1.40 -6.68
N ASP A 8 -12.73 0.82 -5.69
CA ASP A 8 -13.11 -0.50 -5.19
C ASP A 8 -13.53 -0.42 -3.72
N GLN A 9 -13.01 0.59 -3.02
CA GLN A 9 -13.33 0.77 -1.61
C GLN A 9 -13.81 2.20 -1.34
N ASP A 10 -14.37 2.41 -0.16
CA ASP A 10 -14.87 3.73 0.23
C ASP A 10 -14.02 4.33 1.35
N THR A 11 -12.79 3.86 1.46
CA THR A 11 -11.87 4.34 2.49
C THR A 11 -10.48 4.58 1.92
N LEU A 12 -9.78 5.59 2.44
CA LEU A 12 -8.44 5.91 1.99
C LEU A 12 -7.65 4.65 1.66
N VAL A 13 -7.91 3.58 2.41
CA VAL A 13 -7.22 2.32 2.20
C VAL A 13 -6.95 2.09 0.72
N GLN A 14 -5.66 2.00 0.37
CA GLN A 14 -5.27 1.78 -1.02
C GLN A 14 -4.65 0.39 -1.19
N ARG A 15 -4.33 0.05 -2.43
CA ARG A 15 -3.74 -1.25 -2.74
C ARG A 15 -2.72 -1.13 -3.87
N ALA A 16 -1.49 -1.55 -3.60
CA ALA A 16 -0.42 -1.49 -4.59
C ALA A 16 -0.63 -2.54 -5.68
N GLU A 17 -0.61 -2.10 -6.93
CA GLU A 17 -0.81 -3.01 -8.05
C GLU A 17 0.28 -4.07 -8.09
N HIS A 18 -0.08 -5.30 -7.74
CA HIS A 18 0.87 -6.40 -7.73
C HIS A 18 1.44 -6.65 -9.13
N ILE A 19 2.70 -6.28 -9.32
CA ILE A 19 3.35 -6.46 -10.61
C ILE A 19 4.19 -7.74 -10.63
N PRO A 20 3.89 -8.64 -11.58
CA PRO A 20 4.60 -9.90 -11.73
C PRO A 20 6.04 -9.71 -12.22
N ALA A 21 6.85 -10.76 -12.10
CA ALA A 21 8.23 -10.71 -12.53
C ALA A 21 8.33 -10.59 -14.05
N GLY A 22 9.34 -9.87 -14.51
CA GLY A 22 9.52 -9.69 -15.95
C GLY A 22 8.76 -8.50 -16.50
N LYS A 23 7.53 -8.33 -16.01
CA LYS A 23 6.69 -7.23 -16.46
C LYS A 23 7.49 -5.94 -16.55
N ARG A 24 7.91 -5.42 -15.40
CA ARG A 24 8.69 -4.19 -15.37
C ARG A 24 9.84 -4.30 -14.37
N THR A 25 10.86 -3.47 -14.56
CA THR A 25 12.02 -3.48 -13.68
C THR A 25 12.31 -2.09 -13.12
N PRO A 26 11.32 -1.51 -12.43
CA PRO A 26 11.44 -0.19 -11.82
C PRO A 26 12.42 -0.16 -10.65
N MET A 27 12.90 1.03 -10.32
CA MET A 27 13.84 1.19 -9.21
C MET A 27 13.10 1.41 -7.90
N CYS A 28 13.47 0.64 -6.88
CA CYS A 28 12.85 0.74 -5.57
C CYS A 28 12.79 2.20 -5.11
N ALA A 29 12.00 2.46 -4.06
CA ALA A 29 11.87 3.81 -3.53
C ALA A 29 12.73 3.99 -2.28
N HIS A 30 12.88 2.93 -1.51
CA HIS A 30 13.69 2.96 -0.29
C HIS A 30 15.17 2.76 -0.61
N CYS A 31 15.52 1.53 -0.96
CA CYS A 31 16.90 1.19 -1.29
C CYS A 31 17.29 1.75 -2.65
N ASN A 32 16.29 2.00 -3.49
CA ASN A 32 16.53 2.54 -4.83
C ASN A 32 17.38 1.58 -5.65
N GLN A 33 16.97 0.31 -5.70
CA GLN A 33 17.69 -0.70 -6.45
C GLN A 33 16.79 -1.37 -7.47
N VAL A 34 17.29 -1.51 -8.70
CA VAL A 34 16.52 -2.14 -9.78
C VAL A 34 15.86 -3.42 -9.29
N ILE A 35 14.58 -3.58 -9.63
CA ILE A 35 13.83 -4.77 -9.23
C ILE A 35 13.65 -5.72 -10.41
N ARG A 36 13.98 -6.98 -10.20
CA ARG A 36 13.86 -7.99 -11.24
C ARG A 36 12.54 -8.75 -11.10
N GLY A 37 12.31 -9.30 -9.92
CA GLY A 37 11.08 -10.05 -9.68
C GLY A 37 9.88 -9.14 -9.52
N PRO A 38 8.85 -9.65 -8.82
CA PRO A 38 7.61 -8.91 -8.58
C PRO A 38 7.81 -7.75 -7.62
N PHE A 39 7.04 -6.68 -7.81
CA PHE A 39 7.14 -5.50 -6.96
C PHE A 39 5.76 -4.87 -6.75
N LEU A 40 5.72 -3.82 -5.93
CA LEU A 40 4.47 -3.12 -5.64
C LEU A 40 4.57 -1.65 -6.00
N VAL A 41 3.71 -1.21 -6.92
CA VAL A 41 3.71 0.19 -7.35
C VAL A 41 2.58 0.96 -6.67
N ALA A 42 2.96 1.88 -5.78
CA ALA A 42 1.99 2.69 -5.07
C ALA A 42 2.55 4.09 -4.77
N LEU A 43 1.66 5.08 -4.70
CA LEU A 43 2.07 6.45 -4.42
C LEU A 43 3.01 6.97 -5.50
N GLY A 44 2.73 6.60 -6.75
CA GLY A 44 3.56 7.04 -7.86
C GLY A 44 4.99 6.53 -7.75
N LYS A 45 5.13 5.28 -7.34
CA LYS A 45 6.45 4.67 -7.19
C LYS A 45 6.33 3.19 -6.88
N SER A 46 7.46 2.48 -6.91
CA SER A 46 7.48 1.06 -6.64
C SER A 46 8.39 0.74 -5.45
N TRP A 47 8.03 -0.28 -4.69
CA TRP A 47 8.81 -0.69 -3.53
C TRP A 47 9.05 -2.18 -3.53
N HIS A 48 9.98 -2.63 -2.69
CA HIS A 48 10.32 -4.05 -2.59
C HIS A 48 9.31 -4.78 -1.71
N PRO A 49 8.76 -5.89 -2.23
CA PRO A 49 7.79 -6.71 -1.50
C PRO A 49 8.42 -7.46 -0.32
N GLU A 50 9.69 -7.18 -0.07
CA GLU A 50 10.40 -7.82 1.03
C GLU A 50 10.59 -6.85 2.20
N GLU A 51 10.72 -5.56 1.88
CA GLU A 51 10.90 -4.54 2.90
C GLU A 51 9.60 -3.79 3.16
N PHE A 52 8.85 -3.54 2.09
CA PHE A 52 7.58 -2.83 2.20
C PHE A 52 6.79 -3.31 3.42
N ASN A 53 6.77 -2.48 4.47
CA ASN A 53 6.06 -2.81 5.69
C ASN A 53 5.32 -1.59 6.24
N CYS A 54 4.51 -1.82 7.26
CA CYS A 54 3.74 -0.75 7.88
C CYS A 54 4.66 0.24 8.58
N ALA A 55 4.09 1.35 9.04
CA ALA A 55 4.86 2.38 9.73
C ALA A 55 4.65 2.29 11.25
N HIS A 56 3.64 1.53 11.65
CA HIS A 56 3.34 1.35 13.07
C HIS A 56 3.57 -0.10 13.50
N CYS A 57 3.08 -1.03 12.70
CA CYS A 57 3.23 -2.44 13.00
C CYS A 57 4.30 -3.08 12.11
N LYS A 58 4.85 -2.28 11.20
CA LYS A 58 5.89 -2.76 10.29
C LYS A 58 5.52 -4.13 9.73
N ASN A 59 4.26 -4.30 9.36
CA ASN A 59 3.78 -5.56 8.80
C ASN A 59 3.74 -5.49 7.28
N THR A 60 3.97 -6.64 6.64
CA THR A 60 3.96 -6.72 5.18
C THR A 60 2.74 -6.00 4.61
N MET A 61 2.99 -4.89 3.92
CA MET A 61 1.91 -4.11 3.31
C MET A 61 1.81 -4.40 1.83
N ALA A 62 1.97 -5.67 1.46
CA ALA A 62 1.89 -6.08 0.07
C ALA A 62 0.45 -6.38 -0.34
N TYR A 63 -0.14 -7.39 0.28
CA TYR A 63 -1.51 -7.78 -0.02
C TYR A 63 -2.50 -6.83 0.66
N ILE A 64 -2.36 -6.68 1.97
CA ILE A 64 -3.25 -5.80 2.74
C ILE A 64 -3.22 -4.38 2.18
N GLY A 65 -4.15 -3.55 2.65
CA GLY A 65 -4.21 -2.17 2.19
C GLY A 65 -3.28 -1.26 2.97
N PHE A 66 -3.38 0.04 2.70
CA PHE A 66 -2.55 1.03 3.39
C PHE A 66 -3.08 2.44 3.16
N VAL A 67 -2.84 3.31 4.13
CA VAL A 67 -3.28 4.70 4.05
C VAL A 67 -2.14 5.67 4.31
N GLU A 68 -1.95 6.61 3.39
CA GLU A 68 -0.89 7.60 3.52
C GLU A 68 -1.36 8.80 4.35
N GLU A 69 -0.60 9.11 5.40
CA GLU A 69 -0.94 10.22 6.27
C GLU A 69 0.29 10.71 7.05
N LYS A 70 0.57 11.99 6.95
CA LYS A 70 1.73 12.57 7.64
C LYS A 70 2.99 11.78 7.36
N GLY A 71 3.22 11.46 6.09
CA GLY A 71 4.39 10.70 5.71
C GLY A 71 4.47 9.36 6.42
N ALA A 72 3.41 8.57 6.30
CA ALA A 72 3.36 7.25 6.93
C ALA A 72 2.21 6.42 6.39
N LEU A 73 2.49 5.17 6.09
CA LEU A 73 1.48 4.26 5.54
C LEU A 73 0.97 3.31 6.62
N TYR A 74 -0.34 3.34 6.86
CA TYR A 74 -0.96 2.49 7.87
C TYR A 74 -1.88 1.46 7.22
N CYS A 75 -1.68 0.19 7.58
CA CYS A 75 -2.49 -0.89 7.03
C CYS A 75 -3.93 -0.78 7.49
N GLU A 76 -4.86 -1.07 6.59
CA GLU A 76 -6.28 -1.00 6.90
C GLU A 76 -6.55 -1.40 8.35
N LEU A 77 -5.81 -2.41 8.82
CA LEU A 77 -5.96 -2.89 10.20
C LEU A 77 -5.69 -1.77 11.20
N CYS A 78 -4.50 -1.19 11.11
CA CYS A 78 -4.12 -0.10 12.01
C CYS A 78 -5.12 1.04 11.95
N TYR A 79 -5.30 1.60 10.77
CA TYR A 79 -6.24 2.70 10.58
C TYR A 79 -7.62 2.34 11.12
N GLU A 80 -8.13 1.19 10.68
CA GLU A 80 -9.44 0.72 11.11
C GLU A 80 -9.49 0.57 12.63
N LYS A 81 -8.32 0.37 13.24
CA LYS A 81 -8.22 0.19 14.68
C LYS A 81 -8.10 1.54 15.38
N PHE A 82 -7.48 2.51 14.70
CA PHE A 82 -7.30 3.84 15.27
C PHE A 82 -8.38 4.79 14.74
N PHE A 83 -8.40 4.99 13.43
CA PHE A 83 -9.37 5.88 12.81
C PHE A 83 -10.79 5.42 13.09
N ALA A 84 -11.22 4.36 12.43
CA ALA A 84 -12.56 3.81 12.62
C ALA A 84 -12.83 3.52 14.09
N SER A 85 -12.24 2.45 14.60
CA SER A 85 -12.42 2.07 16.00
C SER A 85 -11.76 3.07 16.93
N GLY A 86 -12.33 3.23 18.12
CA GLY A 86 -11.78 4.16 19.09
C GLY A 86 -12.30 3.92 20.48
N PRO A 87 -11.39 3.62 21.42
CA PRO A 87 -11.74 3.35 22.81
C PRO A 87 -12.20 4.61 23.54
N SER A 88 -13.41 4.56 24.10
CA SER A 88 -13.97 5.70 24.82
C SER A 88 -13.36 5.80 26.22
N SER A 89 -13.27 4.67 26.91
CA SER A 89 -12.70 4.64 28.26
C SER A 89 -11.18 4.52 28.21
N GLY A 90 -10.57 5.24 27.28
CA GLY A 90 -9.12 5.20 27.14
C GLY A 90 -8.65 5.79 25.84
N GLY A 1 -22.64 6.58 -28.88
CA GLY A 1 -21.95 7.12 -27.72
C GLY A 1 -22.81 7.09 -26.48
N SER A 2 -22.17 6.91 -25.32
CA SER A 2 -22.88 6.85 -24.05
C SER A 2 -22.89 8.23 -23.38
N SER A 3 -21.73 8.84 -23.29
CA SER A 3 -21.61 10.16 -22.67
C SER A 3 -22.27 10.17 -21.30
N GLY A 4 -22.05 9.11 -20.53
CA GLY A 4 -22.64 9.01 -19.20
C GLY A 4 -21.59 8.98 -18.11
N SER A 5 -21.98 8.47 -16.94
CA SER A 5 -21.07 8.39 -15.80
C SER A 5 -21.31 7.11 -15.00
N SER A 6 -20.23 6.45 -14.61
CA SER A 6 -20.33 5.21 -13.84
C SER A 6 -19.05 4.96 -13.04
N GLY A 7 -19.21 4.69 -11.75
CA GLY A 7 -18.07 4.45 -10.90
C GLY A 7 -18.46 3.99 -9.51
N ASP A 8 -17.71 3.04 -8.96
CA ASP A 8 -18.00 2.52 -7.63
C ASP A 8 -17.17 3.25 -6.57
N GLN A 9 -17.66 3.26 -5.33
CA GLN A 9 -16.95 3.91 -4.24
C GLN A 9 -16.28 2.90 -3.33
N ASP A 10 -15.19 3.30 -2.70
CA ASP A 10 -14.44 2.42 -1.81
C ASP A 10 -13.78 3.22 -0.69
N THR A 11 -13.31 2.51 0.33
CA THR A 11 -12.64 3.16 1.46
C THR A 11 -11.33 3.79 1.05
N LEU A 12 -11.01 4.95 1.62
CA LEU A 12 -9.78 5.65 1.30
C LEU A 12 -8.61 4.67 1.16
N VAL A 13 -8.70 3.56 1.89
CA VAL A 13 -7.65 2.54 1.84
C VAL A 13 -7.15 2.33 0.42
N GLN A 14 -5.86 2.58 0.21
CA GLN A 14 -5.25 2.42 -1.10
C GLN A 14 -4.77 0.99 -1.31
N ARG A 15 -4.18 0.73 -2.46
CA ARG A 15 -3.68 -0.60 -2.78
C ARG A 15 -2.53 -0.53 -3.80
N ALA A 16 -1.56 -1.43 -3.65
CA ALA A 16 -0.41 -1.45 -4.56
C ALA A 16 -0.59 -2.51 -5.63
N GLU A 17 -0.47 -2.10 -6.88
CA GLU A 17 -0.62 -3.01 -8.01
C GLU A 17 0.56 -3.97 -8.10
N HIS A 18 0.27 -5.26 -8.03
CA HIS A 18 1.31 -6.29 -8.10
C HIS A 18 1.90 -6.37 -9.50
N ILE A 19 3.18 -6.06 -9.61
CA ILE A 19 3.87 -6.09 -10.90
C ILE A 19 4.74 -7.34 -11.02
N PRO A 20 4.60 -8.05 -12.15
CA PRO A 20 5.38 -9.27 -12.42
C PRO A 20 6.85 -8.98 -12.67
N ALA A 21 7.67 -10.03 -12.62
CA ALA A 21 9.10 -9.89 -12.85
C ALA A 21 9.41 -9.68 -14.33
N GLY A 22 10.52 -9.01 -14.61
CA GLY A 22 10.91 -8.76 -15.99
C GLY A 22 10.10 -7.63 -16.62
N LYS A 23 8.79 -7.69 -16.46
CA LYS A 23 7.90 -6.68 -17.02
C LYS A 23 8.42 -5.27 -16.69
N ARG A 24 8.87 -5.09 -15.45
CA ARG A 24 9.39 -3.80 -15.02
C ARG A 24 10.46 -3.98 -13.94
N THR A 25 11.53 -3.21 -14.06
CA THR A 25 12.64 -3.28 -13.10
C THR A 25 13.10 -1.89 -12.69
N PRO A 26 12.18 -1.11 -12.13
CA PRO A 26 12.47 0.26 -11.68
C PRO A 26 13.38 0.28 -10.46
N MET A 27 13.66 1.48 -9.95
CA MET A 27 14.51 1.64 -8.78
C MET A 27 13.67 1.80 -7.51
N CYS A 28 13.90 0.92 -6.55
CA CYS A 28 13.17 0.96 -5.28
C CYS A 28 13.18 2.37 -4.70
N ALA A 29 12.39 2.56 -3.64
CA ALA A 29 12.32 3.86 -2.98
C ALA A 29 13.07 3.85 -1.65
N HIS A 30 12.86 2.79 -0.87
CA HIS A 30 13.52 2.65 0.43
C HIS A 30 15.00 2.33 0.26
N CYS A 31 15.28 1.18 -0.34
CA CYS A 31 16.65 0.75 -0.56
C CYS A 31 17.23 1.41 -1.80
N ASN A 32 16.36 1.80 -2.73
CA ASN A 32 16.79 2.45 -3.96
C ASN A 32 17.69 1.52 -4.78
N GLN A 33 17.28 0.27 -4.92
CA GLN A 33 18.04 -0.71 -5.67
C GLN A 33 17.19 -1.34 -6.78
N VAL A 34 17.81 -1.57 -7.93
CA VAL A 34 17.12 -2.17 -9.07
C VAL A 34 16.32 -3.40 -8.63
N ILE A 35 15.04 -3.42 -8.98
CA ILE A 35 14.18 -4.54 -8.63
C ILE A 35 14.08 -5.53 -9.77
N ARG A 36 14.79 -6.65 -9.65
CA ARG A 36 14.78 -7.69 -10.67
C ARG A 36 13.49 -8.49 -10.63
N GLY A 37 12.99 -8.73 -9.42
CA GLY A 37 11.77 -9.49 -9.25
C GLY A 37 10.53 -8.61 -9.27
N PRO A 38 9.38 -9.18 -8.90
CA PRO A 38 8.10 -8.46 -8.87
C PRO A 38 8.05 -7.43 -7.75
N PHE A 39 7.77 -6.18 -8.11
CA PHE A 39 7.69 -5.09 -7.14
C PHE A 39 6.24 -4.65 -6.95
N LEU A 40 6.05 -3.68 -6.06
CA LEU A 40 4.72 -3.15 -5.78
C LEU A 40 4.65 -1.65 -6.07
N VAL A 41 3.74 -1.27 -6.97
CA VAL A 41 3.58 0.13 -7.33
C VAL A 41 2.31 0.72 -6.72
N ALA A 42 2.49 1.65 -5.80
CA ALA A 42 1.36 2.29 -5.13
C ALA A 42 1.49 3.81 -5.17
N LEU A 43 2.46 4.34 -4.43
CA LEU A 43 2.68 5.78 -4.38
C LEU A 43 3.62 6.22 -5.49
N GLY A 44 3.10 6.26 -6.72
CA GLY A 44 3.89 6.67 -7.86
C GLY A 44 5.34 6.19 -7.76
N LYS A 45 5.54 5.07 -7.08
CA LYS A 45 6.87 4.51 -6.91
C LYS A 45 6.81 2.99 -6.77
N SER A 46 7.97 2.35 -6.83
CA SER A 46 8.05 0.90 -6.72
C SER A 46 8.72 0.49 -5.42
N TRP A 47 8.07 -0.40 -4.68
CA TRP A 47 8.60 -0.88 -3.41
C TRP A 47 8.71 -2.40 -3.40
N HIS A 48 9.77 -2.91 -2.79
CA HIS A 48 9.98 -4.35 -2.71
C HIS A 48 8.89 -5.02 -1.89
N PRO A 49 8.43 -6.19 -2.36
CA PRO A 49 7.38 -6.95 -1.69
C PRO A 49 7.85 -7.55 -0.37
N GLU A 50 9.13 -7.38 -0.07
CA GLU A 50 9.71 -7.91 1.15
C GLU A 50 9.88 -6.81 2.20
N GLU A 51 10.28 -5.63 1.75
CA GLU A 51 10.48 -4.50 2.64
C GLU A 51 9.17 -3.77 2.90
N PHE A 52 8.38 -3.56 1.84
CA PHE A 52 7.10 -2.88 1.96
C PHE A 52 6.33 -3.40 3.16
N ASN A 53 6.45 -2.70 4.29
CA ASN A 53 5.76 -3.09 5.51
C ASN A 53 5.12 -1.87 6.19
N CYS A 54 4.20 -2.13 7.11
CA CYS A 54 3.52 -1.06 7.83
C CYS A 54 4.52 -0.23 8.64
N ALA A 55 4.02 0.82 9.28
CA ALA A 55 4.87 1.69 10.08
C ALA A 55 4.73 1.37 11.57
N HIS A 56 3.57 0.84 11.95
CA HIS A 56 3.32 0.49 13.35
C HIS A 56 3.46 -1.00 13.56
N CYS A 57 2.65 -1.78 12.86
CA CYS A 57 2.68 -3.24 12.97
C CYS A 57 3.81 -3.82 12.12
N LYS A 58 4.46 -2.97 11.34
CA LYS A 58 5.55 -3.40 10.48
C LYS A 58 5.27 -4.77 9.88
N ASN A 59 4.07 -4.92 9.33
CA ASN A 59 3.68 -6.19 8.71
C ASN A 59 3.55 -6.05 7.20
N THR A 60 3.64 -7.17 6.49
CA THR A 60 3.54 -7.17 5.04
C THR A 60 2.26 -6.49 4.58
N MET A 61 2.40 -5.47 3.73
CA MET A 61 1.26 -4.73 3.23
C MET A 61 1.09 -4.96 1.72
N ALA A 62 1.24 -6.22 1.31
CA ALA A 62 1.11 -6.58 -0.11
C ALA A 62 -0.35 -6.85 -0.46
N TYR A 63 -0.92 -7.87 0.16
CA TYR A 63 -2.32 -8.25 -0.10
C TYR A 63 -3.26 -7.19 0.45
N ILE A 64 -3.24 -6.99 1.76
CA ILE A 64 -4.09 -6.00 2.40
C ILE A 64 -3.79 -4.60 1.90
N GLY A 65 -4.66 -3.65 2.25
CA GLY A 65 -4.48 -2.28 1.81
C GLY A 65 -3.88 -1.41 2.90
N PHE A 66 -3.54 -0.17 2.55
CA PHE A 66 -2.96 0.75 3.51
C PHE A 66 -3.49 2.17 3.28
N VAL A 67 -3.06 3.10 4.13
CA VAL A 67 -3.50 4.49 4.02
C VAL A 67 -2.32 5.44 4.25
N GLU A 68 -2.14 6.38 3.31
CA GLU A 68 -1.06 7.35 3.41
C GLU A 68 -1.49 8.56 4.22
N GLU A 69 -0.76 8.85 5.30
CA GLU A 69 -1.07 9.98 6.16
C GLU A 69 0.18 10.79 6.46
N LYS A 70 0.23 12.01 5.94
CA LYS A 70 1.38 12.89 6.17
C LYS A 70 2.69 12.11 6.06
N GLY A 71 2.75 11.19 5.11
CA GLY A 71 3.94 10.40 4.92
C GLY A 71 4.00 9.19 5.83
N ALA A 72 2.88 8.47 5.91
CA ALA A 72 2.80 7.29 6.76
C ALA A 72 1.76 6.30 6.22
N LEU A 73 2.20 5.08 5.95
CA LEU A 73 1.31 4.04 5.44
C LEU A 73 0.84 3.13 6.55
N TYR A 74 -0.48 3.05 6.71
CA TYR A 74 -1.07 2.21 7.75
C TYR A 74 -2.10 1.25 7.16
N CYS A 75 -1.94 -0.03 7.45
CA CYS A 75 -2.86 -1.05 6.95
C CYS A 75 -4.28 -0.81 7.45
N GLU A 76 -5.26 -1.16 6.63
CA GLU A 76 -6.66 -0.98 7.00
C GLU A 76 -6.92 -1.43 8.43
N LEU A 77 -6.09 -2.35 8.91
CA LEU A 77 -6.22 -2.87 10.28
C LEU A 77 -5.86 -1.80 11.30
N CYS A 78 -4.69 -1.19 11.13
CA CYS A 78 -4.23 -0.16 12.04
C CYS A 78 -5.16 1.04 12.02
N TYR A 79 -5.44 1.54 10.82
CA TYR A 79 -6.33 2.69 10.66
C TYR A 79 -7.63 2.50 11.45
N GLU A 80 -8.40 1.50 11.06
CA GLU A 80 -9.66 1.20 11.73
C GLU A 80 -9.47 1.10 13.24
N LYS A 81 -8.28 0.65 13.64
CA LYS A 81 -7.96 0.49 15.05
C LYS A 81 -7.79 1.86 15.72
N PHE A 82 -7.06 2.75 15.06
CA PHE A 82 -6.82 4.09 15.59
C PHE A 82 -7.86 5.07 15.07
N PHE A 83 -7.89 5.26 13.76
CA PHE A 83 -8.84 6.18 13.14
C PHE A 83 -10.27 5.82 13.52
N ALA A 84 -10.70 4.63 13.13
CA ALA A 84 -12.05 4.16 13.43
C ALA A 84 -12.15 3.67 14.87
N SER A 85 -11.75 4.51 15.81
CA SER A 85 -11.79 4.15 17.23
C SER A 85 -12.78 5.04 17.98
N GLY A 86 -13.26 4.53 19.11
CA GLY A 86 -14.21 5.29 19.92
C GLY A 86 -15.57 4.62 19.99
N PRO A 87 -16.49 5.04 19.09
CA PRO A 87 -17.85 4.49 19.04
C PRO A 87 -17.87 3.06 18.54
N SER A 88 -17.73 2.10 19.46
CA SER A 88 -17.73 0.69 19.10
C SER A 88 -18.32 -0.16 20.23
N SER A 89 -19.14 -1.13 19.87
CA SER A 89 -19.77 -2.00 20.86
C SER A 89 -18.91 -3.24 21.11
N GLY A 90 -17.93 -3.09 21.99
CA GLY A 90 -17.05 -4.20 22.30
C GLY A 90 -16.17 -3.92 23.50
N GLY A 1 -12.27 -2.45 -15.82
CA GLY A 1 -12.07 -2.32 -14.38
C GLY A 1 -12.89 -3.31 -13.58
N SER A 2 -13.10 -3.01 -12.30
CA SER A 2 -13.86 -3.89 -11.43
C SER A 2 -15.35 -3.53 -11.47
N SER A 3 -16.19 -4.50 -11.12
CA SER A 3 -17.64 -4.30 -11.13
C SER A 3 -18.20 -4.35 -9.71
N GLY A 4 -19.28 -3.61 -9.48
CA GLY A 4 -19.89 -3.58 -8.17
C GLY A 4 -21.02 -2.58 -8.08
N SER A 5 -22.22 -3.05 -7.76
CA SER A 5 -23.38 -2.18 -7.65
C SER A 5 -23.43 -1.51 -6.28
N SER A 6 -22.91 -0.29 -6.21
CA SER A 6 -22.88 0.46 -4.96
C SER A 6 -23.00 1.96 -5.22
N GLY A 7 -23.03 2.75 -4.15
CA GLY A 7 -23.14 4.19 -4.28
C GLY A 7 -22.18 4.93 -3.38
N ASP A 8 -22.17 4.58 -2.10
CA ASP A 8 -21.29 5.22 -1.13
C ASP A 8 -20.43 4.19 -0.41
N GLN A 9 -19.89 3.24 -1.17
CA GLN A 9 -19.06 2.19 -0.61
C GLN A 9 -17.62 2.34 -1.08
N ASP A 10 -16.84 3.15 -0.37
CA ASP A 10 -15.44 3.37 -0.71
C ASP A 10 -14.66 3.91 0.49
N THR A 11 -13.47 3.36 0.70
CA THR A 11 -12.63 3.78 1.83
C THR A 11 -11.28 4.29 1.33
N LEU A 12 -10.78 5.32 1.98
CA LEU A 12 -9.49 5.91 1.61
C LEU A 12 -8.44 4.82 1.40
N VAL A 13 -8.52 3.77 2.21
CA VAL A 13 -7.58 2.65 2.10
C VAL A 13 -7.17 2.40 0.65
N GLN A 14 -5.86 2.44 0.40
CA GLN A 14 -5.34 2.22 -0.95
C GLN A 14 -4.54 0.92 -1.01
N ARG A 15 -4.48 0.32 -2.19
CA ARG A 15 -3.75 -0.92 -2.39
C ARG A 15 -2.70 -0.77 -3.50
N ALA A 16 -1.74 -1.67 -3.53
CA ALA A 16 -0.68 -1.64 -4.53
C ALA A 16 -0.91 -2.69 -5.61
N GLU A 17 -0.56 -2.36 -6.85
CA GLU A 17 -0.73 -3.28 -7.96
C GLU A 17 0.44 -4.25 -8.05
N HIS A 18 0.16 -5.53 -7.79
CA HIS A 18 1.19 -6.56 -7.84
C HIS A 18 1.83 -6.63 -9.22
N ILE A 19 3.15 -6.49 -9.27
CA ILE A 19 3.88 -6.54 -10.54
C ILE A 19 4.85 -7.71 -10.56
N PRO A 20 4.71 -8.57 -11.58
CA PRO A 20 5.56 -9.74 -11.75
C PRO A 20 7.00 -9.37 -12.13
N ALA A 21 7.87 -10.37 -12.19
CA ALA A 21 9.26 -10.14 -12.55
C ALA A 21 9.43 -9.99 -14.06
N GLY A 22 10.49 -9.30 -14.46
CA GLY A 22 10.73 -9.10 -15.88
C GLY A 22 9.85 -8.02 -16.47
N LYS A 23 8.55 -8.12 -16.23
CA LYS A 23 7.59 -7.15 -16.74
C LYS A 23 8.21 -5.75 -16.79
N ARG A 24 8.83 -5.35 -15.68
CA ARG A 24 9.46 -4.03 -15.60
C ARG A 24 10.41 -3.97 -14.41
N THR A 25 11.49 -3.20 -14.56
CA THR A 25 12.48 -3.05 -13.50
C THR A 25 12.64 -1.58 -13.11
N PRO A 26 11.61 -1.01 -12.47
CA PRO A 26 11.63 0.39 -12.03
C PRO A 26 12.61 0.62 -10.89
N MET A 27 12.65 1.87 -10.40
CA MET A 27 13.55 2.22 -9.30
C MET A 27 12.78 2.35 -7.99
N CYS A 28 13.14 1.53 -7.01
CA CYS A 28 12.49 1.54 -5.72
C CYS A 28 12.34 2.97 -5.20
N ALA A 29 11.60 3.14 -4.11
CA ALA A 29 11.38 4.45 -3.52
C ALA A 29 12.23 4.63 -2.25
N HIS A 30 12.21 3.62 -1.39
CA HIS A 30 12.98 3.67 -0.15
C HIS A 30 14.47 3.47 -0.42
N CYS A 31 14.82 2.29 -0.93
CA CYS A 31 16.21 1.97 -1.23
C CYS A 31 16.64 2.59 -2.56
N ASN A 32 15.65 2.94 -3.39
CA ASN A 32 15.92 3.54 -4.68
C ASN A 32 16.93 2.70 -5.47
N GLN A 33 16.68 1.39 -5.54
CA GLN A 33 17.56 0.48 -6.26
C GLN A 33 16.80 -0.29 -7.33
N VAL A 34 17.40 -0.42 -8.50
CA VAL A 34 16.77 -1.13 -9.61
C VAL A 34 16.17 -2.46 -9.13
N ILE A 35 14.87 -2.63 -9.37
CA ILE A 35 14.18 -3.85 -8.97
C ILE A 35 14.18 -4.88 -10.10
N ARG A 36 14.80 -6.02 -9.85
CA ARG A 36 14.87 -7.09 -10.85
C ARG A 36 13.63 -7.97 -10.78
N GLY A 37 13.34 -8.50 -9.61
CA GLY A 37 12.18 -9.36 -9.44
C GLY A 37 10.89 -8.57 -9.42
N PRO A 38 9.83 -9.18 -8.85
CA PRO A 38 8.51 -8.55 -8.76
C PRO A 38 8.49 -7.39 -7.78
N PHE A 39 7.84 -6.30 -8.17
CA PHE A 39 7.75 -5.12 -7.32
C PHE A 39 6.29 -4.68 -7.14
N LEU A 40 6.08 -3.65 -6.31
CA LEU A 40 4.74 -3.14 -6.07
C LEU A 40 4.62 -1.69 -6.51
N VAL A 41 3.40 -1.25 -6.78
CA VAL A 41 3.15 0.12 -7.20
C VAL A 41 1.81 0.63 -6.69
N ALA A 42 1.86 1.61 -5.79
CA ALA A 42 0.65 2.18 -5.22
C ALA A 42 0.72 3.70 -5.20
N LEU A 43 1.68 4.24 -4.47
CA LEU A 43 1.86 5.69 -4.36
C LEU A 43 2.75 6.20 -5.49
N GLY A 44 2.18 6.28 -6.70
CA GLY A 44 2.93 6.77 -7.83
C GLY A 44 4.41 6.45 -7.73
N LYS A 45 4.73 5.27 -7.21
CA LYS A 45 6.11 4.85 -7.06
C LYS A 45 6.22 3.34 -6.95
N SER A 46 7.45 2.83 -6.91
CA SER A 46 7.68 1.39 -6.81
C SER A 46 8.32 1.03 -5.47
N TRP A 47 7.71 0.07 -4.77
CA TRP A 47 8.23 -0.36 -3.48
C TRP A 47 8.44 -1.87 -3.45
N HIS A 48 9.58 -2.30 -2.90
CA HIS A 48 9.90 -3.71 -2.81
C HIS A 48 8.87 -4.45 -1.95
N PRO A 49 8.52 -5.68 -2.38
CA PRO A 49 7.55 -6.52 -1.66
C PRO A 49 8.09 -7.02 -0.34
N GLU A 50 9.39 -6.87 -0.13
CA GLU A 50 10.04 -7.31 1.10
C GLU A 50 10.17 -6.17 2.09
N GLU A 51 10.41 -4.97 1.56
CA GLU A 51 10.57 -3.78 2.40
C GLU A 51 9.21 -3.18 2.75
N PHE A 52 8.35 -3.04 1.73
CA PHE A 52 7.02 -2.48 1.93
C PHE A 52 6.36 -3.06 3.18
N ASN A 53 6.57 -2.41 4.31
CA ASN A 53 5.99 -2.86 5.57
C ASN A 53 5.30 -1.70 6.30
N CYS A 54 4.22 -2.01 6.99
CA CYS A 54 3.46 -1.01 7.73
C CYS A 54 4.39 -0.13 8.56
N ALA A 55 3.87 0.97 9.09
CA ALA A 55 4.65 1.89 9.90
C ALA A 55 4.37 1.69 11.38
N HIS A 56 3.29 0.97 11.68
CA HIS A 56 2.91 0.70 13.07
C HIS A 56 3.16 -0.76 13.42
N CYS A 57 2.65 -1.66 12.59
CA CYS A 57 2.81 -3.09 12.82
C CYS A 57 3.93 -3.66 11.95
N LYS A 58 4.46 -2.82 11.07
CA LYS A 58 5.54 -3.23 10.19
C LYS A 58 5.25 -4.60 9.56
N ASN A 59 4.08 -4.73 8.95
CA ASN A 59 3.69 -5.98 8.32
C ASN A 59 3.50 -5.80 6.81
N THR A 60 3.90 -6.82 6.05
CA THR A 60 3.77 -6.78 4.60
C THR A 60 2.36 -6.36 4.18
N MET A 61 2.28 -5.30 3.39
CA MET A 61 0.99 -4.81 2.91
C MET A 61 0.81 -5.10 1.43
N ALA A 62 1.26 -6.27 1.00
CA ALA A 62 1.14 -6.68 -0.40
C ALA A 62 -0.29 -7.05 -0.75
N TYR A 63 -0.92 -7.84 0.11
CA TYR A 63 -2.29 -8.27 -0.10
C TYR A 63 -3.27 -7.33 0.57
N ILE A 64 -2.97 -6.95 1.81
CA ILE A 64 -3.82 -6.05 2.57
C ILE A 64 -3.71 -4.62 2.05
N GLY A 65 -4.55 -3.73 2.58
CA GLY A 65 -4.52 -2.35 2.16
C GLY A 65 -3.62 -1.49 3.03
N PHE A 66 -3.69 -0.18 2.85
CA PHE A 66 -2.87 0.74 3.62
C PHE A 66 -3.37 2.18 3.47
N VAL A 67 -2.85 3.08 4.30
CA VAL A 67 -3.24 4.48 4.25
C VAL A 67 -2.03 5.39 4.46
N GLU A 68 -1.79 6.28 3.50
CA GLU A 68 -0.68 7.21 3.59
C GLU A 68 -1.07 8.47 4.36
N GLU A 69 -0.27 8.80 5.37
CA GLU A 69 -0.54 9.99 6.18
C GLU A 69 0.74 10.50 6.84
N LYS A 70 1.05 11.76 6.59
CA LYS A 70 2.25 12.38 7.15
C LYS A 70 3.49 11.54 6.84
N GLY A 71 3.51 10.94 5.65
CA GLY A 71 4.63 10.12 5.25
C GLY A 71 4.69 8.80 5.99
N ALA A 72 3.54 8.15 6.13
CA ALA A 72 3.45 6.87 6.82
C ALA A 72 2.27 6.05 6.33
N LEU A 73 2.53 4.80 5.95
CA LEU A 73 1.49 3.91 5.46
C LEU A 73 0.97 3.01 6.57
N TYR A 74 -0.34 3.08 6.82
CA TYR A 74 -0.96 2.26 7.86
C TYR A 74 -1.95 1.28 7.25
N CYS A 75 -1.79 0.00 7.59
CA CYS A 75 -2.68 -1.04 7.08
C CYS A 75 -4.10 -0.84 7.59
N GLU A 76 -5.07 -1.07 6.71
CA GLU A 76 -6.48 -0.91 7.06
C GLU A 76 -6.71 -1.27 8.53
N LEU A 77 -6.07 -2.33 8.98
CA LEU A 77 -6.21 -2.78 10.36
C LEU A 77 -5.84 -1.67 11.34
N CYS A 78 -4.62 -1.17 11.23
CA CYS A 78 -4.15 -0.10 12.11
C CYS A 78 -5.04 1.13 11.98
N TYR A 79 -5.36 1.51 10.75
CA TYR A 79 -6.21 2.67 10.49
C TYR A 79 -7.58 2.49 11.14
N GLU A 80 -8.35 1.55 10.65
CA GLU A 80 -9.68 1.27 11.18
C GLU A 80 -9.63 1.11 12.70
N LYS A 81 -8.49 0.65 13.21
CA LYS A 81 -8.32 0.45 14.64
C LYS A 81 -8.33 1.79 15.38
N PHE A 82 -7.49 2.71 14.94
CA PHE A 82 -7.41 4.03 15.57
C PHE A 82 -8.41 4.98 14.94
N PHE A 83 -8.26 5.22 13.64
CA PHE A 83 -9.14 6.12 12.91
C PHE A 83 -10.61 5.75 13.16
N ALA A 84 -10.97 4.53 12.80
CA ALA A 84 -12.34 4.06 12.99
C ALA A 84 -12.53 3.44 14.37
N SER A 85 -11.99 4.11 15.39
CA SER A 85 -12.10 3.62 16.76
C SER A 85 -13.43 4.02 17.38
N GLY A 86 -14.23 3.02 17.74
CA GLY A 86 -15.53 3.29 18.33
C GLY A 86 -15.60 2.85 19.79
N PRO A 87 -14.96 3.62 20.68
CA PRO A 87 -14.93 3.33 22.11
C PRO A 87 -16.31 3.52 22.77
N SER A 88 -16.55 2.78 23.84
CA SER A 88 -17.81 2.87 24.56
C SER A 88 -17.74 3.91 25.67
N SER A 89 -18.05 5.15 25.32
CA SER A 89 -18.00 6.24 26.29
C SER A 89 -19.42 6.64 26.72
N GLY A 90 -19.67 6.57 28.02
CA GLY A 90 -20.98 6.92 28.53
C GLY A 90 -21.33 8.38 28.31
N GLY A 1 -8.92 6.79 -25.82
CA GLY A 1 -8.65 5.95 -24.68
C GLY A 1 -9.23 6.50 -23.40
N SER A 2 -9.81 5.62 -22.57
CA SER A 2 -10.41 6.03 -21.32
C SER A 2 -10.21 4.97 -20.24
N SER A 3 -9.67 5.39 -19.09
CA SER A 3 -9.42 4.46 -17.99
C SER A 3 -10.25 4.85 -16.77
N GLY A 4 -10.28 3.96 -15.78
CA GLY A 4 -11.03 4.22 -14.57
C GLY A 4 -11.64 2.97 -13.98
N SER A 5 -10.99 2.43 -12.96
CA SER A 5 -11.47 1.20 -12.31
C SER A 5 -11.86 1.49 -10.86
N SER A 6 -13.15 1.69 -10.62
CA SER A 6 -13.64 1.97 -9.27
C SER A 6 -15.17 1.89 -9.24
N GLY A 7 -15.69 1.35 -8.14
CA GLY A 7 -17.13 1.22 -7.99
C GLY A 7 -17.65 1.95 -6.78
N ASP A 8 -17.53 1.33 -5.61
CA ASP A 8 -18.00 1.95 -4.37
C ASP A 8 -16.92 1.87 -3.29
N GLN A 9 -16.03 2.86 -3.28
CA GLN A 9 -14.95 2.89 -2.29
C GLN A 9 -15.19 4.02 -1.27
N ASP A 10 -15.78 3.66 -0.14
CA ASP A 10 -16.06 4.62 0.91
C ASP A 10 -14.86 4.77 1.84
N THR A 11 -13.68 4.40 1.34
CA THR A 11 -12.45 4.49 2.13
C THR A 11 -11.27 4.90 1.25
N LEU A 12 -10.30 5.56 1.86
CA LEU A 12 -9.11 6.01 1.14
C LEU A 12 -8.10 4.86 0.99
N VAL A 13 -8.12 3.95 1.95
CA VAL A 13 -7.21 2.80 1.92
C VAL A 13 -6.88 2.39 0.49
N GLN A 14 -5.60 2.49 0.12
CA GLN A 14 -5.16 2.13 -1.21
C GLN A 14 -4.59 0.73 -1.24
N ARG A 15 -4.24 0.25 -2.43
CA ARG A 15 -3.69 -1.09 -2.59
C ARG A 15 -2.64 -1.12 -3.69
N ALA A 16 -1.43 -1.51 -3.33
CA ALA A 16 -0.32 -1.59 -4.27
C ALA A 16 -0.55 -2.69 -5.30
N GLU A 17 -0.53 -2.34 -6.57
CA GLU A 17 -0.73 -3.31 -7.65
C GLU A 17 0.43 -4.28 -7.73
N HIS A 18 0.13 -5.57 -7.63
CA HIS A 18 1.16 -6.61 -7.70
C HIS A 18 1.74 -6.71 -9.10
N ILE A 19 3.03 -6.49 -9.23
CA ILE A 19 3.71 -6.56 -10.52
C ILE A 19 4.69 -7.74 -10.57
N PRO A 20 4.51 -8.62 -11.56
CA PRO A 20 5.36 -9.80 -11.73
C PRO A 20 6.78 -9.42 -12.19
N ALA A 21 7.71 -10.36 -12.05
CA ALA A 21 9.09 -10.13 -12.44
C ALA A 21 9.21 -9.99 -13.96
N GLY A 22 10.31 -9.39 -14.41
CA GLY A 22 10.54 -9.22 -15.83
C GLY A 22 9.70 -8.08 -16.40
N LYS A 23 8.43 -8.07 -16.06
CA LYS A 23 7.51 -7.03 -16.54
C LYS A 23 8.20 -5.67 -16.55
N ARG A 24 8.91 -5.36 -15.47
CA ARG A 24 9.61 -4.09 -15.35
C ARG A 24 10.51 -4.08 -14.12
N THR A 25 11.63 -3.38 -14.22
CA THR A 25 12.58 -3.29 -13.12
C THR A 25 12.76 -1.84 -12.67
N PRO A 26 11.73 -1.29 -12.01
CA PRO A 26 11.76 0.09 -11.51
C PRO A 26 12.73 0.27 -10.35
N MET A 27 12.87 1.51 -9.89
CA MET A 27 13.77 1.81 -8.78
C MET A 27 12.99 2.02 -7.48
N CYS A 28 13.24 1.16 -6.50
CA CYS A 28 12.56 1.26 -5.21
C CYS A 28 12.52 2.70 -4.71
N ALA A 29 11.74 2.95 -3.68
CA ALA A 29 11.62 4.28 -3.10
C ALA A 29 12.35 4.37 -1.77
N HIS A 30 12.21 3.34 -0.95
CA HIS A 30 12.86 3.31 0.36
C HIS A 30 14.36 3.07 0.21
N CYS A 31 14.73 1.91 -0.31
CA CYS A 31 16.13 1.56 -0.52
C CYS A 31 16.67 2.20 -1.80
N ASN A 32 15.78 2.44 -2.75
CA ASN A 32 16.18 3.04 -4.02
C ASN A 32 17.15 2.14 -4.77
N GLN A 33 16.82 0.86 -4.85
CA GLN A 33 17.66 -0.11 -5.55
C GLN A 33 16.87 -0.86 -6.61
N VAL A 34 17.46 -1.00 -7.79
CA VAL A 34 16.81 -1.70 -8.90
C VAL A 34 16.14 -2.97 -8.42
N ILE A 35 14.95 -3.25 -8.97
CA ILE A 35 14.21 -4.45 -8.60
C ILE A 35 14.21 -5.47 -9.73
N ARG A 36 14.85 -6.61 -9.49
CA ARG A 36 14.93 -7.67 -10.49
C ARG A 36 13.65 -8.50 -10.50
N GLY A 37 13.20 -8.91 -9.31
CA GLY A 37 11.99 -9.70 -9.21
C GLY A 37 10.74 -8.86 -9.27
N PRO A 38 9.63 -9.40 -8.74
CA PRO A 38 8.33 -8.72 -8.73
C PRO A 38 8.33 -7.53 -7.76
N PHE A 39 7.78 -6.41 -8.21
CA PHE A 39 7.70 -5.21 -7.38
C PHE A 39 6.26 -4.75 -7.22
N LEU A 40 6.06 -3.77 -6.35
CA LEU A 40 4.72 -3.23 -6.11
C LEU A 40 4.63 -1.77 -6.54
N VAL A 41 3.41 -1.30 -6.77
CA VAL A 41 3.19 0.07 -7.19
C VAL A 41 1.86 0.61 -6.64
N ALA A 42 1.96 1.63 -5.78
CA ALA A 42 0.77 2.22 -5.19
C ALA A 42 0.82 3.75 -5.28
N LEU A 43 1.77 4.34 -4.56
CA LEU A 43 1.92 5.80 -4.56
C LEU A 43 2.82 6.25 -5.70
N GLY A 44 2.29 6.21 -6.92
CA GLY A 44 3.06 6.62 -8.08
C GLY A 44 4.53 6.28 -7.95
N LYS A 45 4.83 5.18 -7.28
CA LYS A 45 6.21 4.75 -7.08
C LYS A 45 6.28 3.23 -6.93
N SER A 46 7.51 2.71 -6.91
CA SER A 46 7.72 1.27 -6.77
C SER A 46 8.31 0.95 -5.41
N TRP A 47 7.83 -0.13 -4.80
CA TRP A 47 8.31 -0.55 -3.48
C TRP A 47 8.45 -2.07 -3.42
N HIS A 48 9.59 -2.53 -2.93
CA HIS A 48 9.85 -3.96 -2.81
C HIS A 48 8.73 -4.65 -2.03
N PRO A 49 8.38 -5.87 -2.46
CA PRO A 49 7.33 -6.66 -1.82
C PRO A 49 7.73 -7.16 -0.44
N GLU A 50 9.04 -7.19 -0.19
CA GLU A 50 9.56 -7.64 1.11
C GLU A 50 9.78 -6.46 2.05
N GLU A 51 10.24 -5.34 1.49
CA GLU A 51 10.48 -4.15 2.29
C GLU A 51 9.18 -3.43 2.61
N PHE A 52 8.35 -3.24 1.59
CA PHE A 52 7.06 -2.56 1.77
C PHE A 52 6.32 -3.11 2.98
N ASN A 53 6.52 -2.47 4.13
CA ASN A 53 5.87 -2.90 5.37
C ASN A 53 5.16 -1.72 6.04
N CYS A 54 4.50 -2.01 7.15
CA CYS A 54 3.77 -0.97 7.89
C CYS A 54 4.73 -0.13 8.72
N ALA A 55 4.19 0.91 9.36
CA ALA A 55 5.00 1.79 10.20
C ALA A 55 4.85 1.44 11.67
N HIS A 56 3.69 0.90 12.03
CA HIS A 56 3.43 0.53 13.41
C HIS A 56 3.60 -0.98 13.61
N CYS A 57 2.79 -1.75 12.91
CA CYS A 57 2.84 -3.20 13.00
C CYS A 57 3.96 -3.77 12.13
N LYS A 58 4.58 -2.90 11.33
CA LYS A 58 5.67 -3.29 10.45
C LYS A 58 5.39 -4.67 9.84
N ASN A 59 4.20 -4.83 9.28
CA ASN A 59 3.81 -6.09 8.65
C ASN A 59 3.78 -5.96 7.13
N THR A 60 3.84 -7.09 6.44
CA THR A 60 3.81 -7.10 4.99
C THR A 60 2.58 -6.38 4.45
N MET A 61 2.82 -5.28 3.76
CA MET A 61 1.72 -4.48 3.19
C MET A 61 1.60 -4.74 1.68
N ALA A 62 1.75 -6.00 1.29
CA ALA A 62 1.66 -6.37 -0.12
C ALA A 62 0.22 -6.68 -0.51
N TYR A 63 -0.40 -7.61 0.22
CA TYR A 63 -1.77 -8.00 -0.05
C TYR A 63 -2.75 -7.00 0.54
N ILE A 64 -2.68 -6.82 1.86
CA ILE A 64 -3.56 -5.89 2.56
C ILE A 64 -3.41 -4.47 2.01
N GLY A 65 -4.30 -3.58 2.44
CA GLY A 65 -4.24 -2.21 1.99
C GLY A 65 -3.36 -1.34 2.87
N PHE A 66 -3.49 -0.03 2.72
CA PHE A 66 -2.70 0.91 3.51
C PHE A 66 -3.28 2.32 3.43
N VAL A 67 -2.78 3.21 4.28
CA VAL A 67 -3.26 4.59 4.30
C VAL A 67 -2.10 5.57 4.52
N GLU A 68 -2.01 6.57 3.65
CA GLU A 68 -0.96 7.57 3.74
C GLU A 68 -1.34 8.69 4.70
N GLU A 69 -0.46 8.97 5.66
CA GLU A 69 -0.71 10.02 6.64
C GLU A 69 0.60 10.62 7.15
N LYS A 70 0.74 11.92 6.98
CA LYS A 70 1.94 12.62 7.42
C LYS A 70 3.20 11.82 7.07
N GLY A 71 3.20 11.22 5.88
CA GLY A 71 4.34 10.44 5.45
C GLY A 71 4.43 9.10 6.16
N ALA A 72 3.31 8.39 6.21
CA ALA A 72 3.26 7.09 6.86
C ALA A 72 2.16 6.22 6.28
N LEU A 73 2.50 4.96 5.97
CA LEU A 73 1.54 4.03 5.40
C LEU A 73 1.04 3.04 6.46
N TYR A 74 -0.22 3.19 6.84
CA TYR A 74 -0.82 2.32 7.84
C TYR A 74 -1.82 1.36 7.21
N CYS A 75 -1.65 0.06 7.48
CA CYS A 75 -2.54 -0.96 6.94
C CYS A 75 -3.97 -0.74 7.40
N GLU A 76 -4.92 -0.96 6.50
CA GLU A 76 -6.33 -0.79 6.82
C GLU A 76 -6.62 -1.21 8.26
N LEU A 77 -5.95 -2.27 8.71
CA LEU A 77 -6.14 -2.76 10.08
C LEU A 77 -5.81 -1.69 11.09
N CYS A 78 -4.58 -1.16 11.01
CA CYS A 78 -4.14 -0.12 11.93
C CYS A 78 -5.07 1.09 11.89
N TYR A 79 -5.23 1.67 10.71
CA TYR A 79 -6.10 2.83 10.53
C TYR A 79 -7.45 2.59 11.18
N GLU A 80 -8.18 1.59 10.68
CA GLU A 80 -9.50 1.26 11.22
C GLU A 80 -9.44 1.07 12.73
N LYS A 81 -8.36 0.46 13.20
CA LYS A 81 -8.18 0.21 14.63
C LYS A 81 -8.19 1.52 15.41
N PHE A 82 -7.59 2.55 14.83
CA PHE A 82 -7.53 3.86 15.48
C PHE A 82 -8.58 4.81 14.89
N PHE A 83 -8.43 5.10 13.60
CA PHE A 83 -9.35 6.00 12.92
C PHE A 83 -10.80 5.57 13.16
N ALA A 84 -11.22 4.50 12.49
CA ALA A 84 -12.57 3.99 12.62
C ALA A 84 -12.98 3.92 14.09
N SER A 85 -12.36 3.01 14.83
CA SER A 85 -12.66 2.83 16.25
C SER A 85 -12.93 4.18 16.91
N GLY A 86 -12.11 5.17 16.59
CA GLY A 86 -12.27 6.49 17.16
C GLY A 86 -13.65 7.06 16.91
N PRO A 87 -14.29 7.59 17.97
CA PRO A 87 -15.62 8.17 17.89
C PRO A 87 -15.63 9.49 17.12
N SER A 88 -14.52 10.20 17.17
CA SER A 88 -14.39 11.49 16.48
C SER A 88 -12.98 11.68 15.95
N SER A 89 -12.83 12.60 15.00
CA SER A 89 -11.53 12.88 14.40
C SER A 89 -11.27 14.38 14.35
N GLY A 90 -10.00 14.76 14.46
CA GLY A 90 -9.63 16.16 14.44
C GLY A 90 -8.59 16.50 15.48
N GLY A 1 -8.75 8.82 -24.53
CA GLY A 1 -9.62 8.25 -23.50
C GLY A 1 -8.86 7.41 -22.49
N SER A 2 -9.16 6.11 -22.47
CA SER A 2 -8.51 5.20 -21.54
C SER A 2 -8.45 5.80 -20.13
N SER A 3 -9.54 6.41 -19.71
CA SER A 3 -9.62 7.02 -18.39
C SER A 3 -10.13 6.03 -17.36
N GLY A 4 -10.16 6.46 -16.10
CA GLY A 4 -10.63 5.59 -15.03
C GLY A 4 -11.24 6.36 -13.88
N SER A 5 -12.34 7.06 -14.15
CA SER A 5 -13.02 7.85 -13.13
C SER A 5 -14.48 7.42 -13.00
N SER A 6 -14.71 6.38 -12.20
CA SER A 6 -16.06 5.86 -11.99
C SER A 6 -16.49 6.06 -10.54
N GLY A 7 -15.62 5.68 -9.62
CA GLY A 7 -15.93 5.81 -8.20
C GLY A 7 -15.26 4.74 -7.36
N ASP A 8 -14.22 5.13 -6.63
CA ASP A 8 -13.50 4.19 -5.78
C ASP A 8 -14.31 3.85 -4.52
N GLN A 9 -13.90 2.81 -3.83
CA GLN A 9 -14.59 2.37 -2.62
C GLN A 9 -14.90 3.56 -1.72
N ASP A 10 -15.75 3.33 -0.71
CA ASP A 10 -16.13 4.38 0.22
C ASP A 10 -15.13 4.49 1.36
N THR A 11 -13.89 4.06 1.10
CA THR A 11 -12.85 4.10 2.11
C THR A 11 -11.54 4.63 1.52
N LEU A 12 -10.72 5.25 2.36
CA LEU A 12 -9.45 5.79 1.92
C LEU A 12 -8.44 4.68 1.65
N VAL A 13 -8.46 3.65 2.50
CA VAL A 13 -7.56 2.52 2.35
C VAL A 13 -7.27 2.24 0.88
N GLN A 14 -5.99 2.27 0.52
CA GLN A 14 -5.58 2.02 -0.87
C GLN A 14 -5.02 0.60 -1.01
N ARG A 15 -4.60 0.27 -2.23
CA ARG A 15 -4.04 -1.06 -2.51
C ARG A 15 -2.97 -0.98 -3.58
N ALA A 16 -1.84 -1.61 -3.33
CA ALA A 16 -0.73 -1.61 -4.28
C ALA A 16 -0.96 -2.63 -5.39
N GLU A 17 -0.54 -2.29 -6.60
CA GLU A 17 -0.70 -3.17 -7.75
C GLU A 17 0.47 -4.14 -7.85
N HIS A 18 0.19 -5.43 -7.63
CA HIS A 18 1.21 -6.45 -7.71
C HIS A 18 1.76 -6.59 -9.13
N ILE A 19 3.04 -6.30 -9.30
CA ILE A 19 3.68 -6.39 -10.60
C ILE A 19 4.63 -7.58 -10.67
N PRO A 20 4.38 -8.48 -11.63
CA PRO A 20 5.20 -9.68 -11.83
C PRO A 20 6.58 -9.34 -12.37
N ALA A 21 7.46 -10.35 -12.41
CA ALA A 21 8.82 -10.15 -12.91
C ALA A 21 8.85 -10.23 -14.43
N GLY A 22 9.96 -9.77 -15.02
CA GLY A 22 10.09 -9.79 -16.46
C GLY A 22 9.18 -8.78 -17.14
N LYS A 23 8.74 -7.79 -16.39
CA LYS A 23 7.85 -6.76 -16.93
C LYS A 23 8.54 -5.40 -16.95
N ARG A 24 8.88 -4.89 -15.77
CA ARG A 24 9.54 -3.61 -15.65
C ARG A 24 10.56 -3.62 -14.51
N THR A 25 11.69 -2.94 -14.73
CA THR A 25 12.74 -2.88 -13.73
C THR A 25 12.94 -1.45 -13.22
N PRO A 26 11.94 -0.94 -12.49
CA PRO A 26 11.98 0.42 -11.93
C PRO A 26 13.01 0.56 -10.81
N MET A 27 13.03 1.73 -10.18
CA MET A 27 13.97 1.98 -9.09
C MET A 27 13.22 2.13 -7.77
N CYS A 28 13.52 1.24 -6.82
CA CYS A 28 12.89 1.27 -5.52
C CYS A 28 12.84 2.69 -4.97
N ALA A 29 12.12 2.88 -3.87
CA ALA A 29 12.00 4.19 -3.24
C ALA A 29 12.85 4.28 -1.98
N HIS A 30 12.73 3.26 -1.12
CA HIS A 30 13.49 3.23 0.12
C HIS A 30 14.96 2.89 -0.15
N CYS A 31 15.19 1.72 -0.72
CA CYS A 31 16.55 1.28 -1.03
C CYS A 31 17.05 1.92 -2.32
N ASN A 32 16.12 2.33 -3.17
CA ASN A 32 16.47 2.96 -4.44
C ASN A 32 17.39 2.06 -5.26
N GLN A 33 17.03 0.79 -5.37
CA GLN A 33 17.83 -0.17 -6.12
C GLN A 33 17.00 -0.82 -7.23
N VAL A 34 17.59 -0.95 -8.41
CA VAL A 34 16.91 -1.54 -9.55
C VAL A 34 16.19 -2.83 -9.13
N ILE A 35 14.94 -2.98 -9.58
CA ILE A 35 14.16 -4.15 -9.26
C ILE A 35 14.10 -5.12 -10.45
N ARG A 36 14.48 -6.37 -10.19
CA ARG A 36 14.48 -7.39 -11.24
C ARG A 36 13.22 -8.25 -11.16
N GLY A 37 12.91 -8.73 -9.96
CA GLY A 37 11.73 -9.55 -9.78
C GLY A 37 10.45 -8.74 -9.69
N PRO A 38 9.42 -9.31 -9.06
CA PRO A 38 8.12 -8.65 -8.90
C PRO A 38 8.19 -7.49 -7.92
N PHE A 39 7.59 -6.37 -8.29
CA PHE A 39 7.58 -5.19 -7.44
C PHE A 39 6.16 -4.65 -7.26
N LEU A 40 5.99 -3.74 -6.31
CA LEU A 40 4.68 -3.15 -6.03
C LEU A 40 4.66 -1.68 -6.43
N VAL A 41 3.47 -1.18 -6.77
CA VAL A 41 3.31 0.22 -7.16
C VAL A 41 2.01 0.79 -6.63
N ALA A 42 2.12 1.75 -5.71
CA ALA A 42 0.94 2.38 -5.12
C ALA A 42 1.06 3.90 -5.17
N LEU A 43 2.06 4.44 -4.48
CA LEU A 43 2.28 5.87 -4.44
C LEU A 43 3.19 6.32 -5.59
N GLY A 44 2.64 6.34 -6.80
CA GLY A 44 3.41 6.74 -7.96
C GLY A 44 4.87 6.35 -7.84
N LYS A 45 5.13 5.21 -7.22
CA LYS A 45 6.50 4.73 -7.04
C LYS A 45 6.53 3.21 -6.92
N SER A 46 7.73 2.64 -6.95
CA SER A 46 7.90 1.20 -6.85
C SER A 46 8.51 0.81 -5.51
N TRP A 47 7.92 -0.18 -4.85
CA TRP A 47 8.41 -0.65 -3.56
C TRP A 47 8.59 -2.16 -3.56
N HIS A 48 9.70 -2.62 -2.99
CA HIS A 48 9.99 -4.05 -2.92
C HIS A 48 8.97 -4.77 -2.06
N PRO A 49 8.52 -5.95 -2.53
CA PRO A 49 7.54 -6.76 -1.80
C PRO A 49 8.11 -7.37 -0.53
N GLU A 50 9.37 -7.06 -0.25
CA GLU A 50 10.04 -7.58 0.94
C GLU A 50 10.09 -6.53 2.04
N GLU A 51 10.52 -5.32 1.67
CA GLU A 51 10.61 -4.23 2.63
C GLU A 51 9.25 -3.56 2.84
N PHE A 52 8.53 -3.36 1.74
CA PHE A 52 7.22 -2.73 1.80
C PHE A 52 6.40 -3.28 2.97
N ASN A 53 6.45 -2.58 4.10
CA ASN A 53 5.72 -2.99 5.28
C ASN A 53 5.09 -1.79 5.98
N CYS A 54 4.29 -2.06 7.01
CA CYS A 54 3.62 -1.00 7.76
C CYS A 54 4.63 -0.16 8.53
N ALA A 55 4.14 0.84 9.25
CA ALA A 55 4.99 1.72 10.03
C ALA A 55 4.93 1.38 11.51
N HIS A 56 3.77 0.88 11.95
CA HIS A 56 3.57 0.51 13.35
C HIS A 56 3.71 -0.99 13.53
N CYS A 57 2.85 -1.75 12.85
CA CYS A 57 2.87 -3.19 12.94
C CYS A 57 3.98 -3.79 12.08
N LYS A 58 4.60 -2.94 11.26
CA LYS A 58 5.68 -3.37 10.38
C LYS A 58 5.38 -4.74 9.78
N ASN A 59 4.16 -4.92 9.29
CA ASN A 59 3.76 -6.18 8.69
C ASN A 59 3.69 -6.07 7.17
N THR A 60 3.81 -7.20 6.49
CA THR A 60 3.76 -7.23 5.03
C THR A 60 2.54 -6.47 4.52
N MET A 61 2.79 -5.37 3.81
CA MET A 61 1.71 -4.56 3.25
C MET A 61 1.59 -4.78 1.75
N ALA A 62 1.69 -6.03 1.34
CA ALA A 62 1.58 -6.39 -0.07
C ALA A 62 0.13 -6.68 -0.46
N TYR A 63 -0.46 -7.69 0.17
CA TYR A 63 -1.84 -8.06 -0.11
C TYR A 63 -2.81 -7.10 0.57
N ILE A 64 -2.64 -6.92 1.88
CA ILE A 64 -3.51 -6.03 2.64
C ILE A 64 -3.45 -4.60 2.08
N GLY A 65 -4.32 -3.74 2.59
CA GLY A 65 -4.35 -2.36 2.14
C GLY A 65 -3.39 -1.48 2.91
N PHE A 66 -3.54 -0.16 2.77
CA PHE A 66 -2.68 0.78 3.45
C PHE A 66 -3.26 2.20 3.38
N VAL A 67 -2.80 3.06 4.27
CA VAL A 67 -3.27 4.45 4.30
C VAL A 67 -2.11 5.41 4.55
N GLU A 68 -1.95 6.37 3.65
CA GLU A 68 -0.88 7.36 3.76
C GLU A 68 -1.34 8.56 4.60
N GLU A 69 -0.70 8.75 5.75
CA GLU A 69 -1.04 9.84 6.64
C GLU A 69 0.22 10.49 7.21
N LYS A 70 0.35 11.80 7.02
CA LYS A 70 1.50 12.55 7.51
C LYS A 70 2.79 11.78 7.25
N GLY A 71 2.93 11.28 6.02
CA GLY A 71 4.12 10.54 5.66
C GLY A 71 4.24 9.22 6.42
N ALA A 72 3.22 8.38 6.29
CA ALA A 72 3.21 7.09 6.96
C ALA A 72 2.10 6.20 6.42
N LEU A 73 2.46 4.98 6.03
CA LEU A 73 1.51 4.03 5.49
C LEU A 73 0.98 3.09 6.58
N TYR A 74 -0.34 3.08 6.76
CA TYR A 74 -0.96 2.23 7.77
C TYR A 74 -1.95 1.26 7.14
N CYS A 75 -1.80 -0.02 7.48
CA CYS A 75 -2.68 -1.05 6.94
C CYS A 75 -4.12 -0.86 7.44
N GLU A 76 -5.08 -1.26 6.61
CA GLU A 76 -6.49 -1.14 6.97
C GLU A 76 -6.70 -1.44 8.45
N LEU A 77 -5.99 -2.45 8.95
CA LEU A 77 -6.09 -2.85 10.35
C LEU A 77 -5.73 -1.69 11.27
N CYS A 78 -4.51 -1.19 11.13
CA CYS A 78 -4.03 -0.08 11.96
C CYS A 78 -4.97 1.12 11.84
N TYR A 79 -5.22 1.55 10.61
CA TYR A 79 -6.10 2.69 10.37
C TYR A 79 -7.41 2.54 11.13
N GLU A 80 -8.19 1.54 10.74
CA GLU A 80 -9.47 1.28 11.39
C GLU A 80 -9.35 1.32 12.90
N LYS A 81 -8.34 0.62 13.43
CA LYS A 81 -8.10 0.58 14.87
C LYS A 81 -8.18 1.97 15.47
N PHE A 82 -7.45 2.91 14.87
CA PHE A 82 -7.44 4.29 15.35
C PHE A 82 -8.51 5.12 14.66
N PHE A 83 -8.39 5.26 13.35
CA PHE A 83 -9.35 6.04 12.57
C PHE A 83 -10.78 5.64 12.92
N ALA A 84 -11.09 4.36 12.73
CA ALA A 84 -12.42 3.85 13.03
C ALA A 84 -12.52 3.36 14.47
N SER A 85 -12.10 4.20 15.41
CA SER A 85 -12.13 3.86 16.82
C SER A 85 -13.52 3.42 17.24
N GLY A 86 -13.61 2.24 17.85
CA GLY A 86 -14.89 1.72 18.30
C GLY A 86 -14.81 1.08 19.67
N PRO A 87 -14.22 -0.12 19.73
CA PRO A 87 -14.07 -0.87 20.98
C PRO A 87 -13.06 -0.22 21.93
N SER A 88 -12.89 -0.82 23.11
CA SER A 88 -11.97 -0.29 24.10
C SER A 88 -10.74 -1.20 24.23
N SER A 89 -9.73 -0.71 24.93
CA SER A 89 -8.49 -1.48 25.13
C SER A 89 -7.98 -1.31 26.55
N GLY A 90 -6.96 -2.10 26.90
CA GLY A 90 -6.39 -2.02 28.23
C GLY A 90 -7.45 -1.98 29.32
N GLY A 1 -17.02 5.85 -17.91
CA GLY A 1 -17.74 4.67 -17.45
C GLY A 1 -18.40 4.90 -16.10
N SER A 2 -19.64 5.37 -16.14
CA SER A 2 -20.39 5.63 -14.90
C SER A 2 -21.76 4.96 -14.95
N SER A 3 -22.09 4.23 -13.89
CA SER A 3 -23.36 3.53 -13.81
C SER A 3 -23.78 3.33 -12.35
N GLY A 4 -25.08 3.43 -12.09
CA GLY A 4 -25.58 3.25 -10.74
C GLY A 4 -24.93 2.08 -10.03
N SER A 5 -24.80 2.20 -8.71
CA SER A 5 -24.19 1.14 -7.92
C SER A 5 -25.16 0.61 -6.86
N SER A 6 -24.80 -0.50 -6.23
CA SER A 6 -25.65 -1.10 -5.21
C SER A 6 -25.00 -1.01 -3.83
N GLY A 7 -25.39 0.00 -3.07
CA GLY A 7 -24.83 0.19 -1.73
C GLY A 7 -23.37 -0.18 -1.67
N ASP A 8 -22.50 0.76 -2.01
CA ASP A 8 -21.06 0.52 -2.00
C ASP A 8 -20.33 1.71 -1.36
N GLN A 9 -19.50 1.41 -0.36
CA GLN A 9 -18.74 2.45 0.33
C GLN A 9 -17.28 2.05 0.47
N ASP A 10 -16.38 2.95 0.06
CA ASP A 10 -14.96 2.69 0.15
C ASP A 10 -14.26 3.72 1.02
N THR A 11 -12.97 3.51 1.29
CA THR A 11 -12.21 4.42 2.13
C THR A 11 -10.80 4.62 1.56
N LEU A 12 -9.97 5.35 2.30
CA LEU A 12 -8.60 5.62 1.88
C LEU A 12 -7.86 4.32 1.61
N VAL A 13 -8.11 3.31 2.44
CA VAL A 13 -7.46 2.02 2.29
C VAL A 13 -7.23 1.68 0.82
N GLN A 14 -5.97 1.60 0.42
CA GLN A 14 -5.62 1.29 -0.97
C GLN A 14 -4.63 0.14 -1.03
N ARG A 15 -4.53 -0.48 -2.20
CA ARG A 15 -3.61 -1.61 -2.39
C ARG A 15 -2.67 -1.34 -3.56
N ALA A 16 -1.44 -1.83 -3.44
CA ALA A 16 -0.44 -1.64 -4.49
C ALA A 16 -0.57 -2.73 -5.55
N GLU A 17 -0.51 -2.32 -6.82
CA GLU A 17 -0.62 -3.27 -7.92
C GLU A 17 0.61 -4.18 -7.98
N HIS A 18 0.38 -5.47 -7.85
CA HIS A 18 1.47 -6.45 -7.89
C HIS A 18 1.97 -6.64 -9.31
N ILE A 19 3.14 -6.07 -9.61
CA ILE A 19 3.74 -6.19 -10.93
C ILE A 19 4.71 -7.35 -11.00
N PRO A 20 4.60 -8.15 -12.06
CA PRO A 20 5.47 -9.31 -12.28
C PRO A 20 6.90 -8.91 -12.62
N ALA A 21 7.81 -9.88 -12.55
CA ALA A 21 9.21 -9.63 -12.84
C ALA A 21 9.48 -9.65 -14.34
N GLY A 22 10.45 -8.86 -14.78
CA GLY A 22 10.77 -8.81 -16.20
C GLY A 22 9.87 -7.87 -16.97
N LYS A 23 9.44 -6.79 -16.32
CA LYS A 23 8.57 -5.81 -16.95
C LYS A 23 9.16 -4.41 -16.84
N ARG A 24 9.30 -3.92 -15.61
CA ARG A 24 9.84 -2.60 -15.36
C ARG A 24 11.10 -2.68 -14.50
N THR A 25 11.03 -3.45 -13.43
CA THR A 25 12.16 -3.62 -12.53
C THR A 25 12.73 -2.26 -12.10
N PRO A 26 11.84 -1.37 -11.65
CA PRO A 26 12.24 -0.02 -11.21
C PRO A 26 13.03 -0.05 -9.91
N MET A 27 13.62 1.09 -9.56
CA MET A 27 14.42 1.20 -8.34
C MET A 27 13.53 1.49 -7.14
N CYS A 28 13.69 0.71 -6.07
CA CYS A 28 12.90 0.88 -4.87
C CYS A 28 12.90 2.35 -4.43
N ALA A 29 12.03 2.68 -3.49
CA ALA A 29 11.92 4.04 -2.98
C ALA A 29 12.62 4.17 -1.64
N HIS A 30 12.58 3.12 -0.84
CA HIS A 30 13.22 3.12 0.47
C HIS A 30 14.71 2.80 0.36
N CYS A 31 15.02 1.59 -0.07
CA CYS A 31 16.41 1.17 -0.22
C CYS A 31 17.02 1.77 -1.48
N ASN A 32 16.18 2.08 -2.45
CA ASN A 32 16.64 2.66 -3.71
C ASN A 32 17.51 1.68 -4.48
N GLN A 33 16.98 0.48 -4.71
CA GLN A 33 17.72 -0.56 -5.43
C GLN A 33 16.81 -1.25 -6.45
N VAL A 34 17.35 -1.49 -7.64
CA VAL A 34 16.59 -2.15 -8.69
C VAL A 34 15.88 -3.38 -8.17
N ILE A 35 14.62 -3.55 -8.57
CA ILE A 35 13.82 -4.70 -8.13
C ILE A 35 13.72 -5.74 -9.25
N ARG A 36 14.61 -6.72 -9.21
CA ARG A 36 14.61 -7.79 -10.22
C ARG A 36 13.25 -8.45 -10.31
N GLY A 37 12.83 -9.10 -9.22
CA GLY A 37 11.55 -9.77 -9.19
C GLY A 37 10.38 -8.80 -9.27
N PRO A 38 9.19 -9.27 -8.88
CA PRO A 38 7.97 -8.45 -8.90
C PRO A 38 8.00 -7.35 -7.85
N PHE A 39 7.63 -6.14 -8.26
CA PHE A 39 7.61 -5.00 -7.36
C PHE A 39 6.18 -4.56 -7.08
N LEU A 40 6.02 -3.57 -6.19
CA LEU A 40 4.71 -3.05 -5.83
C LEU A 40 4.62 -1.56 -6.13
N VAL A 41 3.61 -1.18 -6.92
CA VAL A 41 3.41 0.22 -7.28
C VAL A 41 2.28 0.83 -6.46
N ALA A 42 2.62 1.81 -5.63
CA ALA A 42 1.64 2.48 -4.79
C ALA A 42 2.11 3.89 -4.42
N LEU A 43 1.15 4.79 -4.23
CA LEU A 43 1.46 6.17 -3.88
C LEU A 43 2.40 6.80 -4.90
N GLY A 44 2.17 6.51 -6.17
CA GLY A 44 3.01 7.06 -7.22
C GLY A 44 4.47 6.71 -7.04
N LYS A 45 4.73 5.46 -6.65
CA LYS A 45 6.10 5.00 -6.44
C LYS A 45 6.14 3.48 -6.29
N SER A 46 7.31 2.90 -6.54
CA SER A 46 7.48 1.46 -6.43
C SER A 46 8.13 1.08 -5.10
N TRP A 47 7.91 -0.16 -4.67
CA TRP A 47 8.45 -0.63 -3.41
C TRP A 47 8.72 -2.13 -3.48
N HIS A 48 9.56 -2.63 -2.56
CA HIS A 48 9.89 -4.04 -2.51
C HIS A 48 8.80 -4.83 -1.79
N PRO A 49 8.46 -6.00 -2.34
CA PRO A 49 7.43 -6.87 -1.76
C PRO A 49 7.88 -7.51 -0.46
N GLU A 50 9.15 -7.33 -0.12
CA GLU A 50 9.70 -7.90 1.10
C GLU A 50 9.99 -6.79 2.12
N GLU A 51 10.26 -5.59 1.63
CA GLU A 51 10.55 -4.46 2.49
C GLU A 51 9.29 -3.67 2.81
N PHE A 52 8.42 -3.54 1.82
CA PHE A 52 7.17 -2.80 1.99
C PHE A 52 6.41 -3.31 3.21
N ASN A 53 6.61 -2.63 4.34
CA ASN A 53 5.94 -3.00 5.58
C ASN A 53 5.13 -1.84 6.13
N CYS A 54 4.44 -2.09 7.25
CA CYS A 54 3.61 -1.05 7.88
C CYS A 54 4.48 -0.08 8.66
N ALA A 55 3.85 0.96 9.19
CA ALA A 55 4.56 1.98 9.97
C ALA A 55 4.45 1.71 11.46
N HIS A 56 3.39 0.99 11.85
CA HIS A 56 3.17 0.66 13.25
C HIS A 56 3.38 -0.83 13.50
N CYS A 57 2.72 -1.66 12.71
CA CYS A 57 2.84 -3.11 12.84
C CYS A 57 3.83 -3.67 11.83
N LYS A 58 4.58 -2.77 11.18
CA LYS A 58 5.57 -3.17 10.19
C LYS A 58 5.24 -4.56 9.63
N ASN A 59 4.01 -4.74 9.20
CA ASN A 59 3.56 -6.02 8.64
C ASN A 59 3.50 -5.95 7.12
N THR A 60 3.53 -7.10 6.47
CA THR A 60 3.46 -7.18 5.01
C THR A 60 2.24 -6.42 4.48
N MET A 61 2.50 -5.38 3.69
CA MET A 61 1.43 -4.58 3.11
C MET A 61 1.32 -4.82 1.61
N ALA A 62 1.44 -6.08 1.20
CA ALA A 62 1.35 -6.44 -0.21
C ALA A 62 -0.08 -6.80 -0.59
N TYR A 63 -0.65 -7.76 0.12
CA TYR A 63 -2.03 -8.20 -0.16
C TYR A 63 -3.03 -7.29 0.54
N ILE A 64 -2.77 -6.98 1.81
CA ILE A 64 -3.64 -6.12 2.59
C ILE A 64 -3.61 -4.68 2.08
N GLY A 65 -4.48 -3.85 2.61
CA GLY A 65 -4.53 -2.45 2.20
C GLY A 65 -3.65 -1.57 3.07
N PHE A 66 -3.69 -0.26 2.81
CA PHE A 66 -2.89 0.68 3.57
C PHE A 66 -3.42 2.11 3.39
N VAL A 67 -3.03 3.00 4.30
CA VAL A 67 -3.46 4.39 4.24
C VAL A 67 -2.30 5.34 4.48
N GLU A 68 -2.11 6.28 3.56
CA GLU A 68 -1.03 7.25 3.67
C GLU A 68 -1.46 8.45 4.52
N GLU A 69 -0.63 8.80 5.49
CA GLU A 69 -0.93 9.93 6.38
C GLU A 69 0.36 10.59 6.85
N LYS A 70 0.65 11.78 6.31
CA LYS A 70 1.84 12.52 6.68
C LYS A 70 3.09 11.67 6.47
N GLY A 71 3.11 10.92 5.37
CA GLY A 71 4.26 10.09 5.06
C GLY A 71 4.28 8.82 5.89
N ALA A 72 3.14 8.15 6.00
CA ALA A 72 3.03 6.92 6.77
C ALA A 72 1.90 6.04 6.23
N LEU A 73 2.24 4.79 5.92
CA LEU A 73 1.25 3.85 5.39
C LEU A 73 0.78 2.90 6.50
N TYR A 74 -0.52 2.97 6.82
CA TYR A 74 -1.09 2.12 7.86
C TYR A 74 -2.12 1.17 7.25
N CYS A 75 -1.92 -0.12 7.51
CA CYS A 75 -2.83 -1.16 7.01
C CYS A 75 -4.25 -0.93 7.51
N GLU A 76 -5.22 -1.42 6.75
CA GLU A 76 -6.63 -1.27 7.13
C GLU A 76 -6.83 -1.58 8.61
N LEU A 77 -6.08 -2.56 9.12
CA LEU A 77 -6.18 -2.95 10.52
C LEU A 77 -5.80 -1.79 11.43
N CYS A 78 -4.61 -1.23 11.20
CA CYS A 78 -4.12 -0.11 12.01
C CYS A 78 -5.05 1.10 11.88
N TYR A 79 -5.52 1.34 10.67
CA TYR A 79 -6.41 2.47 10.41
C TYR A 79 -7.72 2.31 11.17
N GLU A 80 -8.50 1.30 10.81
CA GLU A 80 -9.78 1.05 11.46
C GLU A 80 -9.61 1.03 12.98
N LYS A 81 -8.38 0.87 13.43
CA LYS A 81 -8.09 0.84 14.86
C LYS A 81 -8.04 2.24 15.44
N PHE A 82 -7.12 3.06 14.93
CA PHE A 82 -6.98 4.44 15.40
C PHE A 82 -7.68 5.41 14.45
N PHE A 83 -7.28 5.38 13.18
CA PHE A 83 -7.87 6.26 12.18
C PHE A 83 -9.40 6.29 12.31
N ALA A 84 -10.03 5.15 12.10
CA ALA A 84 -11.47 5.04 12.20
C ALA A 84 -11.98 5.63 13.51
N SER A 85 -11.76 4.91 14.60
CA SER A 85 -12.20 5.36 15.92
C SER A 85 -12.03 6.87 16.06
N GLY A 86 -13.04 7.52 16.61
CA GLY A 86 -12.99 8.96 16.80
C GLY A 86 -12.13 9.36 17.97
N PRO A 87 -11.54 10.56 17.90
CA PRO A 87 -10.67 11.08 18.97
C PRO A 87 -11.46 11.45 20.22
N SER A 88 -10.76 11.50 21.35
CA SER A 88 -11.40 11.83 22.62
C SER A 88 -12.77 11.18 22.73
N SER A 89 -12.86 9.92 22.33
CA SER A 89 -14.12 9.19 22.37
C SER A 89 -14.73 9.24 23.77
N GLY A 90 -13.92 8.91 24.77
CA GLY A 90 -14.39 8.92 26.14
C GLY A 90 -13.91 10.14 26.91
N GLY A 1 -6.01 3.60 -22.85
CA GLY A 1 -7.20 3.22 -22.12
C GLY A 1 -7.00 3.24 -20.62
N SER A 2 -8.02 3.66 -19.89
CA SER A 2 -7.95 3.73 -18.44
C SER A 2 -8.44 2.44 -17.79
N SER A 3 -7.62 1.88 -16.91
CA SER A 3 -7.97 0.64 -16.23
C SER A 3 -7.27 0.55 -14.87
N GLY A 4 -8.05 0.23 -13.84
CA GLY A 4 -7.49 0.11 -12.51
C GLY A 4 -8.55 0.18 -11.42
N SER A 5 -9.24 1.30 -11.35
CA SER A 5 -10.28 1.49 -10.34
C SER A 5 -11.52 0.65 -10.68
N SER A 6 -12.01 -0.08 -9.69
CA SER A 6 -13.18 -0.93 -9.88
C SER A 6 -14.02 -0.97 -8.60
N GLY A 7 -15.31 -0.66 -8.74
CA GLY A 7 -16.20 -0.67 -7.60
C GLY A 7 -16.39 0.70 -6.99
N ASP A 8 -17.33 0.82 -6.07
CA ASP A 8 -17.60 2.09 -5.41
C ASP A 8 -16.98 2.13 -4.02
N GLN A 9 -15.75 2.64 -3.94
CA GLN A 9 -15.04 2.73 -2.66
C GLN A 9 -15.03 4.17 -2.15
N ASP A 10 -15.25 4.32 -0.85
CA ASP A 10 -15.28 5.64 -0.23
C ASP A 10 -14.28 5.72 0.92
N THR A 11 -13.31 4.80 0.91
CA THR A 11 -12.29 4.76 1.96
C THR A 11 -10.91 5.09 1.40
N LEU A 12 -10.04 5.59 2.26
CA LEU A 12 -8.68 5.94 1.85
C LEU A 12 -7.88 4.70 1.48
N VAL A 13 -8.11 3.61 2.20
CA VAL A 13 -7.42 2.35 1.95
C VAL A 13 -7.13 2.18 0.46
N GLN A 14 -5.87 1.97 0.13
CA GLN A 14 -5.46 1.79 -1.26
C GLN A 14 -4.99 0.35 -1.50
N ARG A 15 -4.49 0.10 -2.71
CA ARG A 15 -4.01 -1.23 -3.08
C ARG A 15 -2.88 -1.14 -4.10
N ALA A 16 -1.73 -1.70 -3.75
CA ALA A 16 -0.57 -1.68 -4.64
C ALA A 16 -0.67 -2.79 -5.68
N GLU A 17 -0.61 -2.40 -6.95
CA GLU A 17 -0.70 -3.35 -8.05
C GLU A 17 0.54 -4.26 -8.09
N HIS A 18 0.32 -5.55 -7.87
CA HIS A 18 1.41 -6.52 -7.87
C HIS A 18 2.00 -6.67 -9.27
N ILE A 19 3.19 -6.14 -9.48
CA ILE A 19 3.85 -6.21 -10.77
C ILE A 19 4.82 -7.40 -10.83
N PRO A 20 4.62 -8.27 -11.83
CA PRO A 20 5.47 -9.46 -12.03
C PRO A 20 6.88 -9.10 -12.46
N ALA A 21 7.77 -10.09 -12.39
CA ALA A 21 9.16 -9.88 -12.78
C ALA A 21 9.30 -9.73 -14.29
N GLY A 22 10.31 -8.98 -14.73
CA GLY A 22 10.52 -8.78 -16.14
C GLY A 22 9.72 -7.61 -16.70
N LYS A 23 8.42 -7.62 -16.42
CA LYS A 23 7.54 -6.55 -16.90
C LYS A 23 8.23 -5.19 -16.81
N ARG A 24 8.60 -4.81 -15.60
CA ARG A 24 9.27 -3.53 -15.37
C ARG A 24 10.23 -3.61 -14.19
N THR A 25 11.26 -2.77 -14.20
CA THR A 25 12.24 -2.75 -13.12
C THR A 25 12.49 -1.33 -12.63
N PRO A 26 11.46 -0.73 -12.01
CA PRO A 26 11.55 0.63 -11.48
C PRO A 26 12.47 0.73 -10.27
N MET A 27 13.00 1.92 -10.03
CA MET A 27 13.89 2.15 -8.89
C MET A 27 13.10 2.23 -7.59
N CYS A 28 13.44 1.36 -6.64
CA CYS A 28 12.77 1.34 -5.35
C CYS A 28 12.70 2.73 -4.74
N ALA A 29 11.87 2.90 -3.72
CA ALA A 29 11.72 4.18 -3.05
C ALA A 29 12.40 4.17 -1.68
N HIS A 30 12.31 3.04 -0.99
CA HIS A 30 12.92 2.90 0.32
C HIS A 30 14.42 2.69 0.21
N CYS A 31 14.82 1.56 -0.35
CA CYS A 31 16.24 1.25 -0.52
C CYS A 31 16.82 1.98 -1.74
N ASN A 32 15.94 2.44 -2.61
CA ASN A 32 16.36 3.15 -3.81
C ASN A 32 17.21 2.25 -4.71
N GLN A 33 16.90 0.96 -4.71
CA GLN A 33 17.64 0.00 -5.52
C GLN A 33 16.77 -0.55 -6.65
N VAL A 34 17.38 -0.77 -7.81
CA VAL A 34 16.67 -1.29 -8.96
C VAL A 34 16.01 -2.63 -8.64
N ILE A 35 14.71 -2.71 -8.88
CA ILE A 35 13.95 -3.94 -8.62
C ILE A 35 13.96 -4.86 -9.84
N ARG A 36 14.59 -6.01 -9.69
CA ARG A 36 14.67 -6.98 -10.78
C ARG A 36 13.41 -7.83 -10.83
N GLY A 37 13.05 -8.45 -9.70
CA GLY A 37 11.87 -9.28 -9.65
C GLY A 37 10.59 -8.48 -9.56
N PRO A 38 9.54 -9.09 -8.98
CA PRO A 38 8.25 -8.43 -8.82
C PRO A 38 8.28 -7.30 -7.80
N PHE A 39 7.62 -6.19 -8.12
CA PHE A 39 7.57 -5.05 -7.23
C PHE A 39 6.14 -4.56 -7.04
N LEU A 40 5.96 -3.60 -6.12
CA LEU A 40 4.64 -3.05 -5.84
C LEU A 40 4.59 -1.57 -6.17
N VAL A 41 3.63 -1.18 -7.00
CA VAL A 41 3.47 0.22 -7.38
C VAL A 41 2.33 0.87 -6.62
N ALA A 42 2.67 1.81 -5.74
CA ALA A 42 1.68 2.51 -4.95
C ALA A 42 2.12 3.95 -4.67
N LEU A 43 1.19 4.76 -4.17
CA LEU A 43 1.49 6.15 -3.85
C LEU A 43 2.34 6.79 -4.94
N GLY A 44 2.08 6.41 -6.18
CA GLY A 44 2.83 6.96 -7.30
C GLY A 44 4.30 6.61 -7.23
N LYS A 45 4.61 5.39 -6.81
CA LYS A 45 5.99 4.93 -6.70
C LYS A 45 6.05 3.41 -6.58
N SER A 46 7.27 2.87 -6.58
CA SER A 46 7.47 1.44 -6.48
C SER A 46 8.13 1.07 -5.16
N TRP A 47 7.98 -0.20 -4.75
CA TRP A 47 8.56 -0.67 -3.50
C TRP A 47 8.81 -2.17 -3.55
N HIS A 48 9.68 -2.65 -2.68
CA HIS A 48 10.01 -4.08 -2.63
C HIS A 48 8.99 -4.83 -1.79
N PRO A 49 8.54 -5.99 -2.30
CA PRO A 49 7.56 -6.84 -1.60
C PRO A 49 8.14 -7.49 -0.35
N GLU A 50 9.42 -7.24 -0.10
CA GLU A 50 10.09 -7.80 1.07
C GLU A 50 10.32 -6.74 2.13
N GLU A 51 10.39 -5.48 1.71
CA GLU A 51 10.61 -4.37 2.63
C GLU A 51 9.30 -3.67 2.94
N PHE A 52 8.45 -3.51 1.93
CA PHE A 52 7.17 -2.85 2.10
C PHE A 52 6.47 -3.34 3.36
N ASN A 53 6.59 -2.57 4.44
CA ASN A 53 5.97 -2.93 5.71
C ASN A 53 5.17 -1.76 6.28
N CYS A 54 4.45 -2.01 7.36
CA CYS A 54 3.64 -0.98 8.00
C CYS A 54 4.51 -0.03 8.81
N ALA A 55 3.89 1.05 9.31
CA ALA A 55 4.61 2.03 10.11
C ALA A 55 4.51 1.71 11.60
N HIS A 56 3.47 0.96 11.96
CA HIS A 56 3.26 0.59 13.36
C HIS A 56 3.47 -0.91 13.55
N CYS A 57 2.74 -1.71 12.78
CA CYS A 57 2.84 -3.16 12.87
C CYS A 57 3.84 -3.69 11.85
N LYS A 58 4.59 -2.79 11.23
CA LYS A 58 5.59 -3.17 10.24
C LYS A 58 5.28 -4.54 9.66
N ASN A 59 4.06 -4.72 9.17
CA ASN A 59 3.64 -5.99 8.58
C ASN A 59 3.57 -5.90 7.06
N THR A 60 3.58 -7.05 6.40
CA THR A 60 3.52 -7.09 4.95
C THR A 60 2.24 -6.44 4.43
N MET A 61 2.40 -5.31 3.74
CA MET A 61 1.26 -4.59 3.19
C MET A 61 1.13 -4.84 1.69
N ALA A 62 1.39 -6.08 1.27
CA ALA A 62 1.31 -6.43 -0.14
C ALA A 62 -0.11 -6.88 -0.51
N TYR A 63 -0.64 -7.83 0.26
CA TYR A 63 -1.98 -8.34 0.01
C TYR A 63 -3.04 -7.42 0.61
N ILE A 64 -2.86 -7.08 1.88
CA ILE A 64 -3.80 -6.21 2.57
C ILE A 64 -3.73 -4.78 2.03
N GLY A 65 -4.60 -3.92 2.54
CA GLY A 65 -4.61 -2.53 2.09
C GLY A 65 -3.66 -1.65 2.89
N PHE A 66 -3.79 -0.34 2.71
CA PHE A 66 -2.93 0.60 3.41
C PHE A 66 -3.42 2.03 3.20
N VAL A 67 -3.05 2.92 4.12
CA VAL A 67 -3.46 4.32 4.04
C VAL A 67 -2.27 5.25 4.33
N GLU A 68 -2.07 6.23 3.46
CA GLU A 68 -0.98 7.18 3.63
C GLU A 68 -1.44 8.40 4.43
N GLU A 69 -0.75 8.66 5.54
CA GLU A 69 -1.09 9.80 6.39
C GLU A 69 0.13 10.30 7.15
N LYS A 70 0.46 11.57 6.97
CA LYS A 70 1.61 12.17 7.63
C LYS A 70 2.90 11.43 7.27
N GLY A 71 3.06 11.13 5.99
CA GLY A 71 4.24 10.43 5.53
C GLY A 71 4.40 9.07 6.17
N ALA A 72 3.35 8.25 6.09
CA ALA A 72 3.38 6.92 6.67
C ALA A 72 2.23 6.07 6.15
N LEU A 73 2.50 4.78 5.93
CA LEU A 73 1.49 3.86 5.43
C LEU A 73 0.96 2.97 6.54
N TYR A 74 -0.35 2.99 6.75
CA TYR A 74 -0.98 2.19 7.78
C TYR A 74 -1.99 1.22 7.18
N CYS A 75 -1.85 -0.05 7.50
CA CYS A 75 -2.74 -1.09 7.00
C CYS A 75 -4.17 -0.84 7.47
N GLU A 76 -5.14 -1.20 6.63
CA GLU A 76 -6.54 -1.01 6.96
C GLU A 76 -6.80 -1.34 8.43
N LEU A 77 -6.11 -2.36 8.92
CA LEU A 77 -6.26 -2.78 10.32
C LEU A 77 -5.89 -1.65 11.27
N CYS A 78 -4.69 -1.11 11.10
CA CYS A 78 -4.21 -0.03 11.93
C CYS A 78 -5.14 1.19 11.84
N TYR A 79 -5.42 1.61 10.62
CA TYR A 79 -6.30 2.76 10.39
C TYR A 79 -7.59 2.63 11.19
N GLU A 80 -8.40 1.64 10.85
CA GLU A 80 -9.66 1.41 11.52
C GLU A 80 -9.45 1.30 13.03
N LYS A 81 -8.31 0.76 13.42
CA LYS A 81 -7.99 0.60 14.84
C LYS A 81 -7.84 1.96 15.52
N PHE A 82 -7.11 2.86 14.89
CA PHE A 82 -6.90 4.20 15.43
C PHE A 82 -7.95 5.16 14.91
N PHE A 83 -7.99 5.37 13.60
CA PHE A 83 -8.95 6.27 12.99
C PHE A 83 -10.38 5.86 13.35
N ALA A 84 -10.78 4.68 12.90
CA ALA A 84 -12.11 4.18 13.17
C ALA A 84 -12.23 3.67 14.60
N SER A 85 -12.18 4.59 15.56
CA SER A 85 -12.28 4.23 16.97
C SER A 85 -12.49 5.47 17.83
N GLY A 86 -13.50 5.43 18.68
CA GLY A 86 -13.79 6.55 19.55
C GLY A 86 -14.60 6.15 20.77
N PRO A 87 -15.35 7.12 21.34
CA PRO A 87 -16.18 6.88 22.51
C PRO A 87 -17.38 5.99 22.22
N SER A 88 -17.54 5.63 20.95
CA SER A 88 -18.64 4.79 20.52
C SER A 88 -19.02 3.79 21.62
N SER A 89 -18.01 3.14 22.18
CA SER A 89 -18.23 2.16 23.24
C SER A 89 -17.12 2.23 24.28
N GLY A 90 -17.38 1.67 25.46
CA GLY A 90 -16.40 1.68 26.52
C GLY A 90 -16.76 2.64 27.63
N GLY A 1 -11.03 6.42 -21.61
CA GLY A 1 -11.95 7.32 -20.94
C GLY A 1 -12.83 6.61 -19.94
N SER A 2 -12.49 6.72 -18.66
CA SER A 2 -13.24 6.08 -17.59
C SER A 2 -14.12 7.10 -16.87
N SER A 3 -15.08 6.59 -16.09
CA SER A 3 -15.99 7.45 -15.34
C SER A 3 -15.68 7.39 -13.85
N GLY A 4 -16.26 8.32 -13.09
CA GLY A 4 -16.04 8.36 -11.66
C GLY A 4 -16.96 7.43 -10.90
N SER A 5 -16.49 6.22 -10.63
CA SER A 5 -17.28 5.23 -9.90
C SER A 5 -16.96 5.25 -8.41
N SER A 6 -17.83 5.89 -7.64
CA SER A 6 -17.64 5.98 -6.19
C SER A 6 -18.98 5.93 -5.46
N GLY A 7 -18.93 5.65 -4.16
CA GLY A 7 -20.15 5.57 -3.37
C GLY A 7 -20.37 6.83 -2.55
N ASP A 8 -21.30 6.75 -1.59
CA ASP A 8 -21.62 7.88 -0.74
C ASP A 8 -20.35 8.43 -0.07
N GLN A 9 -19.37 7.56 0.11
CA GLN A 9 -18.11 7.96 0.74
C GLN A 9 -16.93 7.26 0.07
N ASP A 10 -15.74 7.82 0.27
CA ASP A 10 -14.52 7.25 -0.31
C ASP A 10 -13.47 7.02 0.76
N THR A 11 -13.03 5.78 0.89
CA THR A 11 -12.02 5.41 1.88
C THR A 11 -10.62 5.63 1.33
N LEU A 12 -9.67 5.90 2.22
CA LEU A 12 -8.29 6.11 1.82
C LEU A 12 -7.59 4.79 1.51
N VAL A 13 -7.93 3.76 2.27
CA VAL A 13 -7.35 2.44 2.07
C VAL A 13 -7.07 2.18 0.59
N GLN A 14 -5.80 2.02 0.25
CA GLN A 14 -5.40 1.78 -1.13
C GLN A 14 -4.92 0.34 -1.31
N ARG A 15 -4.52 0.00 -2.53
CA ARG A 15 -4.03 -1.35 -2.83
C ARG A 15 -2.95 -1.31 -3.89
N ALA A 16 -1.72 -1.59 -3.49
CA ALA A 16 -0.58 -1.59 -4.42
C ALA A 16 -0.74 -2.69 -5.47
N GLU A 17 -0.64 -2.30 -6.74
CA GLU A 17 -0.78 -3.24 -7.84
C GLU A 17 0.43 -4.17 -7.91
N HIS A 18 0.18 -5.47 -7.78
CA HIS A 18 1.24 -6.47 -7.83
C HIS A 18 1.76 -6.65 -9.26
N ILE A 19 3.06 -6.47 -9.43
CA ILE A 19 3.69 -6.62 -10.74
C ILE A 19 4.58 -7.85 -10.80
N PRO A 20 4.29 -8.75 -11.76
CA PRO A 20 5.05 -9.99 -11.95
C PRO A 20 6.46 -9.73 -12.47
N ALA A 21 7.29 -10.75 -12.44
CA ALA A 21 8.67 -10.63 -12.91
C ALA A 21 8.72 -10.62 -14.44
N GLY A 22 9.83 -10.14 -14.99
CA GLY A 22 9.99 -10.08 -16.43
C GLY A 22 8.98 -9.16 -17.08
N LYS A 23 8.56 -8.14 -16.34
CA LYS A 23 7.59 -7.18 -16.86
C LYS A 23 8.09 -5.74 -16.69
N ARG A 24 8.38 -5.38 -15.45
CA ARG A 24 8.88 -4.04 -15.14
C ARG A 24 9.97 -4.09 -14.09
N THR A 25 11.00 -3.26 -14.26
CA THR A 25 12.11 -3.21 -13.32
C THR A 25 12.47 -1.77 -12.97
N PRO A 26 11.50 -1.06 -12.36
CA PRO A 26 11.69 0.34 -11.95
C PRO A 26 12.66 0.48 -10.78
N MET A 27 13.07 1.71 -10.50
CA MET A 27 14.00 1.97 -9.41
C MET A 27 13.25 2.26 -8.12
N CYS A 28 13.45 1.40 -7.13
CA CYS A 28 12.79 1.56 -5.84
C CYS A 28 12.88 3.00 -5.36
N ALA A 29 12.13 3.33 -4.31
CA ALA A 29 12.13 4.67 -3.75
C ALA A 29 12.84 4.71 -2.41
N HIS A 30 12.60 3.70 -1.58
CA HIS A 30 13.23 3.62 -0.27
C HIS A 30 14.71 3.32 -0.39
N CYS A 31 15.04 2.14 -0.94
CA CYS A 31 16.42 1.73 -1.12
C CYS A 31 17.01 2.33 -2.38
N ASN A 32 16.16 2.56 -3.37
CA ASN A 32 16.58 3.14 -4.64
C ASN A 32 17.44 2.14 -5.42
N GLN A 33 17.01 0.89 -5.44
CA GLN A 33 17.73 -0.15 -6.16
C GLN A 33 16.85 -0.79 -7.23
N VAL A 34 17.41 -0.94 -8.43
CA VAL A 34 16.67 -1.53 -9.54
C VAL A 34 16.02 -2.85 -9.13
N ILE A 35 14.71 -2.95 -9.33
CA ILE A 35 13.97 -4.15 -8.98
C ILE A 35 13.95 -5.14 -10.15
N ARG A 36 14.41 -6.36 -9.89
CA ARG A 36 14.44 -7.40 -10.93
C ARG A 36 13.16 -8.23 -10.90
N GLY A 37 12.84 -8.78 -9.74
CA GLY A 37 11.64 -9.58 -9.61
C GLY A 37 10.38 -8.75 -9.49
N PRO A 38 9.32 -9.33 -8.93
CA PRO A 38 8.04 -8.65 -8.75
C PRO A 38 8.12 -7.54 -7.70
N PHE A 39 7.51 -6.40 -8.02
CA PHE A 39 7.50 -5.26 -7.10
C PHE A 39 6.08 -4.77 -6.84
N LEU A 40 5.96 -3.75 -6.02
CA LEU A 40 4.65 -3.19 -5.68
C LEU A 40 4.57 -1.71 -6.06
N VAL A 41 3.63 -1.38 -6.93
CA VAL A 41 3.46 0.00 -7.37
C VAL A 41 2.35 0.70 -6.58
N ALA A 42 2.72 1.72 -5.83
CA ALA A 42 1.77 2.47 -5.02
C ALA A 42 2.23 3.91 -4.82
N LEU A 43 1.27 4.80 -4.58
CA LEU A 43 1.58 6.22 -4.37
C LEU A 43 2.45 6.75 -5.50
N GLY A 44 2.15 6.34 -6.73
CA GLY A 44 2.91 6.79 -7.87
C GLY A 44 4.39 6.46 -7.75
N LYS A 45 4.69 5.29 -7.22
CA LYS A 45 6.07 4.86 -7.05
C LYS A 45 6.16 3.34 -6.87
N SER A 46 7.36 2.79 -7.03
CA SER A 46 7.56 1.36 -6.89
C SER A 46 8.31 1.05 -5.60
N TRP A 47 7.86 0.02 -4.89
CA TRP A 47 8.48 -0.39 -3.64
C TRP A 47 8.78 -1.88 -3.64
N HIS A 48 9.61 -2.32 -2.70
CA HIS A 48 9.98 -3.72 -2.59
C HIS A 48 8.99 -4.48 -1.71
N PRO A 49 8.66 -5.71 -2.12
CA PRO A 49 7.71 -6.57 -1.39
C PRO A 49 8.29 -7.05 -0.07
N GLU A 50 9.55 -6.72 0.19
CA GLU A 50 10.21 -7.11 1.43
C GLU A 50 10.36 -5.93 2.38
N GLU A 51 10.59 -4.75 1.80
CA GLU A 51 10.75 -3.54 2.60
C GLU A 51 9.41 -2.92 2.94
N PHE A 52 8.51 -2.89 1.95
CA PHE A 52 7.18 -2.32 2.16
C PHE A 52 6.55 -2.84 3.45
N ASN A 53 6.74 -2.10 4.53
CA ASN A 53 6.18 -2.50 5.82
C ASN A 53 5.40 -1.35 6.45
N CYS A 54 4.29 -1.67 7.10
CA CYS A 54 3.46 -0.67 7.75
C CYS A 54 4.31 0.30 8.56
N ALA A 55 3.70 1.43 8.94
CA ALA A 55 4.41 2.44 9.72
C ALA A 55 4.21 2.21 11.22
N HIS A 56 3.21 1.42 11.56
CA HIS A 56 2.91 1.12 12.96
C HIS A 56 3.27 -0.32 13.31
N CYS A 57 2.57 -1.26 12.70
CA CYS A 57 2.81 -2.69 12.94
C CYS A 57 4.08 -3.15 12.22
N LYS A 58 4.52 -2.35 11.25
CA LYS A 58 5.72 -2.68 10.48
C LYS A 58 5.60 -4.06 9.85
N ASN A 59 4.50 -4.28 9.14
CA ASN A 59 4.26 -5.56 8.48
C ASN A 59 4.05 -5.37 6.98
N THR A 60 4.31 -6.42 6.22
CA THR A 60 4.15 -6.37 4.77
C THR A 60 2.70 -6.06 4.38
N MET A 61 2.52 -5.03 3.57
CA MET A 61 1.19 -4.63 3.13
C MET A 61 0.97 -5.00 1.67
N ALA A 62 1.35 -6.23 1.31
CA ALA A 62 1.19 -6.70 -0.06
C ALA A 62 -0.23 -7.21 -0.31
N TYR A 63 -0.69 -8.12 0.54
CA TYR A 63 -2.03 -8.67 0.41
C TYR A 63 -3.01 -7.97 1.36
N ILE A 64 -2.92 -6.65 1.41
CA ILE A 64 -3.79 -5.86 2.27
C ILE A 64 -3.83 -4.40 1.83
N GLY A 65 -4.59 -3.59 2.55
CA GLY A 65 -4.70 -2.18 2.22
C GLY A 65 -3.73 -1.33 3.01
N PHE A 66 -3.79 -0.02 2.80
CA PHE A 66 -2.91 0.92 3.49
C PHE A 66 -3.38 2.36 3.29
N VAL A 67 -2.99 3.23 4.22
CA VAL A 67 -3.36 4.64 4.15
C VAL A 67 -2.16 5.54 4.39
N GLU A 68 -1.95 6.49 3.49
CA GLU A 68 -0.83 7.42 3.61
C GLU A 68 -1.22 8.64 4.46
N GLU A 69 -0.35 9.01 5.39
CA GLU A 69 -0.60 10.15 6.26
C GLU A 69 0.70 10.66 6.87
N LYS A 70 0.91 11.97 6.76
CA LYS A 70 2.11 12.60 7.29
C LYS A 70 3.34 11.72 7.07
N GLY A 71 3.45 11.17 5.86
CA GLY A 71 4.58 10.32 5.55
C GLY A 71 4.56 9.01 6.33
N ALA A 72 3.43 8.32 6.28
CA ALA A 72 3.29 7.05 6.99
C ALA A 72 2.15 6.22 6.42
N LEU A 73 2.43 4.95 6.16
CA LEU A 73 1.43 4.04 5.60
C LEU A 73 0.86 3.13 6.68
N TYR A 74 -0.45 3.23 6.90
CA TYR A 74 -1.12 2.41 7.91
C TYR A 74 -2.04 1.40 7.26
N CYS A 75 -1.86 0.13 7.59
CA CYS A 75 -2.68 -0.94 7.04
C CYS A 75 -4.12 -0.83 7.52
N GLU A 76 -5.07 -1.09 6.63
CA GLU A 76 -6.48 -1.01 6.96
C GLU A 76 -6.72 -1.44 8.40
N LEU A 77 -5.96 -2.43 8.85
CA LEU A 77 -6.09 -2.94 10.21
C LEU A 77 -5.78 -1.86 11.24
N CYS A 78 -4.61 -1.25 11.10
CA CYS A 78 -4.19 -0.19 12.02
C CYS A 78 -5.14 1.00 11.94
N TYR A 79 -5.56 1.35 10.72
CA TYR A 79 -6.46 2.47 10.50
C TYR A 79 -7.80 2.22 11.21
N GLU A 80 -8.54 1.23 10.74
CA GLU A 80 -9.83 0.90 11.32
C GLU A 80 -9.74 0.81 12.84
N LYS A 81 -8.53 0.53 13.34
CA LYS A 81 -8.31 0.42 14.78
C LYS A 81 -8.32 1.80 15.44
N PHE A 82 -7.40 2.65 15.02
CA PHE A 82 -7.30 4.00 15.56
C PHE A 82 -8.02 5.00 14.66
N PHE A 83 -7.56 5.11 13.42
CA PHE A 83 -8.16 6.04 12.46
C PHE A 83 -9.68 5.97 12.52
N ALA A 84 -10.20 4.77 12.77
CA ALA A 84 -11.65 4.57 12.85
C ALA A 84 -12.09 4.31 14.29
N SER A 85 -12.34 5.38 15.03
CA SER A 85 -12.76 5.27 16.42
C SER A 85 -14.21 4.81 16.51
N GLY A 86 -14.43 3.69 17.20
CA GLY A 86 -15.77 3.17 17.35
C GLY A 86 -15.80 1.85 18.08
N PRO A 87 -16.82 1.03 17.80
CA PRO A 87 -16.98 -0.29 18.43
C PRO A 87 -15.92 -1.29 17.97
N SER A 88 -15.02 -0.83 17.11
CA SER A 88 -13.96 -1.68 16.58
C SER A 88 -12.95 -2.02 17.68
N SER A 89 -12.22 -3.11 17.49
CA SER A 89 -11.22 -3.55 18.45
C SER A 89 -10.03 -2.60 18.48
N GLY A 90 -9.58 -2.26 19.68
CA GLY A 90 -8.45 -1.36 19.82
C GLY A 90 -8.87 0.05 20.17
N GLY A 1 -22.32 -4.69 -23.50
CA GLY A 1 -22.69 -3.47 -22.79
C GLY A 1 -21.71 -3.13 -21.69
N SER A 2 -21.99 -2.05 -20.96
CA SER A 2 -21.12 -1.61 -19.88
C SER A 2 -21.91 -1.43 -18.59
N SER A 3 -21.49 -2.14 -17.54
CA SER A 3 -22.16 -2.05 -16.25
C SER A 3 -21.18 -2.29 -15.11
N GLY A 4 -21.07 -1.32 -14.22
CA GLY A 4 -20.16 -1.45 -13.09
C GLY A 4 -20.89 -1.66 -11.78
N SER A 5 -21.32 -2.90 -11.53
CA SER A 5 -22.03 -3.24 -10.31
C SER A 5 -21.14 -4.03 -9.36
N SER A 6 -20.36 -3.32 -8.54
CA SER A 6 -19.46 -3.95 -7.59
C SER A 6 -18.82 -2.91 -6.68
N GLY A 7 -19.12 -3.00 -5.39
CA GLY A 7 -18.56 -2.06 -4.43
C GLY A 7 -19.60 -1.11 -3.87
N ASP A 8 -20.00 -1.33 -2.62
CA ASP A 8 -21.00 -0.49 -1.98
C ASP A 8 -20.33 0.66 -1.23
N GLN A 9 -19.08 0.45 -0.84
CA GLN A 9 -18.34 1.48 -0.11
C GLN A 9 -16.87 1.52 -0.57
N ASP A 10 -16.13 2.49 -0.06
CA ASP A 10 -14.72 2.64 -0.42
C ASP A 10 -13.98 3.45 0.64
N THR A 11 -12.98 2.84 1.26
CA THR A 11 -12.19 3.51 2.29
C THR A 11 -10.80 3.87 1.77
N LEU A 12 -10.22 4.92 2.33
CA LEU A 12 -8.90 5.37 1.93
C LEU A 12 -8.00 4.18 1.57
N VAL A 13 -8.15 3.09 2.32
CA VAL A 13 -7.37 1.90 2.08
C VAL A 13 -7.06 1.71 0.60
N GLN A 14 -5.78 1.58 0.27
CA GLN A 14 -5.36 1.40 -1.11
C GLN A 14 -4.68 0.05 -1.31
N ARG A 15 -4.57 -0.38 -2.56
CA ARG A 15 -3.94 -1.65 -2.88
C ARG A 15 -2.86 -1.48 -3.95
N ALA A 16 -1.62 -1.75 -3.57
CA ALA A 16 -0.50 -1.62 -4.50
C ALA A 16 -0.61 -2.64 -5.63
N GLU A 17 -0.55 -2.14 -6.86
CA GLU A 17 -0.65 -3.01 -8.04
C GLU A 17 0.49 -4.02 -8.05
N HIS A 18 0.14 -5.30 -8.06
CA HIS A 18 1.13 -6.37 -8.07
C HIS A 18 1.76 -6.51 -9.46
N ILE A 19 3.04 -6.14 -9.56
CA ILE A 19 3.75 -6.22 -10.82
C ILE A 19 4.62 -7.47 -10.89
N PRO A 20 4.45 -8.26 -11.97
CA PRO A 20 5.20 -9.49 -12.18
C PRO A 20 6.68 -9.23 -12.47
N ALA A 21 7.44 -10.30 -12.63
CA ALA A 21 8.87 -10.18 -12.91
C ALA A 21 9.10 -9.94 -14.40
N GLY A 22 10.16 -9.19 -14.71
CA GLY A 22 10.47 -8.89 -16.09
C GLY A 22 9.73 -7.68 -16.61
N LYS A 23 8.43 -7.64 -16.38
CA LYS A 23 7.60 -6.53 -16.83
C LYS A 23 8.31 -5.20 -16.58
N ARG A 24 8.82 -5.01 -15.38
CA ARG A 24 9.52 -3.79 -15.02
C ARG A 24 10.46 -4.02 -13.84
N THR A 25 11.63 -3.38 -13.89
CA THR A 25 12.61 -3.51 -12.82
C THR A 25 13.15 -2.15 -12.39
N PRO A 26 12.25 -1.29 -11.89
CA PRO A 26 12.61 0.06 -11.43
C PRO A 26 13.46 0.03 -10.16
N MET A 27 13.57 1.18 -9.51
CA MET A 27 14.34 1.28 -8.27
C MET A 27 13.42 1.40 -7.06
N CYS A 28 13.63 0.52 -6.08
CA CYS A 28 12.81 0.52 -4.87
C CYS A 28 12.71 1.93 -4.29
N ALA A 29 11.85 2.08 -3.29
CA ALA A 29 11.65 3.37 -2.64
C ALA A 29 12.39 3.43 -1.30
N HIS A 30 12.44 2.29 -0.62
CA HIS A 30 13.11 2.22 0.68
C HIS A 30 14.61 2.01 0.50
N CYS A 31 14.99 0.81 0.06
CA CYS A 31 16.39 0.48 -0.16
C CYS A 31 16.93 1.17 -1.41
N ASN A 32 16.02 1.54 -2.32
CA ASN A 32 16.41 2.20 -3.55
C ASN A 32 17.34 1.33 -4.38
N GLN A 33 17.01 0.04 -4.46
CA GLN A 33 17.82 -0.90 -5.22
C GLN A 33 17.01 -1.53 -6.34
N VAL A 34 17.63 -1.66 -7.52
CA VAL A 34 16.96 -2.24 -8.67
C VAL A 34 16.12 -3.46 -8.27
N ILE A 35 14.95 -3.58 -8.87
CA ILE A 35 14.06 -4.71 -8.58
C ILE A 35 14.15 -5.77 -9.67
N ARG A 36 14.94 -6.81 -9.41
CA ARG A 36 15.11 -7.90 -10.36
C ARG A 36 13.96 -8.90 -10.25
N GLY A 37 12.77 -8.40 -10.01
CA GLY A 37 11.60 -9.26 -9.89
C GLY A 37 10.31 -8.48 -9.72
N PRO A 38 9.28 -9.15 -9.19
CA PRO A 38 7.97 -8.53 -8.98
C PRO A 38 7.99 -7.49 -7.87
N PHE A 39 7.53 -6.28 -8.19
CA PHE A 39 7.50 -5.19 -7.22
C PHE A 39 6.07 -4.67 -7.03
N LEU A 40 5.92 -3.75 -6.09
CA LEU A 40 4.60 -3.17 -5.81
C LEU A 40 4.61 -1.66 -6.06
N VAL A 41 3.76 -1.21 -6.98
CA VAL A 41 3.67 0.21 -7.32
C VAL A 41 2.51 0.87 -6.57
N ALA A 42 2.84 1.81 -5.71
CA ALA A 42 1.82 2.53 -4.94
C ALA A 42 2.30 3.93 -4.57
N LEU A 43 1.35 4.79 -4.19
CA LEU A 43 1.68 6.15 -3.80
C LEU A 43 2.60 6.81 -4.83
N GLY A 44 2.40 6.45 -6.10
CA GLY A 44 3.22 7.02 -7.16
C GLY A 44 4.68 6.65 -7.03
N LYS A 45 4.94 5.42 -6.60
CA LYS A 45 6.30 4.94 -6.42
C LYS A 45 6.35 3.42 -6.35
N SER A 46 7.54 2.86 -6.50
CA SER A 46 7.72 1.41 -6.46
C SER A 46 8.34 0.98 -5.13
N TRP A 47 8.08 -0.26 -4.74
CA TRP A 47 8.62 -0.80 -3.50
C TRP A 47 8.82 -2.31 -3.60
N HIS A 48 9.57 -2.86 -2.65
CA HIS A 48 9.83 -4.30 -2.63
C HIS A 48 8.73 -5.05 -1.87
N PRO A 49 8.32 -6.20 -2.41
CA PRO A 49 7.27 -7.02 -1.79
C PRO A 49 7.74 -7.68 -0.49
N GLU A 50 9.04 -7.61 -0.23
CA GLU A 50 9.61 -8.20 0.98
C GLU A 50 9.93 -7.11 2.00
N GLU A 51 10.08 -5.88 1.53
CA GLU A 51 10.40 -4.76 2.40
C GLU A 51 9.14 -3.98 2.76
N PHE A 52 8.30 -3.74 1.76
CA PHE A 52 7.05 -3.00 1.96
C PHE A 52 6.33 -3.50 3.21
N ASN A 53 6.52 -2.80 4.32
CA ASN A 53 5.88 -3.17 5.58
C ASN A 53 5.25 -1.95 6.25
N CYS A 54 4.36 -2.20 7.20
CA CYS A 54 3.68 -1.14 7.92
C CYS A 54 4.67 -0.30 8.71
N ALA A 55 4.18 0.75 9.36
CA ALA A 55 5.02 1.63 10.17
C ALA A 55 4.89 1.31 11.65
N HIS A 56 3.73 0.81 12.05
CA HIS A 56 3.47 0.47 13.45
C HIS A 56 3.51 -1.05 13.64
N CYS A 57 2.65 -1.75 12.92
CA CYS A 57 2.58 -3.20 13.02
C CYS A 57 3.71 -3.85 12.23
N LYS A 58 4.40 -3.05 11.42
CA LYS A 58 5.51 -3.55 10.61
C LYS A 58 5.19 -4.93 10.04
N ASN A 59 4.02 -5.04 9.42
CA ASN A 59 3.59 -6.31 8.82
C ASN A 59 3.50 -6.19 7.30
N THR A 60 3.75 -7.30 6.61
CA THR A 60 3.70 -7.32 5.16
C THR A 60 2.45 -6.63 4.64
N MET A 61 2.63 -5.54 3.90
CA MET A 61 1.51 -4.79 3.34
C MET A 61 1.39 -5.03 1.84
N ALA A 62 1.61 -6.26 1.42
CA ALA A 62 1.53 -6.62 0.01
C ALA A 62 0.15 -7.19 -0.33
N TYR A 63 -0.35 -8.06 0.53
CA TYR A 63 -1.65 -8.68 0.33
C TYR A 63 -2.78 -7.73 0.74
N ILE A 64 -2.63 -7.12 1.91
CA ILE A 64 -3.64 -6.20 2.42
C ILE A 64 -3.42 -4.79 1.85
N GLY A 65 -4.30 -3.87 2.22
CA GLY A 65 -4.20 -2.51 1.74
C GLY A 65 -3.40 -1.63 2.68
N PHE A 66 -3.51 -0.31 2.50
CA PHE A 66 -2.78 0.63 3.34
C PHE A 66 -3.33 2.05 3.15
N VAL A 67 -3.08 2.91 4.14
CA VAL A 67 -3.56 4.28 4.08
C VAL A 67 -2.41 5.26 4.36
N GLU A 68 -2.27 6.25 3.49
CA GLU A 68 -1.22 7.25 3.64
C GLU A 68 -1.68 8.39 4.53
N GLU A 69 -0.82 8.77 5.49
CA GLU A 69 -1.14 9.85 6.41
C GLU A 69 0.12 10.39 7.07
N LYS A 70 0.34 11.69 6.91
CA LYS A 70 1.52 12.34 7.49
C LYS A 70 2.79 11.58 7.14
N GLY A 71 2.90 11.18 5.87
CA GLY A 71 4.07 10.45 5.44
C GLY A 71 4.23 9.12 6.15
N ALA A 72 3.13 8.39 6.31
CA ALA A 72 3.16 7.10 6.98
C ALA A 72 2.05 6.18 6.45
N LEU A 73 2.43 5.00 6.01
CA LEU A 73 1.47 4.03 5.48
C LEU A 73 0.97 3.10 6.59
N TYR A 74 -0.34 3.04 6.78
CA TYR A 74 -0.94 2.19 7.79
C TYR A 74 -1.95 1.24 7.18
N CYS A 75 -1.78 -0.05 7.43
CA CYS A 75 -2.70 -1.06 6.90
C CYS A 75 -4.12 -0.79 7.36
N GLU A 76 -5.08 -1.43 6.69
CA GLU A 76 -6.49 -1.27 7.03
C GLU A 76 -6.72 -1.50 8.52
N LEU A 77 -5.94 -2.41 9.10
CA LEU A 77 -6.07 -2.74 10.51
C LEU A 77 -5.69 -1.53 11.38
N CYS A 78 -4.41 -1.16 11.36
CA CYS A 78 -3.93 -0.04 12.13
C CYS A 78 -4.85 1.18 11.96
N TYR A 79 -5.19 1.48 10.71
CA TYR A 79 -6.05 2.62 10.40
C TYR A 79 -7.37 2.51 11.16
N GLU A 80 -8.15 1.48 10.85
CA GLU A 80 -9.43 1.26 11.50
C GLU A 80 -9.29 1.27 13.01
N LYS A 81 -8.18 0.71 13.50
CA LYS A 81 -7.93 0.66 14.93
C LYS A 81 -7.96 2.06 15.54
N PHE A 82 -7.32 3.01 14.86
CA PHE A 82 -7.28 4.39 15.33
C PHE A 82 -8.31 5.24 14.62
N PHE A 83 -8.17 5.37 13.30
CA PHE A 83 -9.08 6.15 12.50
C PHE A 83 -10.54 5.81 12.83
N ALA A 84 -10.90 4.55 12.63
CA ALA A 84 -12.25 4.09 12.91
C ALA A 84 -12.45 3.84 14.41
N SER A 85 -12.16 4.86 15.22
CA SER A 85 -12.30 4.75 16.66
C SER A 85 -12.74 6.08 17.27
N GLY A 86 -13.75 6.02 18.13
CA GLY A 86 -14.24 7.22 18.78
C GLY A 86 -15.54 7.72 18.15
N PRO A 87 -16.63 7.68 18.93
CA PRO A 87 -17.94 8.13 18.47
C PRO A 87 -18.01 9.64 18.27
N SER A 88 -19.05 10.11 17.59
CA SER A 88 -19.23 11.53 17.33
C SER A 88 -19.25 12.32 18.64
N SER A 89 -19.09 13.64 18.53
CA SER A 89 -19.08 14.51 19.70
C SER A 89 -20.32 15.38 19.73
N GLY A 90 -20.60 16.06 18.61
CA GLY A 90 -21.76 16.92 18.53
C GLY A 90 -21.77 17.76 17.27
#